data_3N5I
#
_entry.id   3N5I
#
_cell.length_a   99.700
_cell.length_b   113.700
_cell.length_c   126.000
_cell.angle_alpha   90.00
_cell.angle_beta   90.00
_cell.angle_gamma   90.00
#
_symmetry.space_group_name_H-M   'P 21 21 21'
#
loop_
_entity.id
_entity.type
_entity.pdbx_description
1 polymer 'Beta-peptidyl aminopeptidase'
2 non-polymer GLYCEROL
3 non-polymer 'SULFATE ION'
4 water water
#
_entity_poly.entity_id   1
_entity_poly.type   'polypeptide(L)'
_entity_poly.pdbx_seq_one_letter_code
;GPRARDLGVPFEGTPGALNAITDVAGVEVGHTTVISGDGAMVIGKGPYRTGVTIIHPLGKTSLDGVAAGRAVINGTGEWT
GMHLVDEVGQFLGPIALTGTGNVGLVHQSMMDWSVGKVPEEALFSRLLPVVAETLDNRLNDVFGHGLTRDHVFAALDGAK
GGPVAEGNVGGGTGMIAYTFKGGIGTSSRVVSAGDTRYTVGVLVQANHGDRNDLRIAGVQIGKEIKGAWPEVNGIVAAGP
DAGKPQDKNALLIVIATDAPLMPHQLERMARRAALGVGRNGSTAGALSGEFALAFSTSHVIPLGGKPRLPAIINDTDSET
MNALFRGVVQATEEALVNQLVASETMTGANNAKVYGIPHDQLARIMKARFPRR
;
_entity_poly.pdbx_strand_id   A,B,C,D
#
# COMPACT_ATOMS: atom_id res chain seq x y z
N GLY A 1 -7.08 -18.42 38.40
CA GLY A 1 -5.71 -18.52 37.91
C GLY A 1 -5.13 -17.12 37.71
N PRO A 2 -3.87 -16.93 38.10
CA PRO A 2 -3.25 -15.60 37.98
C PRO A 2 -3.02 -15.19 36.52
N ARG A 3 -3.13 -13.89 36.26
CA ARG A 3 -2.74 -13.32 34.97
C ARG A 3 -1.34 -12.73 35.14
N ALA A 4 -0.81 -12.03 34.15
CA ALA A 4 0.61 -11.67 34.19
C ALA A 4 0.97 -10.71 35.32
N ARG A 5 0.16 -9.68 35.54
CA ARG A 5 0.46 -8.72 36.59
C ARG A 5 0.51 -9.42 37.94
N ASP A 6 -0.34 -10.43 38.09
CA ASP A 6 -0.52 -11.10 39.36
C ASP A 6 0.78 -11.79 39.73
N LEU A 7 1.51 -12.24 38.72
CA LEU A 7 2.75 -12.98 38.93
C LEU A 7 3.94 -12.04 39.13
N GLY A 8 3.68 -10.73 39.13
CA GLY A 8 4.73 -9.77 39.39
C GLY A 8 5.29 -9.10 38.14
N VAL A 9 4.71 -9.38 36.98
CA VAL A 9 5.16 -8.70 35.76
C VAL A 9 4.63 -7.27 35.74
N PRO A 10 5.54 -6.29 35.66
CA PRO A 10 5.08 -4.90 35.61
C PRO A 10 4.75 -4.49 34.19
N PHE A 11 3.72 -3.68 34.04
CA PHE A 11 3.41 -3.05 32.75
C PHE A 11 3.01 -1.63 33.07
N GLU A 12 3.19 -0.74 32.10
CA GLU A 12 2.77 0.64 32.28
C GLU A 12 1.35 0.81 31.76
N GLY A 13 0.68 1.85 32.26
CA GLY A 13 -0.67 2.16 31.84
C GLY A 13 -1.69 1.53 32.77
N THR A 14 -2.90 2.06 32.71
CA THR A 14 -3.96 1.57 33.56
C THR A 14 -4.92 0.69 32.78
N PRO A 15 -5.06 -0.58 33.17
CA PRO A 15 -6.00 -1.43 32.45
C PRO A 15 -7.44 -1.03 32.71
N GLY A 16 -8.34 -1.43 31.82
CA GLY A 16 -9.76 -1.33 32.09
C GLY A 16 -10.11 -2.28 33.22
N ALA A 17 -11.36 -2.25 33.65
CA ALA A 17 -11.78 -3.07 34.78
C ALA A 17 -11.61 -4.56 34.55
N LEU A 18 -11.75 -5.00 33.30
CA LEU A 18 -11.63 -6.42 33.00
C LEU A 18 -10.26 -6.76 32.45
N ASN A 19 -9.45 -5.72 32.20
CA ASN A 19 -8.18 -5.92 31.52
C ASN A 19 -8.34 -6.88 30.33
N ALA A 20 -9.26 -6.54 29.45
CA ALA A 20 -9.63 -7.41 28.33
C ALA A 20 -10.27 -6.59 27.23
N ILE A 21 -10.40 -7.18 26.05
CA ILE A 21 -10.98 -6.47 24.92
C ILE A 21 -12.44 -6.09 25.20
N THR A 22 -13.09 -6.84 26.08
CA THR A 22 -14.47 -6.55 26.46
C THR A 22 -14.62 -5.32 27.39
N ASP A 23 -13.51 -4.70 27.76
CA ASP A 23 -13.57 -3.39 28.40
C ASP A 23 -14.10 -2.34 27.42
N VAL A 24 -14.02 -2.65 26.13
CA VAL A 24 -14.66 -1.79 25.14
C VAL A 24 -16.13 -2.19 25.09
N ALA A 25 -17.00 -1.28 25.51
CA ALA A 25 -18.40 -1.62 25.76
C ALA A 25 -19.03 -2.25 24.54
N GLY A 26 -19.76 -3.34 24.76
CA GLY A 26 -20.51 -4.00 23.72
C GLY A 26 -19.76 -5.02 22.90
N VAL A 27 -18.44 -5.07 23.03
CA VAL A 27 -17.68 -6.15 22.38
C VAL A 27 -18.02 -7.46 23.09
N GLU A 28 -18.24 -8.51 22.32
CA GLU A 28 -18.47 -9.83 22.89
C GLU A 28 -17.48 -10.80 22.32
N VAL A 29 -17.03 -11.74 23.15
CA VAL A 29 -16.07 -12.74 22.75
C VAL A 29 -16.65 -14.11 23.08
N GLY A 30 -16.51 -15.05 22.15
CA GLY A 30 -16.94 -16.41 22.35
C GLY A 30 -15.85 -17.36 21.88
N HIS A 31 -15.69 -18.49 22.56
CA HIS A 31 -14.71 -19.50 22.14
C HIS A 31 -15.42 -20.83 21.98
N THR A 32 -15.00 -21.59 20.98
CA THR A 32 -15.26 -23.03 20.99
C THR A 32 -13.93 -23.73 21.00
N THR A 33 -13.75 -24.61 21.97
CA THR A 33 -12.48 -25.27 22.16
C THR A 33 -12.66 -26.76 21.90
N VAL A 34 -11.92 -27.27 20.93
CA VAL A 34 -12.07 -28.65 20.51
C VAL A 34 -10.82 -29.40 20.88
N ILE A 35 -10.95 -30.28 21.86
CA ILE A 35 -9.83 -31.06 22.33
C ILE A 35 -10.33 -32.50 22.40
N SER A 36 -9.81 -33.35 21.53
CA SER A 36 -10.20 -34.75 21.55
C SER A 36 -9.13 -35.63 20.95
N GLY A 37 -9.03 -36.85 21.45
CA GLY A 37 -8.05 -37.80 20.96
C GLY A 37 -6.69 -37.64 21.62
N ASP A 38 -5.88 -38.68 21.51
CA ASP A 38 -4.53 -38.65 22.02
C ASP A 38 -3.72 -39.59 21.16
N GLY A 39 -2.41 -39.43 21.18
CA GLY A 39 -1.52 -40.33 20.47
C GLY A 39 -1.26 -39.95 19.02
N ALA A 40 -0.90 -40.95 18.24
CA ALA A 40 -0.45 -40.75 16.87
C ALA A 40 -1.50 -40.05 16.05
N MET A 41 -1.06 -39.10 15.24
CA MET A 41 -1.99 -38.42 14.35
C MET A 41 -2.19 -39.20 13.06
N VAL A 42 -3.45 -39.34 12.68
CA VAL A 42 -3.79 -39.82 11.36
C VAL A 42 -4.71 -38.76 10.78
N ILE A 43 -4.36 -38.22 9.62
CA ILE A 43 -5.16 -37.15 9.03
C ILE A 43 -6.61 -37.58 8.84
N GLY A 44 -7.53 -36.83 9.43
CA GLY A 44 -8.94 -37.15 9.38
C GLY A 44 -9.44 -37.79 10.65
N LYS A 45 -8.50 -38.11 11.55
CA LYS A 45 -8.85 -38.85 12.76
C LYS A 45 -8.39 -38.16 14.04
N GLY A 46 -7.67 -37.05 13.90
CA GLY A 46 -7.15 -36.37 15.07
C GLY A 46 -5.81 -36.99 15.46
N PRO A 47 -5.34 -36.70 16.68
CA PRO A 47 -5.97 -35.89 17.72
C PRO A 47 -6.26 -34.45 17.27
N TYR A 48 -7.27 -33.85 17.88
CA TYR A 48 -7.65 -32.48 17.61
C TYR A 48 -7.36 -31.60 18.80
N ARG A 49 -6.67 -30.49 18.53
CA ARG A 49 -6.44 -29.43 19.49
C ARG A 49 -6.66 -28.16 18.71
N THR A 50 -7.90 -27.70 18.62
CA THR A 50 -8.19 -26.58 17.74
C THR A 50 -9.46 -25.92 18.21
N GLY A 51 -9.93 -24.93 17.47
CA GLY A 51 -11.13 -24.24 17.88
C GLY A 51 -11.29 -22.95 17.10
N VAL A 52 -12.19 -22.11 17.59
CA VAL A 52 -12.44 -20.84 16.93
C VAL A 52 -12.82 -19.84 18.01
N THR A 53 -12.36 -18.61 17.83
CA THR A 53 -12.69 -17.52 18.73
C THR A 53 -13.43 -16.51 17.92
N ILE A 54 -14.53 -16.01 18.47
CA ILE A 54 -15.39 -15.06 17.80
C ILE A 54 -15.36 -13.77 18.58
N ILE A 55 -15.21 -12.65 17.87
CA ILE A 55 -15.37 -11.34 18.46
C ILE A 55 -16.45 -10.60 17.70
N HIS A 56 -17.54 -10.26 18.39
CA HIS A 56 -18.59 -9.43 17.78
C HIS A 56 -18.29 -8.00 18.21
N PRO A 57 -17.86 -7.14 17.27
CA PRO A 57 -17.51 -5.75 17.62
C PRO A 57 -18.64 -5.00 18.31
N LEU A 58 -19.87 -5.24 17.86
CA LEU A 58 -21.03 -4.52 18.37
C LEU A 58 -22.04 -5.47 18.99
N GLY A 59 -21.61 -6.69 19.31
CA GLY A 59 -22.53 -7.66 19.86
C GLY A 59 -23.16 -8.50 18.77
N LYS A 60 -23.66 -9.66 19.15
CA LYS A 60 -24.05 -10.67 18.19
C LYS A 60 -25.33 -10.34 17.42
N THR A 61 -26.12 -9.40 17.90
CA THR A 61 -27.35 -9.05 17.18
C THR A 61 -27.19 -7.85 16.26
N SER A 62 -25.99 -7.29 16.19
CA SER A 62 -25.81 -6.10 15.37
C SER A 62 -25.73 -6.44 13.90
N LEU A 63 -26.36 -5.61 13.06
CA LEU A 63 -26.24 -5.75 11.62
C LEU A 63 -25.35 -4.63 11.09
N ASP A 64 -24.88 -3.78 11.97
CA ASP A 64 -24.13 -2.61 11.53
C ASP A 64 -22.66 -2.89 11.35
N GLY A 65 -22.01 -2.00 10.61
CA GLY A 65 -20.57 -2.10 10.43
C GLY A 65 -19.82 -1.27 11.46
N VAL A 66 -18.56 -1.62 11.68
CA VAL A 66 -17.68 -0.79 12.49
C VAL A 66 -16.57 -0.24 11.62
N ALA A 67 -16.19 1.01 11.87
CA ALA A 67 -15.02 1.57 11.21
C ALA A 67 -13.81 0.71 11.55
N ALA A 68 -12.93 0.50 10.58
CA ALA A 68 -11.83 -0.43 10.80
C ALA A 68 -10.64 -0.06 9.94
N GLY A 69 -9.46 -0.50 10.37
CA GLY A 69 -8.24 -0.35 9.59
C GLY A 69 -7.29 -1.45 10.02
N ARG A 70 -6.41 -1.86 9.13
CA ARG A 70 -5.52 -2.97 9.45
C ARG A 70 -4.06 -2.63 9.21
N ALA A 71 -3.20 -3.55 9.62
CA ALA A 71 -1.78 -3.41 9.37
C ALA A 71 -1.19 -4.82 9.28
N VAL A 72 -0.14 -4.93 8.49
CA VAL A 72 0.54 -6.21 8.35
C VAL A 72 1.94 -6.06 8.89
N ILE A 73 2.35 -7.01 9.72
CA ILE A 73 3.73 -7.07 10.15
C ILE A 73 4.47 -8.00 9.17
N ASN A 74 3.90 -9.18 8.97
CA ASN A 74 4.38 -10.13 7.95
C ASN A 74 3.20 -10.92 7.43
N GLY A 75 2.91 -10.77 6.13
CA GLY A 75 1.65 -11.24 5.56
C GLY A 75 1.55 -12.68 5.10
N THR A 76 2.40 -13.56 5.64
CA THR A 76 2.36 -14.96 5.27
C THR A 76 1.27 -15.70 6.05
N GLY A 77 0.03 -15.41 5.71
CA GLY A 77 -1.10 -15.99 6.40
C GLY A 77 -2.39 -15.49 5.79
N GLU A 78 -3.52 -15.86 6.38
CA GLU A 78 -4.81 -15.46 5.84
C GLU A 78 -5.64 -14.66 6.83
N TRP A 79 -6.31 -13.65 6.32
CA TRP A 79 -7.28 -12.90 7.08
C TRP A 79 -8.26 -12.36 6.05
N THR A 80 -9.45 -12.94 6.01
CA THR A 80 -10.42 -12.57 4.99
C THR A 80 -11.17 -11.32 5.41
N GLY A 81 -11.78 -10.66 4.43
CA GLY A 81 -12.52 -9.43 4.68
C GLY A 81 -11.65 -8.20 4.72
N MET A 82 -10.36 -8.38 4.50
CA MET A 82 -9.41 -7.28 4.63
C MET A 82 -9.30 -6.36 3.41
N HIS A 83 -9.62 -6.88 2.23
CA HIS A 83 -9.73 -6.01 1.06
C HIS A 83 -10.87 -5.02 1.31
N LEU A 84 -11.96 -5.52 1.90
CA LEU A 84 -13.10 -4.67 2.21
C LEU A 84 -12.69 -3.58 3.18
N VAL A 85 -11.99 -3.98 4.24
CA VAL A 85 -11.53 -3.01 5.23
C VAL A 85 -10.64 -1.96 4.57
N ASP A 86 -9.71 -2.40 3.73
CA ASP A 86 -8.83 -1.47 3.06
C ASP A 86 -9.60 -0.48 2.20
N GLU A 87 -10.64 -0.97 1.52
CA GLU A 87 -11.33 -0.14 0.53
C GLU A 87 -12.32 0.82 1.18
N VAL A 88 -13.24 0.29 1.99
CA VAL A 88 -14.38 1.09 2.49
C VAL A 88 -14.28 1.40 3.98
N GLY A 89 -13.27 0.86 4.63
CA GLY A 89 -12.94 1.29 5.97
C GLY A 89 -13.90 0.76 7.02
N GLN A 90 -14.57 -0.34 6.71
CA GLN A 90 -15.46 -0.98 7.66
C GLN A 90 -15.58 -2.45 7.36
N PHE A 91 -16.07 -3.22 8.33
CA PHE A 91 -16.47 -4.58 8.06
C PHE A 91 -17.74 -4.90 8.83
N LEU A 92 -18.50 -5.84 8.29
CA LEU A 92 -19.75 -6.26 8.88
C LEU A 92 -19.53 -7.60 9.52
N GLY A 93 -20.32 -7.89 10.54
CA GLY A 93 -20.31 -9.20 11.16
C GLY A 93 -19.12 -9.39 12.08
N PRO A 94 -18.95 -10.62 12.56
CA PRO A 94 -17.92 -10.93 13.55
C PRO A 94 -16.55 -11.18 12.95
N ILE A 95 -15.56 -11.16 13.83
CA ILE A 95 -14.21 -11.59 13.51
C ILE A 95 -14.07 -13.01 14.04
N ALA A 96 -13.65 -13.94 13.18
CA ALA A 96 -13.36 -15.28 13.65
C ALA A 96 -11.85 -15.50 13.58
N LEU A 97 -11.28 -15.98 14.67
CA LEU A 97 -9.87 -16.38 14.69
C LEU A 97 -9.86 -17.88 14.88
N THR A 98 -9.11 -18.58 14.05
CA THR A 98 -9.16 -20.02 14.12
C THR A 98 -7.85 -20.63 13.62
N GLY A 99 -7.82 -21.94 13.47
CA GLY A 99 -6.67 -22.63 12.94
C GLY A 99 -6.74 -22.67 11.42
N THR A 100 -5.57 -22.67 10.79
CA THR A 100 -5.48 -22.56 9.34
C THR A 100 -6.35 -23.55 8.57
N GLY A 101 -6.44 -24.77 9.08
CA GLY A 101 -7.20 -25.81 8.37
C GLY A 101 -8.69 -25.57 8.42
N ASN A 102 -9.13 -24.62 9.25
CA ASN A 102 -10.54 -24.39 9.50
C ASN A 102 -11.08 -23.19 8.74
N VAL A 103 -10.21 -22.46 8.06
CA VAL A 103 -10.62 -21.18 7.50
C VAL A 103 -11.84 -21.27 6.61
N GLY A 104 -11.82 -22.21 5.65
CA GLY A 104 -12.93 -22.31 4.71
C GLY A 104 -14.22 -22.69 5.41
N LEU A 105 -14.11 -23.62 6.35
CA LEU A 105 -15.27 -24.12 7.07
C LEU A 105 -15.91 -23.00 7.89
N VAL A 106 -15.05 -22.22 8.56
CA VAL A 106 -15.53 -21.12 9.38
C VAL A 106 -16.17 -20.04 8.50
N HIS A 107 -15.52 -19.75 7.39
CA HIS A 107 -16.04 -18.76 6.44
C HIS A 107 -17.45 -19.14 6.01
N GLN A 108 -17.63 -20.37 5.54
CA GLN A 108 -18.96 -20.78 5.11
C GLN A 108 -19.94 -20.88 6.27
N SER A 109 -19.47 -21.36 7.41
CA SER A 109 -20.30 -21.45 8.59
C SER A 109 -20.84 -20.08 9.01
N MET A 110 -20.01 -19.05 8.88
CA MET A 110 -20.47 -17.72 9.23
C MET A 110 -21.60 -17.25 8.31
N MET A 111 -21.50 -17.58 7.02
CA MET A 111 -22.61 -17.32 6.10
C MET A 111 -23.86 -18.10 6.50
N ASP A 112 -23.69 -19.38 6.82
CA ASP A 112 -24.83 -20.21 7.19
C ASP A 112 -25.48 -19.62 8.43
N TRP A 113 -24.67 -19.18 9.38
CA TRP A 113 -25.18 -18.65 10.63
C TRP A 113 -26.05 -17.43 10.33
N SER A 114 -25.57 -16.61 9.41
CA SER A 114 -26.31 -15.43 9.00
C SER A 114 -27.69 -15.81 8.46
N VAL A 115 -27.75 -16.86 7.65
CA VAL A 115 -29.02 -17.26 7.06
C VAL A 115 -30.06 -17.56 8.14
N GLY A 116 -29.64 -18.22 9.20
CA GLY A 116 -30.55 -18.56 10.28
C GLY A 116 -30.75 -17.46 11.32
N LYS A 117 -29.87 -16.46 11.33
CA LYS A 117 -29.94 -15.43 12.38
C LYS A 117 -30.27 -14.02 11.85
N VAL A 118 -29.84 -13.71 10.63
CA VAL A 118 -29.96 -12.36 10.11
C VAL A 118 -31.17 -12.24 9.20
N PRO A 119 -31.88 -11.09 9.24
CA PRO A 119 -33.03 -10.94 8.34
C PRO A 119 -32.61 -11.17 6.90
N GLU A 120 -33.40 -11.89 6.12
CA GLU A 120 -32.97 -12.22 4.77
C GLU A 120 -32.62 -11.01 3.89
N GLU A 121 -33.29 -9.89 4.12
CA GLU A 121 -32.99 -8.68 3.36
C GLU A 121 -31.58 -8.16 3.64
N ALA A 122 -31.04 -8.54 4.79
CA ALA A 122 -29.73 -8.06 5.20
C ALA A 122 -28.62 -9.06 4.81
N LEU A 123 -29.01 -10.21 4.27
CA LEU A 123 -28.03 -11.27 3.99
C LEU A 123 -26.93 -10.79 3.07
N PHE A 124 -27.29 -9.92 2.14
CA PHE A 124 -26.35 -9.32 1.20
CA PHE A 124 -26.33 -9.36 1.20
C PHE A 124 -25.10 -8.81 1.91
N SER A 125 -25.30 -8.30 3.12
CA SER A 125 -24.22 -7.68 3.88
C SER A 125 -23.34 -8.68 4.62
N ARG A 126 -23.68 -9.96 4.51
CA ARG A 126 -23.01 -11.00 5.29
C ARG A 126 -22.11 -11.84 4.41
N LEU A 127 -21.77 -11.33 3.24
CA LEU A 127 -21.08 -12.15 2.24
C LEU A 127 -19.55 -12.05 2.28
N LEU A 128 -19.02 -11.18 3.14
CA LEU A 128 -17.57 -11.08 3.27
C LEU A 128 -17.12 -11.30 4.72
N PRO A 129 -17.32 -12.51 5.23
CA PRO A 129 -16.95 -12.83 6.61
C PRO A 129 -15.48 -12.59 6.85
N VAL A 130 -15.18 -12.21 8.09
CA VAL A 130 -13.83 -11.91 8.50
C VAL A 130 -13.28 -13.07 9.31
N VAL A 131 -12.33 -13.78 8.72
CA VAL A 131 -11.78 -15.01 9.30
C VAL A 131 -10.28 -14.96 9.16
N ALA A 132 -9.58 -15.18 10.28
CA ALA A 132 -8.13 -15.17 10.27
C ALA A 132 -7.62 -16.44 10.93
N GLU A 133 -6.36 -16.78 10.67
CA GLU A 133 -5.83 -18.06 11.15
C GLU A 133 -4.40 -17.97 11.66
N THR A 134 -4.07 -18.93 12.53
CA THR A 134 -2.68 -19.29 12.80
C THR A 134 -2.65 -20.81 12.74
N LEU A 135 -1.46 -21.38 12.60
CA LEU A 135 -1.34 -22.82 12.30
C LEU A 135 -1.02 -23.67 13.54
N ASP A 136 -1.95 -24.55 13.91
CA ASP A 136 -1.78 -25.43 15.07
C ASP A 136 -1.25 -26.79 14.65
N ASN A 137 -0.24 -26.81 13.80
CA ASN A 137 0.21 -28.05 13.14
C ASN A 137 0.99 -29.02 14.02
N ARG A 138 1.59 -28.52 15.09
CA ARG A 138 2.32 -29.40 16.00
C ARG A 138 1.36 -30.20 16.89
N LEU A 139 0.28 -29.55 17.32
CA LEU A 139 -0.62 -30.17 18.30
C LEU A 139 -1.93 -30.70 17.70
N ASN A 140 -2.27 -30.23 16.50
CA ASN A 140 -3.58 -30.49 15.92
C ASN A 140 -3.52 -31.21 14.58
N ASP A 141 -4.52 -32.04 14.29
CA ASP A 141 -4.71 -32.61 12.95
C ASP A 141 -5.33 -31.56 12.04
N VAL A 142 -4.47 -30.69 11.52
CA VAL A 142 -4.89 -29.50 10.76
C VAL A 142 -5.86 -29.81 9.62
N PHE A 143 -5.56 -30.85 8.85
CA PHE A 143 -6.35 -31.15 7.65
C PHE A 143 -7.55 -32.06 7.95
N GLY A 144 -7.68 -32.45 9.21
CA GLY A 144 -8.59 -33.53 9.57
C GLY A 144 -10.04 -33.20 9.85
N HIS A 145 -10.47 -31.98 9.51
CA HIS A 145 -11.87 -31.59 9.68
C HIS A 145 -12.36 -31.74 11.12
N GLY A 146 -11.52 -31.33 12.07
CA GLY A 146 -11.86 -31.42 13.46
C GLY A 146 -12.87 -30.37 13.89
N LEU A 147 -12.91 -29.25 13.18
CA LEU A 147 -13.85 -28.20 13.53
C LEU A 147 -15.11 -28.35 12.69
N THR A 148 -16.27 -28.22 13.32
CA THR A 148 -17.55 -28.42 12.65
C THR A 148 -18.34 -27.14 12.60
N ARG A 149 -19.35 -27.09 11.74
CA ARG A 149 -20.25 -25.95 11.68
C ARG A 149 -20.84 -25.66 13.04
N ASP A 150 -21.25 -26.71 13.74
CA ASP A 150 -21.85 -26.55 15.07
C ASP A 150 -20.89 -25.87 16.04
N HIS A 151 -19.60 -26.20 15.96
CA HIS A 151 -18.61 -25.54 16.79
C HIS A 151 -18.61 -24.04 16.54
N VAL A 152 -18.69 -23.66 15.27
CA VAL A 152 -18.68 -22.24 14.93
C VAL A 152 -19.94 -21.53 15.41
N PHE A 153 -21.10 -22.14 15.20
CA PHE A 153 -22.34 -21.57 15.70
C PHE A 153 -22.29 -21.37 17.20
N ALA A 154 -21.72 -22.35 17.90
CA ALA A 154 -21.68 -22.28 19.37
C ALA A 154 -20.87 -21.08 19.83
N ALA A 155 -19.78 -20.80 19.12
CA ALA A 155 -18.92 -19.67 19.47
C ALA A 155 -19.64 -18.37 19.12
N LEU A 156 -20.29 -18.34 17.96
CA LEU A 156 -21.05 -17.16 17.55
C LEU A 156 -22.19 -16.85 18.52
N ASP A 157 -22.91 -17.89 18.92
CA ASP A 157 -24.08 -17.73 19.78
C ASP A 157 -23.72 -17.53 21.25
N GLY A 158 -22.60 -18.11 21.68
CA GLY A 158 -22.20 -18.10 23.07
C GLY A 158 -21.36 -16.90 23.49
N ALA A 159 -20.94 -16.10 22.52
CA ALA A 159 -20.13 -14.91 22.80
C ALA A 159 -20.82 -14.01 23.81
N LYS A 160 -20.03 -13.38 24.68
CA LYS A 160 -20.58 -12.48 25.69
C LYS A 160 -19.53 -11.45 26.09
N GLY A 161 -19.98 -10.42 26.78
CA GLY A 161 -19.05 -9.44 27.33
C GLY A 161 -18.52 -9.98 28.63
N GLY A 162 -18.00 -9.10 29.49
CA GLY A 162 -17.47 -9.54 30.76
C GLY A 162 -16.10 -10.18 30.58
N PRO A 163 -15.58 -10.79 31.66
CA PRO A 163 -14.24 -11.39 31.65
C PRO A 163 -14.05 -12.36 30.48
N VAL A 164 -12.86 -12.35 29.88
CA VAL A 164 -12.59 -13.18 28.72
C VAL A 164 -11.68 -14.34 29.12
N ALA A 165 -12.07 -15.55 28.78
CA ALA A 165 -11.21 -16.72 29.00
C ALA A 165 -9.99 -16.61 28.09
N GLU A 166 -8.81 -16.89 28.64
CA GLU A 166 -7.57 -16.81 27.87
C GLU A 166 -6.90 -18.17 27.90
N GLY A 167 -5.83 -18.30 27.13
CA GLY A 167 -5.02 -19.50 27.14
C GLY A 167 -5.39 -20.47 26.03
N ASN A 168 -5.52 -21.74 26.39
CA ASN A 168 -5.76 -22.79 25.40
C ASN A 168 -7.24 -22.91 25.06
N VAL A 169 -7.77 -21.86 24.44
CA VAL A 169 -9.20 -21.80 24.19
C VAL A 169 -9.44 -21.27 22.79
N GLY A 170 -10.59 -21.62 22.22
CA GLY A 170 -10.95 -21.10 20.91
C GLY A 170 -9.89 -21.34 19.86
N GLY A 171 -9.62 -20.31 19.06
CA GLY A 171 -8.66 -20.40 17.99
C GLY A 171 -7.25 -20.66 18.51
N GLY A 172 -7.03 -20.36 19.79
CA GLY A 172 -5.71 -20.46 20.36
C GLY A 172 -5.37 -21.84 20.90
N THR A 173 -6.34 -22.73 20.87
CA THR A 173 -6.25 -24.02 21.59
C THR A 173 -4.96 -24.78 21.34
N GLY A 174 -4.59 -24.96 20.06
CA GLY A 174 -3.42 -25.74 19.71
C GLY A 174 -2.19 -24.95 19.35
N MET A 175 -2.15 -23.68 19.74
CA MET A 175 -1.07 -22.80 19.33
C MET A 175 0.17 -22.87 20.22
N ILE A 176 1.29 -22.41 19.67
CA ILE A 176 2.57 -22.43 20.36
C ILE A 176 3.22 -21.06 20.16
N ALA A 177 3.68 -20.46 21.26
CA ALA A 177 4.24 -19.12 21.20
C ALA A 177 5.53 -19.07 22.01
N TYR A 178 6.57 -18.53 21.40
CA TYR A 178 7.89 -18.44 22.01
C TYR A 178 8.34 -19.81 22.52
N THR A 179 7.96 -20.85 21.78
CA THR A 179 8.32 -22.23 22.13
C THR A 179 7.66 -22.71 23.42
N PHE A 180 6.79 -21.87 23.98
CA PHE A 180 5.94 -22.27 25.10
C PHE A 180 4.53 -22.42 24.57
N LYS A 181 3.58 -22.74 25.44
CA LYS A 181 2.23 -22.95 24.94
C LYS A 181 1.65 -21.62 24.47
N GLY A 182 1.12 -21.61 23.26
CA GLY A 182 0.51 -20.42 22.69
C GLY A 182 -0.96 -20.37 23.02
N GLY A 183 -1.68 -19.39 22.49
CA GLY A 183 -3.10 -19.32 22.78
C GLY A 183 -3.68 -17.93 22.68
N ILE A 184 -4.72 -17.69 23.47
CA ILE A 184 -5.42 -16.40 23.47
C ILE A 184 -4.96 -15.56 24.65
N GLY A 185 -4.72 -14.28 24.40
CA GLY A 185 -4.42 -13.37 25.49
C GLY A 185 -5.14 -12.07 25.24
N THR A 186 -5.44 -11.33 26.30
CA THR A 186 -6.13 -10.06 26.12
C THR A 186 -5.71 -9.09 27.20
N SER A 187 -5.86 -7.80 26.94
CA SER A 187 -5.51 -6.76 27.89
C SER A 187 -6.23 -5.51 27.40
N SER A 188 -6.36 -4.49 28.24
CA SER A 188 -6.92 -3.23 27.77
C SER A 188 -6.19 -2.10 28.44
N ARG A 189 -6.41 -0.88 27.96
CA ARG A 189 -5.95 0.31 28.64
C ARG A 189 -7.06 1.34 28.63
N VAL A 190 -7.23 2.02 29.75
CA VAL A 190 -8.08 3.20 29.78
C VAL A 190 -7.16 4.41 29.62
N VAL A 191 -7.40 5.20 28.58
CA VAL A 191 -6.50 6.31 28.32
C VAL A 191 -7.24 7.61 28.46
N SER A 192 -6.51 8.64 28.89
CA SER A 192 -7.10 9.94 29.15
C SER A 192 -6.63 10.87 28.05
N ALA A 193 -7.58 11.34 27.25
CA ALA A 193 -7.30 12.23 26.16
C ALA A 193 -7.92 13.57 26.48
N GLY A 194 -7.21 14.38 27.25
CA GLY A 194 -7.75 15.65 27.70
C GLY A 194 -8.91 15.41 28.63
N ASP A 195 -10.11 15.76 28.17
CA ASP A 195 -11.30 15.64 29.00
C ASP A 195 -12.08 14.34 28.80
N THR A 196 -11.60 13.46 27.93
CA THR A 196 -12.32 12.22 27.69
C THR A 196 -11.51 10.96 27.98
N ARG A 197 -12.17 9.95 28.55
CA ARG A 197 -11.58 8.64 28.75
C ARG A 197 -11.96 7.78 27.56
N TYR A 198 -10.98 7.11 26.98
CA TYR A 198 -11.24 6.12 25.96
C TYR A 198 -10.64 4.79 26.40
N THR A 199 -11.13 3.72 25.82
CA THR A 199 -10.60 2.41 26.12
C THR A 199 -10.00 1.82 24.86
N VAL A 200 -8.87 1.16 25.01
CA VAL A 200 -8.27 0.41 23.93
C VAL A 200 -8.16 -1.03 24.42
N GLY A 201 -8.79 -1.96 23.71
CA GLY A 201 -8.77 -3.35 24.13
C GLY A 201 -8.07 -4.17 23.06
N VAL A 202 -7.30 -5.16 23.47
CA VAL A 202 -6.56 -5.97 22.54
C VAL A 202 -6.74 -7.42 22.88
N LEU A 203 -7.01 -8.24 21.87
CA LEU A 203 -7.00 -9.67 22.04
C LEU A 203 -6.03 -10.23 21.01
N VAL A 204 -5.19 -11.17 21.43
CA VAL A 204 -4.25 -11.78 20.52
C VAL A 204 -4.48 -13.28 20.44
N GLN A 205 -4.22 -13.84 19.27
CA GLN A 205 -4.07 -15.28 19.10
C GLN A 205 -2.62 -15.47 18.72
N ALA A 206 -1.84 -15.99 19.66
CA ALA A 206 -0.39 -15.98 19.56
C ALA A 206 0.16 -17.36 19.25
N ASN A 207 0.92 -17.44 18.15
CA ASN A 207 1.47 -18.69 17.65
C ASN A 207 2.85 -18.37 17.07
N HIS A 208 3.53 -17.40 17.67
CA HIS A 208 4.72 -16.83 17.05
C HIS A 208 5.90 -16.89 18.01
N GLY A 209 7.09 -16.60 17.48
CA GLY A 209 8.22 -16.28 18.32
C GLY A 209 9.07 -17.46 18.75
N ASP A 210 10.29 -17.16 19.19
CA ASP A 210 11.22 -18.16 19.69
C ASP A 210 11.51 -17.91 21.14
N ARG A 211 11.76 -18.98 21.88
CA ARG A 211 12.07 -18.86 23.29
C ARG A 211 13.22 -17.89 23.55
N ASN A 212 14.26 -17.95 22.73
CA ASN A 212 15.45 -17.16 23.01
C ASN A 212 15.29 -15.68 22.66
N ASP A 213 14.19 -15.34 22.02
CA ASP A 213 13.88 -13.95 21.72
C ASP A 213 12.96 -13.32 22.76
N LEU A 214 12.16 -14.14 23.42
CA LEU A 214 11.15 -13.64 24.35
C LEU A 214 11.69 -12.67 25.38
N ARG A 215 11.08 -11.51 25.44
CA ARG A 215 11.32 -10.54 26.50
CA ARG A 215 11.32 -10.59 26.54
C ARG A 215 10.01 -10.30 27.24
N ILE A 216 10.06 -10.32 28.57
CA ILE A 216 8.89 -9.99 29.37
C ILE A 216 9.32 -8.87 30.29
N ALA A 217 8.65 -7.72 30.18
CA ALA A 217 9.05 -6.53 30.92
C ALA A 217 10.53 -6.23 30.67
N GLY A 218 10.96 -6.49 29.44
CA GLY A 218 12.33 -6.16 29.03
C GLY A 218 13.36 -7.18 29.47
N VAL A 219 12.91 -8.20 30.19
CA VAL A 219 13.82 -9.26 30.62
C VAL A 219 13.89 -10.36 29.57
N GLN A 220 15.10 -10.67 29.09
CA GLN A 220 15.24 -11.77 28.15
C GLN A 220 15.15 -13.06 28.94
N ILE A 221 14.01 -13.73 28.87
CA ILE A 221 13.66 -14.71 29.89
C ILE A 221 13.91 -16.19 29.53
N GLY A 222 14.08 -16.48 28.25
CA GLY A 222 14.23 -17.86 27.80
C GLY A 222 15.40 -18.58 28.46
N LYS A 223 16.52 -17.88 28.59
CA LYS A 223 17.72 -18.47 29.15
C LYS A 223 17.60 -18.61 30.67
N GLU A 224 16.68 -17.87 31.26
CA GLU A 224 16.52 -17.87 32.71
C GLU A 224 15.57 -18.97 33.15
N ILE A 225 14.74 -19.43 32.23
CA ILE A 225 13.81 -20.51 32.54
C ILE A 225 14.50 -21.85 32.40
N LYS A 226 14.34 -22.72 33.38
CA LYS A 226 14.97 -24.04 33.33
C LYS A 226 13.97 -25.08 32.86
N GLY A 227 14.36 -25.88 31.88
CA GLY A 227 13.50 -26.90 31.33
C GLY A 227 12.33 -26.33 30.55
N ALA A 228 11.21 -27.04 30.57
CA ALA A 228 9.99 -26.62 29.88
C ALA A 228 10.13 -26.52 28.36
N TRP A 229 11.10 -27.24 27.81
CA TRP A 229 11.26 -27.30 26.36
C TRP A 229 10.23 -28.27 25.80
N PRO A 230 9.81 -28.06 24.53
CA PRO A 230 8.82 -28.97 23.97
C PRO A 230 9.35 -30.41 23.91
N GLU A 231 8.46 -31.38 24.00
CA GLU A 231 8.84 -32.79 23.95
C GLU A 231 8.06 -33.53 22.87
N VAL A 232 8.63 -34.63 22.39
CA VAL A 232 7.91 -35.53 21.50
C VAL A 232 7.88 -36.91 22.14
N ASN A 233 6.70 -37.32 22.58
CA ASN A 233 6.53 -38.62 23.21
C ASN A 233 7.34 -38.77 24.49
N GLY A 234 7.64 -37.64 25.13
CA GLY A 234 8.37 -37.63 26.38
C GLY A 234 9.84 -37.26 26.20
N ILE A 235 10.26 -37.14 24.94
CA ILE A 235 11.65 -36.84 24.62
C ILE A 235 11.81 -35.39 24.16
N VAL A 236 12.66 -34.64 24.86
CA VAL A 236 12.97 -33.28 24.46
C VAL A 236 13.52 -33.25 23.04
N LYS A 248 5.35 -22.98 10.52
CA LYS A 248 4.70 -21.73 10.15
C LYS A 248 4.09 -21.04 11.37
N ASN A 249 4.76 -20.00 11.85
CA ASN A 249 4.28 -19.26 13.00
C ASN A 249 3.27 -18.20 12.57
N ALA A 250 2.61 -17.58 13.55
CA ALA A 250 1.70 -16.48 13.23
C ALA A 250 1.27 -15.78 14.50
N LEU A 251 0.72 -14.58 14.34
CA LEU A 251 0.18 -13.85 15.48
C LEU A 251 -0.90 -12.94 14.94
N LEU A 252 -2.10 -13.06 15.51
CA LEU A 252 -3.22 -12.21 15.13
C LEU A 252 -3.52 -11.26 16.26
N ILE A 253 -3.68 -9.99 15.93
CA ILE A 253 -3.90 -8.98 16.95
C ILE A 253 -5.17 -8.22 16.58
N VAL A 254 -6.13 -8.23 17.49
CA VAL A 254 -7.38 -7.51 17.28
C VAL A 254 -7.44 -6.38 18.29
N ILE A 255 -7.65 -5.16 17.79
CA ILE A 255 -7.67 -3.99 18.64
C ILE A 255 -9.05 -3.38 18.52
N ALA A 256 -9.71 -3.22 19.66
CA ALA A 256 -10.98 -2.48 19.70
C ALA A 256 -10.75 -1.19 20.44
N THR A 257 -11.44 -0.14 20.02
CA THR A 257 -11.45 1.06 20.82
C THR A 257 -12.81 1.72 20.76
N ASP A 258 -13.19 2.39 21.84
CA ASP A 258 -14.41 3.19 21.79
C ASP A 258 -14.10 4.62 21.34
N ALA A 259 -12.86 4.89 20.96
CA ALA A 259 -12.54 6.19 20.38
C ALA A 259 -13.16 6.28 18.99
N PRO A 260 -13.75 7.43 18.65
CA PRO A 260 -14.47 7.61 17.38
C PRO A 260 -13.51 7.91 16.25
N LEU A 261 -12.79 6.87 15.85
CA LEU A 261 -11.73 7.06 14.86
C LEU A 261 -12.22 6.78 13.45
N MET A 262 -11.68 7.51 12.49
CA MET A 262 -11.94 7.22 11.09
C MET A 262 -11.05 6.04 10.67
N PRO A 263 -11.42 5.37 9.57
CA PRO A 263 -10.65 4.21 9.09
C PRO A 263 -9.15 4.45 8.95
N HIS A 264 -8.74 5.55 8.35
CA HIS A 264 -7.31 5.78 8.19
C HIS A 264 -6.62 5.94 9.55
N GLN A 265 -7.36 6.41 10.56
CA GLN A 265 -6.79 6.56 11.88
C GLN A 265 -6.67 5.20 12.55
N LEU A 266 -7.57 4.30 12.19
CA LEU A 266 -7.55 2.95 12.74
C LEU A 266 -6.42 2.14 12.13
N GLU A 267 -6.05 2.45 10.89
CA GLU A 267 -4.84 1.87 10.33
C GLU A 267 -3.65 2.27 11.19
N ARG A 268 -3.61 3.53 11.61
CA ARG A 268 -2.52 4.00 12.44
C ARG A 268 -2.47 3.20 13.73
N MET A 269 -3.64 3.01 14.33
CA MET A 269 -3.73 2.21 15.56
C MET A 269 -3.18 0.83 15.32
N ALA A 270 -3.61 0.19 14.24
CA ALA A 270 -3.16 -1.15 13.91
C ALA A 270 -1.64 -1.20 13.71
N ARG A 271 -1.09 -0.17 13.08
CA ARG A 271 0.36 -0.11 12.86
C ARG A 271 1.17 -0.02 14.16
N ARG A 272 0.54 0.42 15.25
CA ARG A 272 1.21 0.47 16.54
C ARG A 272 1.44 -0.91 17.17
N ALA A 273 0.64 -1.90 16.77
CA ALA A 273 0.73 -3.22 17.41
C ALA A 273 2.16 -3.75 17.29
N ALA A 274 2.78 -3.51 16.14
CA ALA A 274 4.12 -4.00 15.87
C ALA A 274 5.11 -3.54 16.92
N LEU A 275 4.91 -2.33 17.44
CA LEU A 275 5.81 -1.81 18.47
C LEU A 275 5.66 -2.61 19.76
N GLY A 276 4.44 -3.01 20.07
CA GLY A 276 4.17 -3.84 21.24
C GLY A 276 4.76 -5.22 21.08
N VAL A 277 4.62 -5.77 19.89
CA VAL A 277 5.25 -7.05 19.55
C VAL A 277 6.76 -6.92 19.70
N GLY A 278 7.29 -5.82 19.16
CA GLY A 278 8.71 -5.54 19.24
C GLY A 278 9.24 -5.57 20.66
N ARG A 279 8.49 -4.98 21.59
CA ARG A 279 8.92 -4.95 22.98
C ARG A 279 9.17 -6.33 23.53
N ASN A 280 8.42 -7.31 23.04
CA ASN A 280 8.52 -8.67 23.58
C ASN A 280 9.53 -9.56 22.87
N GLY A 281 10.27 -8.98 21.91
CA GLY A 281 11.49 -9.59 21.46
C GLY A 281 11.51 -10.28 20.11
N SER A 282 10.36 -10.71 19.60
CA SER A 282 10.35 -11.42 18.32
C SER A 282 10.74 -10.52 17.14
N THR A 283 11.10 -11.12 16.03
CA THR A 283 11.67 -10.38 14.91
C THR A 283 10.90 -10.64 13.59
N ALA A 284 9.69 -11.18 13.72
CA ALA A 284 8.83 -11.51 12.58
C ALA A 284 9.47 -12.46 11.58
N GLY A 285 9.34 -13.76 11.86
CA GLY A 285 9.90 -14.77 10.99
C GLY A 285 9.39 -14.67 9.57
N ALA A 286 10.15 -15.22 8.63
CA ALA A 286 9.79 -15.11 7.23
C ALA A 286 8.43 -15.74 6.89
N LEU A 287 8.03 -16.78 7.62
CA LEU A 287 6.76 -17.42 7.34
C LEU A 287 5.76 -17.18 8.46
N SER A 288 6.04 -16.17 9.27
CA SER A 288 5.20 -15.89 10.42
C SER A 288 4.13 -14.87 10.06
N GLY A 289 2.87 -15.33 10.00
CA GLY A 289 1.73 -14.50 9.62
C GLY A 289 1.32 -13.57 10.73
N GLU A 290 1.84 -12.36 10.72
CA GLU A 290 1.60 -11.45 11.84
C GLU A 290 0.79 -10.26 11.35
N PHE A 291 -0.42 -10.14 11.88
CA PHE A 291 -1.43 -9.20 11.38
C PHE A 291 -2.09 -8.46 12.53
N ALA A 292 -2.55 -7.24 12.26
CA ALA A 292 -3.35 -6.52 13.25
C ALA A 292 -4.54 -5.85 12.59
N LEU A 293 -5.67 -5.90 13.27
CA LEU A 293 -6.89 -5.27 12.78
C LEU A 293 -7.46 -4.42 13.91
N ALA A 294 -7.79 -3.17 13.62
CA ALA A 294 -8.32 -2.27 14.64
C ALA A 294 -9.70 -1.80 14.22
N PHE A 295 -10.62 -1.73 15.17
CA PHE A 295 -11.93 -1.19 14.86
C PHE A 295 -12.41 -0.28 15.96
N SER A 296 -13.31 0.62 15.60
CA SER A 296 -13.92 1.53 16.55
C SER A 296 -15.36 1.10 16.83
N THR A 297 -15.76 1.09 18.10
CA THR A 297 -17.14 0.74 18.42
C THR A 297 -18.04 1.97 18.54
N SER A 298 -17.46 3.15 18.37
CA SER A 298 -18.24 4.39 18.46
C SER A 298 -18.45 5.02 17.09
N HIS A 299 -17.55 4.70 16.15
CA HIS A 299 -17.75 5.07 14.76
C HIS A 299 -18.39 3.87 14.07
N VAL A 300 -19.71 3.88 14.00
CA VAL A 300 -20.43 2.72 13.51
C VAL A 300 -21.22 3.11 12.29
N ILE A 301 -21.42 2.16 11.41
CA ILE A 301 -22.08 2.46 10.14
C ILE A 301 -23.31 1.61 10.02
N PRO A 302 -24.46 2.19 10.36
CA PRO A 302 -25.71 1.43 10.25
C PRO A 302 -25.83 0.91 8.84
N LEU A 303 -26.29 -0.33 8.71
CA LEU A 303 -26.40 -0.96 7.41
C LEU A 303 -27.22 -0.08 6.46
N GLY A 304 -26.60 0.33 5.35
CA GLY A 304 -27.27 1.16 4.36
C GLY A 304 -27.68 2.54 4.86
N GLY A 305 -27.06 2.99 5.94
CA GLY A 305 -27.46 4.24 6.56
C GLY A 305 -26.36 5.28 6.63
N LYS A 306 -26.57 6.27 7.44
CA LYS A 306 -25.62 7.30 7.66
C LYS A 306 -24.63 6.90 8.74
N PRO A 307 -23.37 6.94 8.44
CA PRO A 307 -22.41 6.61 9.48
C PRO A 307 -22.55 7.52 10.68
N ARG A 308 -22.35 6.95 11.85
CA ARG A 308 -22.46 7.66 13.11
C ARG A 308 -21.07 7.91 13.61
N LEU A 309 -20.67 9.19 13.64
CA LEU A 309 -19.38 9.59 14.14
C LEU A 309 -19.64 10.66 15.21
N PRO A 310 -19.71 10.22 16.47
CA PRO A 310 -20.16 11.01 17.63
C PRO A 310 -19.29 12.24 17.85
N ALA A 311 -18.00 12.07 17.58
CA ALA A 311 -17.03 13.12 17.75
C ALA A 311 -15.96 12.83 16.74
N ILE A 312 -15.11 13.81 16.50
CA ILE A 312 -14.11 13.60 15.48
C ILE A 312 -12.77 14.05 16.02
N ILE A 313 -11.72 13.29 15.71
CA ILE A 313 -10.41 13.56 16.27
C ILE A 313 -9.45 13.96 15.16
N ASN A 314 -8.65 14.99 15.45
CA ASN A 314 -7.63 15.45 14.51
C ASN A 314 -6.41 14.52 14.60
N ASP A 315 -5.93 14.04 13.46
CA ASP A 315 -4.76 13.18 13.45
C ASP A 315 -3.54 13.85 14.05
N THR A 316 -3.53 15.17 14.04
CA THR A 316 -2.37 15.91 14.53
C THR A 316 -2.58 16.31 16.00
N ASP A 317 -3.69 15.86 16.58
CA ASP A 317 -3.95 16.06 18.00
C ASP A 317 -3.15 15.03 18.76
N SER A 318 -1.89 15.34 19.03
CA SER A 318 -1.00 14.33 19.62
C SER A 318 -1.42 13.94 21.03
N GLU A 319 -2.03 14.86 21.78
CA GLU A 319 -2.48 14.51 23.12
C GLU A 319 -3.41 13.28 23.05
N THR A 320 -4.42 13.38 22.19
CA THR A 320 -5.40 12.31 22.04
C THR A 320 -4.81 11.10 21.31
N MET A 321 -4.19 11.33 20.17
CA MET A 321 -3.72 10.21 19.37
C MET A 321 -2.60 9.46 20.08
N ASN A 322 -1.69 10.19 20.71
CA ASN A 322 -0.59 9.51 21.41
C ASN A 322 -1.08 8.67 22.56
N ALA A 323 -2.11 9.16 23.25
CA ALA A 323 -2.69 8.38 24.34
C ALA A 323 -3.27 7.07 23.81
N LEU A 324 -3.93 7.13 22.66
CA LEU A 324 -4.49 5.95 22.03
C LEU A 324 -3.37 5.02 21.55
N PHE A 325 -2.34 5.59 20.91
CA PHE A 325 -1.26 4.77 20.35
C PHE A 325 -0.52 4.05 21.47
N ARG A 326 -0.24 4.79 22.55
CA ARG A 326 0.43 4.23 23.71
CA ARG A 326 0.43 4.23 23.71
C ARG A 326 -0.41 3.09 24.29
N GLY A 327 -1.72 3.31 24.33
CA GLY A 327 -2.65 2.26 24.75
C GLY A 327 -2.54 0.99 23.89
N VAL A 328 -2.50 1.14 22.58
CA VAL A 328 -2.30 -0.03 21.72
C VAL A 328 -0.98 -0.76 22.05
N VAL A 329 0.10 -0.01 22.13
CA VAL A 329 1.40 -0.65 22.34
C VAL A 329 1.42 -1.39 23.68
N GLN A 330 0.93 -0.72 24.72
CA GLN A 330 0.90 -1.31 26.05
C GLN A 330 -0.02 -2.52 26.16
N ALA A 331 -1.24 -2.39 25.64
CA ALA A 331 -2.21 -3.48 25.70
C ALA A 331 -1.75 -4.68 24.86
N THR A 332 -1.09 -4.41 23.75
CA THR A 332 -0.56 -5.49 22.90
C THR A 332 0.56 -6.21 23.67
N GLU A 333 1.50 -5.45 24.21
CA GLU A 333 2.57 -6.04 25.00
C GLU A 333 1.99 -6.94 26.08
N GLU A 334 1.03 -6.42 26.83
CA GLU A 334 0.51 -7.14 27.98
C GLU A 334 -0.37 -8.32 27.56
N ALA A 335 -1.13 -8.13 26.49
CA ALA A 335 -1.95 -9.23 25.97
C ALA A 335 -1.08 -10.44 25.64
N LEU A 336 0.09 -10.19 25.07
CA LEU A 336 1.01 -11.26 24.71
C LEU A 336 1.51 -12.00 25.94
N VAL A 337 1.79 -11.27 27.01
CA VAL A 337 2.27 -11.93 28.23
C VAL A 337 1.13 -12.65 28.93
N ASN A 338 -0.02 -11.98 29.01
CA ASN A 338 -1.23 -12.62 29.55
C ASN A 338 -1.55 -13.94 28.88
N GLN A 339 -1.35 -14.00 27.57
CA GLN A 339 -1.56 -15.26 26.84
C GLN A 339 -0.67 -16.36 27.41
N LEU A 340 0.63 -16.09 27.46
CA LEU A 340 1.60 -17.08 27.90
C LEU A 340 1.23 -17.60 29.27
N VAL A 341 0.84 -16.68 30.16
CA VAL A 341 0.56 -17.06 31.53
C VAL A 341 -0.75 -17.83 31.64
N ALA A 342 -1.68 -17.55 30.74
CA ALA A 342 -2.97 -18.23 30.74
C ALA A 342 -2.91 -19.63 30.16
N SER A 343 -1.92 -19.86 29.30
CA SER A 343 -1.86 -21.12 28.56
C SER A 343 -1.20 -22.20 29.39
N GLU A 344 -1.88 -23.33 29.53
CA GLU A 344 -1.35 -24.46 30.31
C GLU A 344 -0.62 -25.44 29.41
N THR A 345 0.25 -26.25 30.01
CA THR A 345 0.93 -27.31 29.28
C THR A 345 -0.09 -28.19 28.57
N MET A 346 0.25 -28.62 27.36
CA MET A 346 -0.66 -29.43 26.55
C MET A 346 0.10 -30.49 25.79
N THR A 347 -0.45 -31.70 25.77
CA THR A 347 0.04 -32.76 24.90
C THR A 347 -1.00 -33.01 23.83
N GLY A 348 -0.58 -33.04 22.57
CA GLY A 348 -1.52 -33.17 21.47
C GLY A 348 -1.17 -34.28 20.49
N ALA A 349 -1.42 -34.02 19.21
CA ALA A 349 -1.10 -34.94 18.13
C ALA A 349 0.32 -35.50 18.24
N ASN A 350 0.46 -36.80 17.96
CA ASN A 350 1.77 -37.44 17.99
C ASN A 350 2.47 -37.28 19.33
N ASN A 351 1.68 -37.14 20.38
CA ASN A 351 2.23 -36.98 21.72
C ASN A 351 3.21 -35.81 21.84
N ALA A 352 3.05 -34.82 20.96
CA ALA A 352 3.82 -33.59 21.08
C ALA A 352 3.36 -32.89 22.35
N LYS A 353 4.32 -32.43 23.16
CA LYS A 353 4.00 -31.76 24.40
C LYS A 353 4.63 -30.39 24.41
N VAL A 354 3.84 -29.38 24.72
CA VAL A 354 4.33 -28.01 24.81
C VAL A 354 3.93 -27.45 26.18
N TYR A 355 4.91 -26.90 26.89
CA TYR A 355 4.70 -26.42 28.24
C TYR A 355 4.22 -24.99 28.32
N GLY A 356 3.32 -24.72 29.26
CA GLY A 356 2.97 -23.36 29.62
C GLY A 356 4.18 -22.72 30.27
N ILE A 357 4.43 -21.44 29.98
CA ILE A 357 5.56 -20.77 30.62
C ILE A 357 5.39 -20.98 32.14
N PRO A 358 6.44 -21.50 32.81
CA PRO A 358 6.26 -21.90 34.22
C PRO A 358 6.05 -20.72 35.15
N HIS A 359 4.94 -20.72 35.87
CA HIS A 359 4.57 -19.58 36.70
C HIS A 359 5.58 -19.33 37.80
N ASP A 360 6.01 -20.38 38.47
CA ASP A 360 6.88 -20.16 39.61
C ASP A 360 8.18 -19.53 39.18
N GLN A 361 8.73 -20.02 38.07
CA GLN A 361 9.99 -19.50 37.57
C GLN A 361 9.82 -18.07 37.11
N LEU A 362 8.72 -17.79 36.44
CA LEU A 362 8.43 -16.42 36.01
C LEU A 362 8.33 -15.49 37.22
N ALA A 363 7.56 -15.88 38.23
CA ALA A 363 7.40 -15.07 39.44
C ALA A 363 8.77 -14.82 40.08
N ARG A 364 9.58 -15.87 40.14
CA ARG A 364 10.93 -15.76 40.70
CA ARG A 364 10.92 -15.75 40.71
C ARG A 364 11.76 -14.74 39.95
N ILE A 365 11.72 -14.83 38.62
CA ILE A 365 12.49 -13.93 37.77
C ILE A 365 12.02 -12.48 37.93
N MET A 366 10.72 -12.27 38.01
CA MET A 366 10.20 -10.91 38.18
C MET A 366 10.60 -10.32 39.54
N LYS A 367 10.63 -11.15 40.58
CA LYS A 367 11.05 -10.66 41.89
C LYS A 367 12.50 -10.24 41.89
N ALA A 368 13.35 -11.05 41.27
CA ALA A 368 14.77 -10.75 41.22
C ALA A 368 15.00 -9.43 40.48
N ARG A 369 14.24 -9.22 39.42
CA ARG A 369 14.43 -8.07 38.55
C ARG A 369 13.70 -6.80 39.03
N PHE A 370 12.54 -6.98 39.66
CA PHE A 370 11.76 -5.85 40.14
C PHE A 370 11.38 -6.03 41.61
N PRO A 371 12.35 -5.90 42.50
CA PRO A 371 12.02 -5.95 43.94
C PRO A 371 10.87 -5.00 44.27
N GLY B 1 36.13 7.51 21.10
CA GLY B 1 35.07 7.64 22.09
C GLY B 1 34.33 6.35 22.32
N PRO B 2 33.78 6.17 23.54
CA PRO B 2 33.02 4.97 23.86
C PRO B 2 31.75 4.93 23.01
N ARG B 3 31.36 3.73 22.59
CA ARG B 3 30.06 3.54 21.96
C ARG B 3 29.23 2.76 22.97
N ALA B 4 28.02 2.36 22.60
CA ALA B 4 27.13 1.78 23.61
C ALA B 4 27.73 0.54 24.25
N ARG B 5 28.37 -0.31 23.47
CA ARG B 5 28.97 -1.54 24.04
C ARG B 5 30.04 -1.20 25.05
N ASP B 6 30.75 -0.11 24.80
CA ASP B 6 31.86 0.29 25.64
C ASP B 6 31.40 0.77 27.01
N LEU B 7 30.12 1.10 27.07
CA LEU B 7 29.49 1.50 28.29
C LEU B 7 28.82 0.35 29.00
N GLY B 8 28.90 -0.83 28.45
CA GLY B 8 28.41 -2.00 29.09
C GLY B 8 27.00 -2.36 28.69
N VAL B 9 26.52 -1.75 27.65
CA VAL B 9 25.21 -2.14 27.16
C VAL B 9 25.36 -3.44 26.38
N PRO B 10 24.59 -4.47 26.76
CA PRO B 10 24.67 -5.72 26.00
C PRO B 10 23.73 -5.67 24.80
N PHE B 11 24.12 -6.33 23.72
CA PHE B 11 23.25 -6.53 22.56
C PHE B 11 23.52 -7.92 22.05
N GLU B 12 22.55 -8.49 21.33
CA GLU B 12 22.72 -9.81 20.75
C GLU B 12 23.27 -9.70 19.33
N GLY B 13 23.88 -10.76 18.85
CA GLY B 13 24.37 -10.81 17.49
C GLY B 13 25.81 -10.37 17.39
N THR B 14 26.36 -10.45 16.18
CA THR B 14 27.76 -10.15 15.96
C THR B 14 27.91 -8.98 15.02
N PRO B 15 28.43 -7.86 15.53
CA PRO B 15 28.65 -6.70 14.66
C PRO B 15 29.73 -6.99 13.63
N GLY B 16 29.70 -6.24 12.53
CA GLY B 16 30.80 -6.26 11.58
C GLY B 16 31.97 -5.51 12.17
N ALA B 17 33.09 -5.49 11.46
CA ALA B 17 34.33 -4.92 11.99
C ALA B 17 34.16 -3.49 12.53
N LEU B 18 33.43 -2.66 11.80
CA LEU B 18 33.28 -1.27 12.16
C LEU B 18 32.04 -1.06 13.02
N ASN B 19 31.21 -2.09 13.13
CA ASN B 19 29.89 -1.94 13.75
C ASN B 19 29.21 -0.69 13.18
N ALA B 20 29.13 -0.62 11.86
CA ALA B 20 28.56 0.54 11.20
C ALA B 20 28.00 0.15 9.87
N ILE B 21 27.22 1.05 9.29
CA ILE B 21 26.62 0.74 8.00
C ILE B 21 27.70 0.52 6.94
N THR B 22 28.87 1.11 7.14
CA THR B 22 29.97 0.93 6.19
C THR B 22 30.62 -0.47 6.26
N ASP B 23 30.18 -1.31 7.18
CA ASP B 23 30.59 -2.72 7.13
C ASP B 23 30.04 -3.42 5.90
N VAL B 24 29.03 -2.82 5.29
CA VAL B 24 28.57 -3.27 3.98
C VAL B 24 29.50 -2.64 2.96
N ALA B 25 30.28 -3.48 2.28
CA ALA B 25 31.36 -2.99 1.46
C ALA B 25 30.86 -2.03 0.39
N GLY B 26 31.59 -0.93 0.20
CA GLY B 26 31.30 -0.01 -0.87
C GLY B 26 30.41 1.15 -0.45
N VAL B 27 29.71 0.98 0.66
CA VAL B 27 28.87 2.06 1.15
C VAL B 27 29.74 3.20 1.69
N GLU B 28 29.41 4.43 1.34
CA GLU B 28 30.16 5.57 1.84
C GLU B 28 29.22 6.51 2.55
N VAL B 29 29.72 7.12 3.62
CA VAL B 29 28.95 8.07 4.41
C VAL B 29 29.74 9.36 4.54
N GLY B 30 29.08 10.49 4.30
CA GLY B 30 29.68 11.78 4.57
C GLY B 30 28.76 12.68 5.38
N HIS B 31 29.32 13.53 6.23
CA HIS B 31 28.52 14.51 6.98
C HIS B 31 29.04 15.91 6.71
N THR B 32 28.12 16.86 6.61
CA THR B 32 28.48 18.26 6.84
C THR B 32 27.72 18.76 8.05
N THR B 33 28.45 19.35 8.98
CA THR B 33 27.88 19.76 10.26
C THR B 33 27.95 21.26 10.35
N VAL B 34 26.80 21.89 10.57
CA VAL B 34 26.72 23.34 10.59
C VAL B 34 26.34 23.81 11.98
N ILE B 35 27.33 24.35 12.69
CA ILE B 35 27.11 24.84 14.05
C ILE B 35 27.66 26.26 14.10
N SER B 36 26.77 27.23 14.24
CA SER B 36 27.20 28.61 14.39
C SER B 36 26.15 29.44 15.11
N GLY B 37 26.61 30.45 15.83
CA GLY B 37 25.72 31.35 16.53
C GLY B 37 25.31 30.84 17.90
N ASP B 38 24.85 31.75 18.74
CA ASP B 38 24.33 31.40 20.05
C ASP B 38 23.25 32.38 20.42
N GLY B 39 22.43 32.03 21.40
CA GLY B 39 21.45 32.96 21.93
C GLY B 39 20.15 33.00 21.16
N ALA B 40 19.48 34.14 21.21
CA ALA B 40 18.13 34.27 20.67
C ALA B 40 18.08 34.01 19.18
N MET B 41 17.08 33.24 18.75
CA MET B 41 16.94 32.91 17.34
C MET B 41 16.14 33.99 16.63
N VAL B 42 16.62 34.36 15.45
CA VAL B 42 15.88 35.26 14.57
C VAL B 42 15.92 34.57 13.21
N ILE B 43 14.74 34.32 12.64
CA ILE B 43 14.67 33.55 11.40
C ILE B 43 15.53 34.21 10.33
N GLY B 44 16.53 33.46 9.86
CA GLY B 44 17.44 33.96 8.85
C GLY B 44 18.78 34.36 9.42
N LYS B 45 18.91 34.33 10.74
CA LYS B 45 20.16 34.72 11.38
C LYS B 45 20.74 33.64 12.28
N GLY B 46 20.02 32.53 12.44
CA GLY B 46 20.48 31.48 13.32
C GLY B 46 19.98 31.74 14.73
N PRO B 47 20.56 31.07 15.73
CA PRO B 47 21.68 30.13 15.57
C PRO B 47 21.33 28.95 14.71
N TYR B 48 22.36 28.34 14.14
CA TYR B 48 22.20 27.17 13.30
C TYR B 48 22.84 25.96 13.95
N ARG B 49 22.08 24.87 13.98
CA ARG B 49 22.57 23.60 14.44
C ARG B 49 21.96 22.59 13.50
N THR B 50 22.57 22.39 12.35
CA THR B 50 21.95 21.56 11.36
C THR B 50 23.02 20.96 10.48
N GLY B 51 22.60 20.27 9.43
CA GLY B 51 23.57 19.70 8.53
C GLY B 51 22.92 18.73 7.58
N VAL B 52 23.75 17.93 6.93
CA VAL B 52 23.26 16.90 6.02
C VAL B 52 24.19 15.72 6.10
N THR B 53 23.61 14.54 5.99
CA THR B 53 24.37 13.30 5.96
C THR B 53 24.11 12.66 4.62
N ILE B 54 25.18 12.23 3.94
CA ILE B 54 25.06 11.55 2.66
C ILE B 54 25.42 10.09 2.81
N ILE B 55 24.62 9.21 2.22
CA ILE B 55 25.00 7.81 2.11
C ILE B 55 24.99 7.42 0.63
N HIS B 56 26.16 7.02 0.12
CA HIS B 56 26.29 6.55 -1.25
C HIS B 56 26.24 5.03 -1.20
N PRO B 57 25.16 4.42 -1.72
CA PRO B 57 25.01 2.96 -1.58
C PRO B 57 26.15 2.18 -2.23
N LEU B 58 26.64 2.69 -3.35
CA LEU B 58 27.68 2.00 -4.13
C LEU B 58 28.89 2.92 -4.32
N GLY B 59 28.99 3.92 -3.47
CA GLY B 59 30.11 4.85 -3.55
C GLY B 59 29.76 6.01 -4.46
N LYS B 60 30.49 7.09 -4.32
CA LYS B 60 30.11 8.36 -4.95
C LYS B 60 30.28 8.40 -6.46
N THR B 61 31.03 7.46 -7.04
CA THR B 61 31.25 7.51 -8.50
C THR B 61 30.24 6.66 -9.26
N SER B 62 29.48 5.84 -8.54
CA SER B 62 28.53 4.95 -9.18
C SER B 62 27.38 5.69 -9.84
N LEU B 63 27.03 5.27 -11.05
CA LEU B 63 25.84 5.77 -11.74
C LEU B 63 24.75 4.69 -11.73
N ASP B 64 25.02 3.59 -11.05
CA ASP B 64 24.09 2.47 -11.03
C ASP B 64 23.02 2.63 -9.95
N GLY B 65 21.94 1.89 -10.12
CA GLY B 65 20.89 1.86 -9.10
C GLY B 65 21.11 0.70 -8.17
N VAL B 66 20.53 0.79 -6.96
CA VAL B 66 20.53 -0.34 -6.06
C VAL B 66 19.10 -0.79 -5.85
N ALA B 67 18.89 -2.09 -5.77
CA ALA B 67 17.58 -2.61 -5.43
C ALA B 67 17.21 -2.04 -4.05
N ALA B 68 15.95 -1.65 -3.88
CA ALA B 68 15.53 -1.02 -2.65
C ALA B 68 14.07 -1.27 -2.30
N GLY B 69 13.74 -1.12 -1.02
CA GLY B 69 12.37 -1.19 -0.56
C GLY B 69 12.27 -0.40 0.72
N ARG B 70 11.09 0.14 0.99
CA ARG B 70 10.90 1.00 2.16
C ARG B 70 9.76 0.52 3.04
N ALA B 71 9.65 1.13 4.22
CA ALA B 71 8.55 0.87 5.12
C ALA B 71 8.26 2.16 5.87
N VAL B 72 7.01 2.32 6.28
CA VAL B 72 6.61 3.51 7.01
C VAL B 72 6.08 3.06 8.35
N ILE B 73 6.66 3.58 9.42
CA ILE B 73 6.09 3.37 10.74
C ILE B 73 5.02 4.44 10.96
N ASN B 74 5.38 5.70 10.72
CA ASN B 74 4.42 6.80 10.80
C ASN B 74 4.87 7.86 9.81
N GLY B 75 4.05 8.14 8.79
CA GLY B 75 4.51 8.90 7.65
C GLY B 75 4.38 10.41 7.72
N THR B 76 4.39 10.98 8.92
CA THR B 76 4.30 12.44 9.03
C THR B 76 5.68 13.07 8.85
N GLY B 77 6.20 13.02 7.64
CA GLY B 77 7.50 13.60 7.36
C GLY B 77 7.77 13.43 5.88
N GLU B 78 8.96 13.84 5.44
CA GLU B 78 9.29 13.75 4.02
C GLU B 78 10.46 12.84 3.75
N TRP B 79 10.37 12.11 2.63
CA TRP B 79 11.46 11.30 2.12
C TRP B 79 11.22 11.17 0.63
N THR B 80 12.00 11.91 -0.16
CA THR B 80 11.77 11.95 -1.60
C THR B 80 12.37 10.72 -2.26
N GLY B 81 11.98 10.48 -3.51
CA GLY B 81 12.47 9.35 -4.28
C GLY B 81 11.80 8.04 -3.88
N MET B 82 10.86 8.12 -2.95
CA MET B 82 10.24 6.90 -2.42
C MET B 82 9.13 6.33 -3.32
N HIS B 83 8.48 7.19 -4.11
CA HIS B 83 7.53 6.68 -5.11
C HIS B 83 8.27 5.81 -6.11
N LEU B 84 9.46 6.25 -6.49
CA LEU B 84 10.28 5.50 -7.42
C LEU B 84 10.62 4.15 -6.80
N VAL B 85 11.03 4.16 -5.54
CA VAL B 85 11.38 2.91 -4.87
C VAL B 85 10.19 1.94 -4.87
N ASP B 86 9.01 2.45 -4.49
CA ASP B 86 7.79 1.63 -4.49
C ASP B 86 7.48 1.07 -5.86
N GLU B 87 7.70 1.86 -6.90
CA GLU B 87 7.28 1.46 -8.23
C GLU B 87 8.27 0.50 -8.89
N VAL B 88 9.52 0.93 -9.01
CA VAL B 88 10.50 0.14 -9.77
C VAL B 88 11.53 -0.61 -8.93
N GLY B 89 11.45 -0.44 -7.61
CA GLY B 89 12.27 -1.21 -6.70
C GLY B 89 13.73 -0.85 -6.68
N GLN B 90 14.05 0.38 -7.04
CA GLN B 90 15.43 0.84 -7.04
C GLN B 90 15.48 2.35 -6.94
N PHE B 91 16.63 2.87 -6.52
CA PHE B 91 16.85 4.30 -6.65
C PHE B 91 18.27 4.54 -7.10
N LEU B 92 18.47 5.69 -7.71
CA LEU B 92 19.77 6.09 -8.22
C LEU B 92 20.30 7.17 -7.30
N GLY B 93 21.63 7.28 -7.23
CA GLY B 93 22.25 8.37 -6.51
C GLY B 93 22.24 8.16 -5.01
N PRO B 94 22.69 9.16 -4.26
CA PRO B 94 22.89 9.07 -2.81
C PRO B 94 21.59 9.25 -2.03
N ILE B 95 21.60 8.79 -0.79
CA ILE B 95 20.58 9.16 0.21
C ILE B 95 21.09 10.36 0.98
N ALA B 96 20.27 11.39 1.08
CA ALA B 96 20.57 12.55 1.93
C ALA B 96 19.64 12.56 3.12
N LEU B 97 20.20 12.71 4.32
CA LEU B 97 19.41 12.88 5.53
C LEU B 97 19.70 14.27 6.07
N THR B 98 18.66 15.03 6.38
CA THR B 98 18.91 16.41 6.73
C THR B 98 17.81 16.97 7.63
N GLY B 99 17.87 18.26 7.90
CA GLY B 99 16.81 18.93 8.63
C GLY B 99 15.69 19.34 7.69
N THR B 100 14.48 19.39 8.22
CA THR B 100 13.27 19.65 7.45
C THR B 100 13.37 20.91 6.61
N GLY B 101 13.98 21.94 7.15
CA GLY B 101 14.10 23.20 6.43
C GLY B 101 15.05 23.14 5.23
N ASN B 102 15.87 22.10 5.16
CA ASN B 102 16.92 21.99 4.14
C ASN B 102 16.53 21.11 2.95
N VAL B 103 15.37 20.47 3.02
CA VAL B 103 15.02 19.46 2.00
C VAL B 103 15.13 19.95 0.56
N GLY B 104 14.51 21.08 0.26
CA GLY B 104 14.51 21.60 -1.09
C GLY B 104 15.90 22.02 -1.56
N LEU B 105 16.66 22.65 -0.68
CA LEU B 105 18.03 23.04 -1.02
C LEU B 105 18.88 21.80 -1.31
N VAL B 106 18.73 20.77 -0.49
CA VAL B 106 19.52 19.57 -0.66
C VAL B 106 19.10 18.86 -1.95
N HIS B 107 17.80 18.85 -2.19
CA HIS B 107 17.23 18.23 -3.37
C HIS B 107 17.83 18.85 -4.64
N GLN B 108 17.81 20.18 -4.72
CA GLN B 108 18.34 20.84 -5.91
C GLN B 108 19.86 20.74 -6.01
N SER B 109 20.53 20.75 -4.85
CA SER B 109 21.98 20.64 -4.81
C SER B 109 22.45 19.28 -5.29
N MET B 110 21.69 18.24 -5.00
CA MET B 110 22.04 16.92 -5.50
C MET B 110 21.95 16.86 -7.02
N MET B 111 20.95 17.52 -7.60
CA MET B 111 20.87 17.61 -9.06
C MET B 111 22.06 18.38 -9.62
N ASP B 112 22.34 19.54 -9.02
CA ASP B 112 23.48 20.34 -9.42
C ASP B 112 24.76 19.51 -9.37
N TRP B 113 24.91 18.74 -8.30
CA TRP B 113 26.11 17.94 -8.13
C TRP B 113 26.29 16.97 -9.29
N SER B 114 25.19 16.37 -9.73
CA SER B 114 25.22 15.46 -10.87
C SER B 114 25.67 16.15 -12.16
N VAL B 115 25.30 17.42 -12.33
CA VAL B 115 25.70 18.14 -13.54
C VAL B 115 27.22 18.24 -13.61
N GLY B 116 27.79 17.86 -14.75
CA GLY B 116 29.23 17.80 -14.89
C GLY B 116 29.82 16.51 -14.33
N LYS B 117 29.39 16.16 -13.12
CA LYS B 117 29.81 14.91 -12.46
C LYS B 117 29.41 13.71 -13.32
N VAL B 118 28.20 13.78 -13.89
CA VAL B 118 27.60 12.68 -14.63
C VAL B 118 27.55 13.01 -16.10
N PRO B 119 27.88 12.03 -16.97
CA PRO B 119 27.76 12.25 -18.42
C PRO B 119 26.38 12.78 -18.76
N GLU B 120 26.31 13.76 -19.65
CA GLU B 120 25.04 14.40 -19.97
C GLU B 120 24.01 13.38 -20.44
N GLU B 121 24.48 12.29 -21.03
CA GLU B 121 23.59 11.24 -21.52
C GLU B 121 22.87 10.54 -20.37
N ALA B 122 23.49 10.54 -19.19
CA ALA B 122 22.93 9.86 -18.03
C ALA B 122 22.25 10.80 -17.02
N LEU B 123 22.16 12.08 -17.35
CA LEU B 123 21.54 13.04 -16.44
C LEU B 123 20.07 12.73 -16.12
N PHE B 124 19.39 12.08 -17.06
CA PHE B 124 18.00 11.69 -16.86
C PHE B 124 17.86 10.91 -15.55
N SER B 125 18.88 10.15 -15.21
CA SER B 125 18.81 9.22 -14.08
C SER B 125 18.99 9.91 -12.74
N ARG B 126 19.28 11.22 -12.78
CA ARG B 126 19.63 11.95 -11.58
C ARG B 126 18.48 12.88 -11.16
N LEU B 127 17.29 12.64 -11.71
CA LEU B 127 16.20 13.60 -11.53
C LEU B 127 15.32 13.33 -10.32
N LEU B 128 15.56 12.22 -9.63
CA LEU B 128 14.76 11.90 -8.46
C LEU B 128 15.61 11.67 -7.22
N PRO B 129 16.31 12.72 -6.77
CA PRO B 129 17.16 12.61 -5.58
C PRO B 129 16.37 12.09 -4.38
N VAL B 130 17.04 11.32 -3.55
CA VAL B 130 16.47 10.79 -2.32
C VAL B 130 16.91 11.64 -1.14
N VAL B 131 15.95 12.37 -0.56
CA VAL B 131 16.24 13.30 0.52
C VAL B 131 15.20 13.08 1.62
N ALA B 132 15.66 12.88 2.85
CA ALA B 132 14.75 12.65 3.97
C ALA B 132 15.07 13.63 5.10
N GLU B 133 14.10 13.82 5.99
CA GLU B 133 14.25 14.87 7.01
C GLU B 133 13.76 14.47 8.39
N THR B 134 14.35 15.08 9.41
CA THR B 134 13.77 15.15 10.74
C THR B 134 13.89 16.62 11.13
N LEU B 135 13.16 17.05 12.15
CA LEU B 135 13.03 18.49 12.42
C LEU B 135 13.89 18.93 13.59
N ASP B 136 14.85 19.81 13.31
CA ASP B 136 15.74 20.32 14.36
C ASP B 136 15.25 21.66 14.93
N ASN B 137 13.95 21.78 15.15
CA ASN B 137 13.34 23.07 15.48
C ASN B 137 13.69 23.68 16.84
N ARG B 138 14.14 22.86 17.79
CA ARG B 138 14.42 23.42 19.11
C ARG B 138 15.83 24.01 19.19
N LEU B 139 16.76 23.43 18.43
CA LEU B 139 18.15 23.84 18.50
C LEU B 139 18.59 24.69 17.30
N ASN B 140 17.79 24.66 16.23
CA ASN B 140 18.18 25.23 14.95
C ASN B 140 17.18 26.24 14.37
N ASP B 141 17.70 27.24 13.68
CA ASP B 141 16.89 28.16 12.88
C ASP B 141 16.46 27.43 11.61
N VAL B 142 15.37 26.68 11.69
CA VAL B 142 14.95 25.78 10.62
C VAL B 142 14.73 26.48 9.28
N PHE B 143 14.10 27.64 9.31
CA PHE B 143 13.72 28.34 8.08
C PHE B 143 14.78 29.32 7.61
N GLY B 144 15.89 29.38 8.34
CA GLY B 144 16.86 30.45 8.17
C GLY B 144 17.96 30.25 7.15
N HIS B 145 17.87 29.23 6.30
CA HIS B 145 18.82 29.05 5.22
C HIS B 145 20.24 28.85 5.70
N GLY B 146 20.39 28.09 6.79
CA GLY B 146 21.69 27.84 7.35
C GLY B 146 22.52 26.85 6.56
N LEU B 147 21.85 26.02 5.75
CA LEU B 147 22.59 25.06 4.94
C LEU B 147 22.75 25.59 3.53
N THR B 148 23.95 25.46 2.97
CA THR B 148 24.23 26.00 1.64
C THR B 148 24.50 24.85 0.68
N ARG B 149 24.46 25.15 -0.61
CA ARG B 149 24.83 24.15 -1.61
C ARG B 149 26.22 23.60 -1.32
N ASP B 150 27.15 24.50 -0.98
CA ASP B 150 28.52 24.08 -0.70
C ASP B 150 28.59 23.04 0.41
N HIS B 151 27.77 23.21 1.44
CA HIS B 151 27.71 22.24 2.53
C HIS B 151 27.31 20.87 2.00
N VAL B 152 26.31 20.85 1.12
CA VAL B 152 25.83 19.61 0.55
C VAL B 152 26.90 18.96 -0.34
N PHE B 153 27.52 19.77 -1.20
CA PHE B 153 28.59 19.26 -2.06
C PHE B 153 29.69 18.65 -1.21
N ALA B 154 30.03 19.32 -0.11
CA ALA B 154 31.10 18.83 0.76
C ALA B 154 30.81 17.45 1.30
N ALA B 155 29.54 17.20 1.65
CA ALA B 155 29.16 15.90 2.19
C ALA B 155 29.17 14.84 1.10
N LEU B 156 28.64 15.19 -0.06
CA LEU B 156 28.66 14.31 -1.22
C LEU B 156 30.09 13.92 -1.59
N ASP B 157 30.97 14.90 -1.64
CA ASP B 157 32.34 14.64 -2.11
C ASP B 157 33.23 14.06 -1.03
N GLY B 158 32.93 14.37 0.23
CA GLY B 158 33.79 13.96 1.33
C GLY B 158 33.41 12.61 1.89
N ALA B 159 32.30 12.05 1.40
CA ALA B 159 31.81 10.77 1.91
C ALA B 159 32.85 9.67 1.73
N LYS B 160 32.90 8.73 2.67
CA LYS B 160 33.89 7.67 2.59
C LYS B 160 33.44 6.42 3.32
N GLY B 161 34.10 5.30 3.04
CA GLY B 161 33.90 4.10 3.81
C GLY B 161 34.59 4.23 5.15
N GLY B 162 34.78 3.11 5.84
CA GLY B 162 35.42 3.14 7.14
C GLY B 162 34.50 3.65 8.23
N PRO B 163 35.06 3.93 9.42
CA PRO B 163 34.30 4.38 10.59
C PRO B 163 33.38 5.56 10.27
N VAL B 164 32.16 5.49 10.79
CA VAL B 164 31.17 6.52 10.58
C VAL B 164 31.06 7.40 11.82
N ALA B 165 31.22 8.70 11.66
CA ALA B 165 31.07 9.60 12.78
C ALA B 165 29.61 9.56 13.24
N GLU B 166 29.40 9.47 14.55
CA GLU B 166 28.05 9.43 15.10
C GLU B 166 27.78 10.67 15.94
N GLY B 167 26.56 10.80 16.43
CA GLY B 167 26.22 11.86 17.36
C GLY B 167 25.75 13.15 16.68
N ASN B 168 26.26 14.29 17.13
CA ASN B 168 25.80 15.58 16.66
C ASN B 168 26.48 15.97 15.37
N VAL B 169 26.22 15.23 14.31
CA VAL B 169 26.89 15.46 13.05
C VAL B 169 25.92 15.36 11.90
N GLY B 170 26.27 16.01 10.79
CA GLY B 170 25.45 15.96 9.60
C GLY B 170 24.01 16.31 9.86
N GLY B 171 23.12 15.48 9.33
CA GLY B 171 21.69 15.69 9.51
C GLY B 171 21.25 15.58 10.96
N GLY B 172 22.02 14.86 11.78
CA GLY B 172 21.62 14.67 13.16
C GLY B 172 22.02 15.81 14.06
N THR B 173 22.75 16.78 13.51
CA THR B 173 23.36 17.83 14.33
C THR B 173 22.44 18.45 15.39
N GLY B 174 21.26 18.89 15.00
CA GLY B 174 20.36 19.58 15.92
C GLY B 174 19.19 18.75 16.42
N MET B 175 19.32 17.42 16.38
CA MET B 175 18.21 16.55 16.72
C MET B 175 18.15 16.21 18.22
N ILE B 176 16.98 15.74 18.66
CA ILE B 176 16.69 15.40 20.05
C ILE B 176 15.96 14.07 20.05
N ALA B 177 16.44 13.11 20.84
CA ALA B 177 15.83 11.78 20.88
C ALA B 177 15.67 11.32 22.30
N TYR B 178 14.47 10.86 22.63
CA TYR B 178 14.13 10.43 23.98
C TYR B 178 14.42 11.52 25.01
N THR B 179 14.24 12.77 24.60
CA THR B 179 14.43 13.93 25.47
C THR B 179 15.90 14.12 25.84
N PHE B 180 16.76 13.31 25.24
CA PHE B 180 18.20 13.55 25.30
C PHE B 180 18.67 14.05 23.94
N LYS B 181 19.96 14.30 23.82
CA LYS B 181 20.48 14.77 22.55
C LYS B 181 20.31 13.67 21.49
N GLY B 182 19.73 14.03 20.35
CA GLY B 182 19.54 13.09 19.26
C GLY B 182 20.69 13.20 18.28
N GLY B 183 20.60 12.51 17.16
CA GLY B 183 21.65 12.61 16.15
C GLY B 183 21.78 11.37 15.32
N ILE B 184 23.02 11.08 14.91
CA ILE B 184 23.28 9.95 14.04
C ILE B 184 23.80 8.76 14.84
N GLY B 185 23.29 7.58 14.51
CA GLY B 185 23.79 6.36 15.13
C GLY B 185 23.95 5.32 14.06
N THR B 186 24.82 4.35 14.28
CA THR B 186 24.97 3.28 13.30
C THR B 186 25.43 1.99 13.95
N SER B 187 25.13 0.87 13.31
CA SER B 187 25.53 -0.43 13.84
C SER B 187 25.42 -1.42 12.69
N SER B 188 26.00 -2.60 12.87
CA SER B 188 25.88 -3.60 11.84
C SER B 188 25.82 -4.98 12.46
N ARG B 189 25.44 -5.95 11.65
CA ARG B 189 25.47 -7.33 12.07
C ARG B 189 25.94 -8.17 10.90
N VAL B 190 26.82 -9.10 11.20
CA VAL B 190 27.17 -10.13 10.24
CA VAL B 190 27.16 -10.13 10.24
C VAL B 190 26.31 -11.34 10.56
N VAL B 191 25.52 -11.76 9.59
CA VAL B 191 24.54 -12.81 9.84
C VAL B 191 24.88 -14.08 9.08
N SER B 192 24.51 -15.21 9.67
CA SER B 192 24.84 -16.52 9.12
C SER B 192 23.61 -17.19 8.56
N ALA B 193 23.72 -17.70 7.36
CA ALA B 193 22.69 -18.52 6.76
C ALA B 193 23.36 -19.77 6.25
N GLY B 194 23.44 -20.78 7.10
CA GLY B 194 24.13 -22.02 6.75
C GLY B 194 25.63 -21.84 6.77
N ASP B 195 26.21 -21.57 5.60
CA ASP B 195 27.64 -21.33 5.50
C ASP B 195 27.89 -19.94 4.91
N THR B 196 26.86 -19.38 4.28
CA THR B 196 26.91 -18.06 3.70
C THR B 196 26.76 -16.98 4.76
N ARG B 197 27.55 -15.92 4.67
CA ARG B 197 27.49 -14.81 5.58
C ARG B 197 27.03 -13.60 4.80
N TYR B 198 26.23 -12.76 5.46
CA TYR B 198 25.86 -11.50 4.90
C TYR B 198 26.02 -10.39 5.95
N THR B 199 26.16 -9.17 5.49
CA THR B 199 26.20 -8.05 6.41
C THR B 199 24.94 -7.20 6.28
N VAL B 200 24.41 -6.79 7.42
CA VAL B 200 23.28 -5.85 7.48
C VAL B 200 23.77 -4.64 8.25
N GLY B 201 23.80 -3.49 7.60
CA GLY B 201 24.27 -2.27 8.23
C GLY B 201 23.10 -1.32 8.41
N VAL B 202 23.09 -0.59 9.52
CA VAL B 202 22.00 0.34 9.79
C VAL B 202 22.54 1.68 10.22
N LEU B 203 21.96 2.73 9.67
CA LEU B 203 22.28 4.10 10.07
CA LEU B 203 22.27 4.09 10.10
C LEU B 203 20.96 4.77 10.41
N VAL B 204 20.90 5.45 11.56
CA VAL B 204 19.72 6.19 11.94
C VAL B 204 20.01 7.68 12.14
N GLN B 205 19.03 8.49 11.78
CA GLN B 205 18.98 9.87 12.20
C GLN B 205 17.80 9.95 13.16
N ALA B 206 18.10 10.11 14.45
CA ALA B 206 17.11 9.95 15.50
C ALA B 206 16.71 11.28 16.08
N ASN B 207 15.40 11.52 16.08
CA ASN B 207 14.81 12.77 16.57
C ASN B 207 13.45 12.44 17.16
N HIS B 208 13.36 11.30 17.82
CA HIS B 208 12.08 10.72 18.20
C HIS B 208 12.09 10.30 19.65
N GLY B 209 10.91 10.03 20.20
CA GLY B 209 10.81 9.32 21.46
C GLY B 209 10.74 10.21 22.69
N ASP B 210 10.27 9.64 23.80
CA ASP B 210 10.24 10.35 25.08
C ASP B 210 11.16 9.64 26.07
N ARG B 211 11.78 10.42 26.95
CA ARG B 211 12.67 9.84 27.95
C ARG B 211 11.99 8.76 28.76
N ASN B 212 10.70 8.93 29.04
CA ASN B 212 10.07 7.97 29.93
C ASN B 212 9.69 6.65 29.26
N ASP B 213 9.81 6.59 27.94
CA ASP B 213 9.59 5.33 27.24
C ASP B 213 10.89 4.61 26.93
N LEU B 214 11.99 5.36 26.91
CA LEU B 214 13.29 4.79 26.52
C LEU B 214 13.63 3.51 27.27
N ARG B 215 13.95 2.47 26.51
N ARG B 215 13.88 2.46 26.53
CA ARG B 215 14.41 1.21 27.09
CA ARG B 215 14.43 1.25 27.07
C ARG B 215 15.72 0.76 26.44
C ARG B 215 15.80 1.00 26.42
N ILE B 216 16.78 0.68 27.23
CA ILE B 216 18.07 0.28 26.69
C ILE B 216 18.36 -1.10 27.23
N ALA B 217 18.53 -2.05 26.33
CA ALA B 217 18.71 -3.45 26.73
C ALA B 217 17.58 -3.85 27.67
N GLY B 218 16.38 -3.36 27.38
CA GLY B 218 15.19 -3.73 28.13
C GLY B 218 14.98 -2.98 29.43
N VAL B 219 15.95 -2.17 29.82
CA VAL B 219 15.87 -1.42 31.06
C VAL B 219 15.20 -0.07 30.81
N GLN B 220 14.12 0.22 31.53
CA GLN B 220 13.44 1.49 31.37
C GLN B 220 14.23 2.54 32.13
N ILE B 221 15.06 3.27 31.40
CA ILE B 221 16.20 3.92 32.01
C ILE B 221 16.01 5.40 32.35
N GLY B 222 14.98 6.01 31.77
CA GLY B 222 14.73 7.43 31.98
C GLY B 222 14.56 7.78 33.45
N LYS B 223 13.83 6.93 34.17
CA LYS B 223 13.57 7.18 35.58
C LYS B 223 14.80 6.88 36.44
N GLU B 224 15.74 6.10 35.91
CA GLU B 224 16.94 5.75 36.67
C GLU B 224 18.00 6.84 36.54
N ILE B 225 17.95 7.60 35.45
CA ILE B 225 18.91 8.68 35.26
C ILE B 225 18.46 9.91 36.05
N LYS B 226 19.40 10.54 36.73
CA LYS B 226 19.12 11.72 37.53
C LYS B 226 19.53 12.98 36.76
N GLY B 227 18.63 13.96 36.68
CA GLY B 227 18.94 15.20 35.99
C GLY B 227 18.97 15.00 34.49
N ALA B 228 19.70 15.86 33.80
CA ALA B 228 19.90 15.74 32.35
C ALA B 228 18.64 16.08 31.55
N TRP B 229 17.68 16.74 32.19
CA TRP B 229 16.49 17.20 31.48
C TRP B 229 16.82 18.45 30.70
N PRO B 230 16.11 18.68 29.58
CA PRO B 230 16.39 19.86 28.77
C PRO B 230 16.12 21.15 29.51
N GLU B 231 16.85 22.19 29.12
CA GLU B 231 16.71 23.49 29.76
C GLU B 231 16.52 24.58 28.70
N VAL B 232 15.93 25.69 29.12
CA VAL B 232 15.92 26.90 28.32
C VAL B 232 16.41 28.01 29.23
N ASN B 233 17.53 28.63 28.87
CA ASN B 233 18.13 29.64 29.74
C ASN B 233 18.46 29.08 31.11
N GLY B 234 18.81 27.81 31.17
CA GLY B 234 19.21 27.21 32.44
C GLY B 234 18.06 26.79 33.33
N ILE B 235 16.84 26.87 32.79
CA ILE B 235 15.67 26.46 33.55
C ILE B 235 15.05 25.22 32.91
N VAL B 236 14.77 24.21 33.73
CA VAL B 236 14.16 23.00 33.20
C VAL B 236 12.70 23.25 32.87
N LYS B 248 7.83 18.49 16.92
CA LYS B 248 7.57 17.40 15.98
C LYS B 248 8.76 16.46 15.83
N ASN B 249 8.53 15.18 16.07
CA ASN B 249 9.61 14.20 16.08
C ASN B 249 9.77 13.43 14.78
N ALA B 250 10.82 12.62 14.71
CA ALA B 250 11.04 11.82 13.52
C ALA B 250 12.17 10.84 13.76
N LEU B 251 12.21 9.78 12.96
CA LEU B 251 13.29 8.81 13.01
C LEU B 251 13.48 8.28 11.61
N LEU B 252 14.69 8.42 11.08
CA LEU B 252 14.99 7.91 9.75
C LEU B 252 15.94 6.76 9.89
N ILE B 253 15.60 5.64 9.27
CA ILE B 253 16.41 4.44 9.39
C ILE B 253 16.84 4.00 8.00
N VAL B 254 18.14 3.90 7.79
CA VAL B 254 18.67 3.42 6.52
C VAL B 254 19.36 2.08 6.73
N ILE B 255 18.93 1.10 5.94
CA ILE B 255 19.41 -0.28 6.06
C ILE B 255 20.11 -0.66 4.77
N ALA B 256 21.36 -1.11 4.88
CA ALA B 256 22.13 -1.56 3.74
C ALA B 256 22.42 -3.02 3.99
N THR B 257 22.39 -3.82 2.93
CA THR B 257 22.81 -5.20 3.06
C THR B 257 23.52 -5.67 1.79
N ASP B 258 24.46 -6.59 1.92
CA ASP B 258 25.04 -7.18 0.73
C ASP B 258 24.31 -8.46 0.33
N ALA B 259 23.23 -8.79 1.02
CA ALA B 259 22.38 -9.89 0.57
C ALA B 259 21.76 -9.47 -0.76
N PRO B 260 21.77 -10.37 -1.75
CA PRO B 260 21.19 -10.12 -3.06
C PRO B 260 19.67 -10.23 -2.99
N LEU B 261 19.03 -9.24 -2.41
CA LEU B 261 17.59 -9.30 -2.23
C LEU B 261 16.87 -8.58 -3.35
N MET B 262 15.68 -9.07 -3.69
CA MET B 262 14.82 -8.38 -4.63
C MET B 262 14.09 -7.28 -3.86
N PRO B 263 13.56 -6.29 -4.57
CA PRO B 263 12.88 -5.14 -3.96
C PRO B 263 11.81 -5.52 -2.96
N HIS B 264 10.97 -6.50 -3.27
CA HIS B 264 9.88 -6.81 -2.33
C HIS B 264 10.45 -7.42 -1.06
N GLN B 265 11.61 -8.09 -1.18
CA GLN B 265 12.28 -8.64 -0.01
C GLN B 265 12.90 -7.53 0.83
N LEU B 266 13.38 -6.49 0.16
CA LEU B 266 13.94 -5.36 0.90
C LEU B 266 12.85 -4.57 1.65
N GLU B 267 11.63 -4.55 1.12
CA GLU B 267 10.51 -3.98 1.87
C GLU B 267 10.35 -4.75 3.16
N ARG B 268 10.51 -6.07 3.09
CA ARG B 268 10.36 -6.88 4.29
C ARG B 268 11.43 -6.50 5.30
N MET B 269 12.67 -6.36 4.83
CA MET B 269 13.76 -5.91 5.70
C MET B 269 13.41 -4.57 6.34
N ALA B 270 12.93 -3.63 5.53
CA ALA B 270 12.59 -2.32 6.07
C ALA B 270 11.50 -2.41 7.14
N ARG B 271 10.55 -3.33 6.96
CA ARG B 271 9.46 -3.47 7.93
C ARG B 271 9.95 -4.04 9.27
N ARG B 272 11.12 -4.65 9.25
CA ARG B 272 11.67 -5.19 10.49
C ARG B 272 12.19 -4.09 11.40
N ALA B 273 12.45 -2.91 10.84
CA ALA B 273 13.05 -1.82 11.61
C ALA B 273 12.16 -1.45 12.80
N ALA B 274 10.85 -1.40 12.55
CA ALA B 274 9.89 -1.06 13.58
C ALA B 274 10.04 -1.95 14.80
N LEU B 275 10.46 -3.20 14.61
CA LEU B 275 10.58 -4.10 15.75
C LEU B 275 11.77 -3.70 16.64
N GLY B 276 12.85 -3.26 16.01
CA GLY B 276 13.99 -2.74 16.73
C GLY B 276 13.64 -1.46 17.43
N VAL B 277 12.89 -0.60 16.75
CA VAL B 277 12.42 0.62 17.40
C VAL B 277 11.58 0.23 18.61
N GLY B 278 10.70 -0.74 18.43
CA GLY B 278 9.83 -1.20 19.51
C GLY B 278 10.59 -1.64 20.74
N ARG B 279 11.70 -2.36 20.53
CA ARG B 279 12.50 -2.82 21.66
C ARG B 279 12.95 -1.67 22.54
N ASN B 280 13.19 -0.51 21.93
CA ASN B 280 13.70 0.63 22.67
C ASN B 280 12.61 1.52 23.24
N GLY B 281 11.36 1.10 23.10
CA GLY B 281 10.30 1.62 23.96
C GLY B 281 9.36 2.69 23.41
N SER B 282 9.72 3.33 22.30
CA SER B 282 8.87 4.41 21.79
C SER B 282 7.60 3.85 21.16
N THR B 283 6.58 4.70 20.97
CA THR B 283 5.28 4.23 20.51
C THR B 283 4.80 4.96 19.27
N ALA B 284 5.72 5.65 18.60
CA ALA B 284 5.46 6.36 17.34
C ALA B 284 4.37 7.40 17.51
N GLY B 285 4.77 8.60 17.91
CA GLY B 285 3.82 9.67 18.12
C GLY B 285 3.10 10.06 16.85
N ALA B 286 1.94 10.70 17.02
CA ALA B 286 1.09 11.08 15.91
C ALA B 286 1.81 11.94 14.88
N LEU B 287 2.72 12.78 15.32
CA LEU B 287 3.43 13.65 14.38
C LEU B 287 4.89 13.22 14.18
N SER B 288 5.20 11.99 14.57
CA SER B 288 6.57 11.50 14.47
C SER B 288 6.80 10.81 13.12
N GLY B 289 7.62 11.43 12.27
CA GLY B 289 7.92 10.89 10.95
C GLY B 289 8.95 9.78 11.04
N GLU B 290 8.48 8.54 11.08
CA GLU B 290 9.36 7.38 11.27
C GLU B 290 9.33 6.47 10.05
N PHE B 291 10.48 6.38 9.38
CA PHE B 291 10.55 5.75 8.07
C PHE B 291 11.78 4.85 8.04
N ALA B 292 11.73 3.81 7.22
CA ALA B 292 12.88 2.95 6.99
C ALA B 292 13.06 2.70 5.51
N LEU B 293 14.31 2.70 5.07
CA LEU B 293 14.65 2.42 3.68
C LEU B 293 15.72 1.37 3.67
N ALA B 294 15.51 0.30 2.91
CA ALA B 294 16.52 -0.76 2.81
C ALA B 294 17.00 -0.91 1.38
N PHE B 295 18.30 -1.13 1.20
CA PHE B 295 18.82 -1.37 -0.13
C PHE B 295 19.87 -2.47 -0.12
N SER B 296 20.05 -3.12 -1.29
CA SER B 296 21.04 -4.17 -1.46
C SER B 296 22.19 -3.63 -2.29
N THR B 297 23.41 -3.99 -1.91
CA THR B 297 24.59 -3.54 -2.65
C THR B 297 25.09 -4.61 -3.60
N SER B 298 24.43 -5.76 -3.62
CA SER B 298 24.80 -6.84 -4.54
C SER B 298 23.80 -6.97 -5.67
N HIS B 299 22.55 -6.61 -5.40
CA HIS B 299 21.56 -6.52 -6.44
C HIS B 299 21.57 -5.10 -6.97
N VAL B 300 22.38 -4.89 -7.99
CA VAL B 300 22.60 -3.57 -8.56
C VAL B 300 22.09 -3.55 -9.98
N ILE B 301 21.60 -2.39 -10.41
CA ILE B 301 21.03 -2.24 -11.72
C ILE B 301 21.82 -1.19 -12.49
N PRO B 302 22.72 -1.66 -13.37
CA PRO B 302 23.49 -0.76 -14.21
C PRO B 302 22.54 0.11 -15.01
N LEU B 303 22.85 1.40 -15.10
CA LEU B 303 21.97 2.33 -15.78
C LEU B 303 21.68 1.82 -17.18
N GLY B 304 20.39 1.65 -17.48
CA GLY B 304 19.99 1.17 -18.78
C GLY B 304 20.53 -0.20 -19.17
N GLY B 305 20.98 -0.97 -18.18
CA GLY B 305 21.50 -2.30 -18.46
C GLY B 305 20.68 -3.40 -17.81
N LYS B 306 21.24 -4.62 -17.76
CA LYS B 306 20.58 -5.74 -17.11
C LYS B 306 20.85 -5.71 -15.63
N PRO B 307 19.79 -5.88 -14.80
CA PRO B 307 20.02 -5.99 -13.37
C PRO B 307 20.98 -7.14 -13.05
N ARG B 308 21.86 -6.90 -12.10
CA ARG B 308 22.82 -7.91 -11.67
C ARG B 308 22.34 -8.47 -10.36
N LEU B 309 21.96 -9.73 -10.39
CA LEU B 309 21.50 -10.45 -9.20
C LEU B 309 22.33 -11.73 -9.09
N PRO B 310 23.42 -11.66 -8.32
CA PRO B 310 24.47 -12.69 -8.26
C PRO B 310 23.97 -14.02 -7.68
N ALA B 311 22.96 -13.93 -6.82
CA ALA B 311 22.31 -15.09 -6.26
C ALA B 311 20.88 -14.69 -5.93
N ILE B 312 20.08 -15.68 -5.61
CA ILE B 312 18.66 -15.44 -5.41
C ILE B 312 18.20 -16.16 -4.15
N ILE B 313 17.44 -15.45 -3.33
CA ILE B 313 17.00 -15.99 -2.06
C ILE B 313 15.49 -16.24 -2.08
N ASN B 314 15.07 -17.39 -1.58
CA ASN B 314 13.66 -17.73 -1.50
C ASN B 314 13.07 -17.04 -0.26
N ASP B 315 11.98 -16.29 -0.45
CA ASP B 315 11.33 -15.63 0.68
C ASP B 315 10.91 -16.58 1.78
N THR B 316 10.74 -17.85 1.43
CA THR B 316 10.30 -18.84 2.40
C THR B 316 11.47 -19.58 3.01
N ASP B 317 12.67 -19.15 2.64
CA ASP B 317 13.90 -19.70 3.21
C ASP B 317 14.10 -19.04 4.57
N SER B 318 13.48 -19.63 5.60
CA SER B 318 13.50 -19.07 6.95
C SER B 318 14.92 -18.90 7.44
N GLU B 319 15.74 -19.91 7.20
CA GLU B 319 17.11 -19.86 7.68
C GLU B 319 17.79 -18.58 7.22
N THR B 320 17.71 -18.29 5.94
CA THR B 320 18.37 -17.10 5.39
C THR B 320 17.64 -15.82 5.76
N MET B 321 16.33 -15.79 5.50
CA MET B 321 15.57 -14.57 5.73
C MET B 321 15.53 -14.18 7.21
N ASN B 322 15.34 -15.15 8.10
CA ASN B 322 15.31 -14.84 9.53
C ASN B 322 16.62 -14.31 10.04
N ALA B 323 17.73 -14.84 9.51
CA ALA B 323 19.05 -14.34 9.88
C ALA B 323 19.13 -12.87 9.51
N LEU B 324 18.66 -12.55 8.31
CA LEU B 324 18.69 -11.18 7.82
C LEU B 324 17.74 -10.28 8.62
N PHE B 325 16.55 -10.79 8.91
CA PHE B 325 15.57 -10.05 9.69
C PHE B 325 16.10 -9.76 11.09
N ARG B 326 16.61 -10.79 11.74
CA ARG B 326 17.19 -10.64 13.07
C ARG B 326 18.27 -9.57 13.06
N GLY B 327 19.06 -9.55 11.98
CA GLY B 327 20.10 -8.57 11.82
C GLY B 327 19.56 -7.15 11.76
N VAL B 328 18.50 -6.94 10.98
CA VAL B 328 17.91 -5.61 10.92
C VAL B 328 17.45 -5.15 12.31
N VAL B 329 16.75 -6.04 13.01
CA VAL B 329 16.20 -5.67 14.31
C VAL B 329 17.33 -5.34 15.28
N GLN B 330 18.34 -6.20 15.33
CA GLN B 330 19.46 -5.98 16.25
C GLN B 330 20.23 -4.71 15.92
N ALA B 331 20.58 -4.54 14.64
CA ALA B 331 21.37 -3.37 14.23
C ALA B 331 20.60 -2.06 14.42
N THR B 332 19.29 -2.11 14.20
CA THR B 332 18.45 -0.95 14.47
C THR B 332 18.44 -0.60 15.96
N GLU B 333 18.18 -1.60 16.79
CA GLU B 333 18.20 -1.42 18.23
C GLU B 333 19.52 -0.79 18.68
N GLU B 334 20.63 -1.34 18.20
CA GLU B 334 21.93 -0.87 18.62
C GLU B 334 22.29 0.49 18.03
N ALA B 335 21.89 0.73 16.78
CA ALA B 335 22.15 2.04 16.17
C ALA B 335 21.52 3.13 17.01
N LEU B 336 20.34 2.86 17.54
CA LEU B 336 19.61 3.85 18.32
C LEU B 336 20.35 4.19 19.61
N VAL B 337 20.86 3.16 20.26
CA VAL B 337 21.59 3.37 21.51
C VAL B 337 22.94 4.02 21.21
N ASN B 338 23.62 3.55 20.17
CA ASN B 338 24.87 4.18 19.73
C ASN B 338 24.67 5.66 19.48
N GLN B 339 23.57 6.03 18.84
CA GLN B 339 23.29 7.45 18.63
C GLN B 339 23.30 8.19 19.97
N LEU B 340 22.51 7.72 20.92
CA LEU B 340 22.41 8.38 22.22
C LEU B 340 23.78 8.58 22.87
N VAL B 341 24.58 7.51 22.86
CA VAL B 341 25.88 7.53 23.51
C VAL B 341 26.83 8.48 22.79
N ALA B 342 26.72 8.55 21.46
CA ALA B 342 27.62 9.40 20.67
C ALA B 342 27.27 10.89 20.73
N SER B 343 26.01 11.20 21.01
CA SER B 343 25.55 12.59 21.02
C SER B 343 25.86 13.31 22.33
N GLU B 344 26.56 14.44 22.23
CA GLU B 344 26.95 15.20 23.40
C GLU B 344 26.00 16.35 23.68
N THR B 345 25.99 16.80 24.93
CA THR B 345 25.15 17.91 25.33
C THR B 345 25.38 19.06 24.38
N MET B 346 24.30 19.75 24.00
CA MET B 346 24.40 20.89 23.09
C MET B 346 23.47 22.00 23.54
N THR B 347 23.94 23.24 23.46
CA THR B 347 23.08 24.39 23.63
C THR B 347 22.96 25.02 22.26
N GLY B 348 21.74 25.42 21.89
CA GLY B 348 21.51 25.96 20.56
C GLY B 348 20.60 27.16 20.57
N ALA B 349 19.75 27.25 19.56
CA ALA B 349 18.89 28.41 19.39
C ALA B 349 18.05 28.69 20.64
N ASN B 350 17.94 29.97 20.99
CA ASN B 350 17.15 30.42 22.14
C ASN B 350 17.66 29.85 23.45
N ASN B 351 18.94 29.51 23.49
CA ASN B 351 19.56 28.95 24.68
C ASN B 351 18.89 27.66 25.15
N ALA B 352 18.30 26.94 24.20
CA ALA B 352 17.76 25.62 24.50
C ALA B 352 18.94 24.68 24.68
N LYS B 353 18.97 23.96 25.80
CA LYS B 353 20.06 23.04 26.06
C LYS B 353 19.51 21.64 26.21
N VAL B 354 20.15 20.68 25.53
CA VAL B 354 19.69 19.31 25.56
C VAL B 354 20.90 18.46 25.90
N TYR B 355 20.74 17.57 26.87
CA TYR B 355 21.87 16.80 27.38
C TYR B 355 22.07 15.49 26.64
N GLY B 356 23.32 15.12 26.42
CA GLY B 356 23.64 13.78 25.97
C GLY B 356 23.27 12.86 27.12
N ILE B 357 22.78 11.67 26.82
CA ILE B 357 22.48 10.74 27.90
C ILE B 357 23.79 10.53 28.68
N PRO B 358 23.74 10.70 30.01
CA PRO B 358 24.95 10.67 30.86
C PRO B 358 25.68 9.33 30.81
N HIS B 359 26.91 9.34 30.34
CA HIS B 359 27.69 8.10 30.22
C HIS B 359 27.89 7.42 31.57
N ASP B 360 28.25 8.20 32.59
CA ASP B 360 28.58 7.60 33.88
C ASP B 360 27.38 6.89 34.49
N GLN B 361 26.22 7.54 34.39
CA GLN B 361 24.99 6.95 34.90
C GLN B 361 24.59 5.71 34.11
N LEU B 362 24.67 5.80 32.78
CA LEU B 362 24.31 4.67 31.93
C LEU B 362 25.19 3.48 32.27
N ALA B 363 26.49 3.70 32.38
CA ALA B 363 27.42 2.61 32.68
C ALA B 363 27.11 1.98 34.04
N ARG B 364 26.81 2.81 35.02
CA ARG B 364 26.52 2.33 36.37
C ARG B 364 25.24 1.50 36.35
N ILE B 365 24.25 1.96 35.60
CA ILE B 365 22.98 1.26 35.51
C ILE B 365 23.16 -0.08 34.82
N MET B 366 23.95 -0.09 33.75
CA MET B 366 24.19 -1.31 33.00
C MET B 366 24.99 -2.31 33.82
N LYS B 367 25.92 -1.81 34.64
CA LYS B 367 26.71 -2.69 35.47
C LYS B 367 25.83 -3.33 36.53
N ALA B 368 24.90 -2.55 37.08
CA ALA B 368 23.98 -3.07 38.07
C ALA B 368 23.05 -4.13 37.46
N ARG B 369 22.58 -3.88 36.24
CA ARG B 369 21.61 -4.77 35.61
C ARG B 369 22.26 -6.03 35.06
N PHE B 370 23.46 -5.87 34.48
CA PHE B 370 24.13 -6.97 33.83
C PHE B 370 25.54 -7.20 34.40
N PRO B 371 25.61 -7.71 35.63
CA PRO B 371 26.89 -8.07 36.25
C PRO B 371 27.65 -9.09 35.42
N GLY C 1 -18.32 -21.11 -31.60
CA GLY C 1 -19.04 -19.94 -32.08
C GLY C 1 -18.12 -18.73 -32.21
N PRO C 2 -18.64 -17.63 -32.75
CA PRO C 2 -17.80 -16.45 -32.94
C PRO C 2 -17.32 -15.87 -31.61
N ARG C 3 -16.10 -15.35 -31.61
CA ARG C 3 -15.62 -14.51 -30.52
C ARG C 3 -15.68 -13.07 -30.99
N ALA C 4 -15.22 -12.12 -30.18
CA ALA C 4 -15.47 -10.72 -30.54
C ALA C 4 -14.90 -10.34 -31.92
N ARG C 5 -13.68 -10.78 -32.19
CA ARG C 5 -13.03 -10.50 -33.47
C ARG C 5 -13.86 -11.01 -34.64
N ASP C 6 -14.53 -12.14 -34.44
CA ASP C 6 -15.32 -12.76 -35.50
C ASP C 6 -16.55 -11.94 -35.85
N LEU C 7 -16.99 -11.10 -34.93
CA LEU C 7 -18.14 -10.24 -35.19
C LEU C 7 -17.70 -8.88 -35.77
N GLY C 8 -16.40 -8.72 -35.98
CA GLY C 8 -15.88 -7.51 -36.59
C GLY C 8 -15.47 -6.46 -35.57
N VAL C 9 -15.32 -6.86 -34.31
CA VAL C 9 -14.81 -5.92 -33.32
C VAL C 9 -13.31 -5.82 -33.50
N PRO C 10 -12.81 -4.60 -33.68
CA PRO C 10 -11.38 -4.40 -33.88
C PRO C 10 -10.65 -4.22 -32.55
N PHE C 11 -9.46 -4.80 -32.44
CA PHE C 11 -8.57 -4.60 -31.30
C PHE C 11 -7.16 -4.44 -31.85
N GLU C 12 -6.31 -3.77 -31.09
CA GLU C 12 -4.90 -3.64 -31.46
C GLU C 12 -4.08 -4.78 -30.85
N GLY C 13 -2.93 -5.04 -31.46
CA GLY C 13 -2.02 -6.04 -30.95
C GLY C 13 -2.21 -7.40 -31.59
N THR C 14 -1.25 -8.28 -31.34
CA THR C 14 -1.26 -9.61 -31.91
C THR C 14 -1.60 -10.64 -30.84
N PRO C 15 -2.74 -11.32 -31.00
CA PRO C 15 -3.11 -12.37 -30.05
C PRO C 15 -2.23 -13.60 -30.22
N GLY C 16 -2.11 -14.40 -29.16
CA GLY C 16 -1.50 -15.70 -29.27
C GLY C 16 -2.37 -16.61 -30.11
N ALA C 17 -1.90 -17.82 -30.36
CA ALA C 17 -2.58 -18.76 -31.24
C ALA C 17 -4.02 -19.04 -30.79
N LEU C 18 -4.21 -19.23 -29.49
CA LEU C 18 -5.52 -19.52 -28.93
C LEU C 18 -6.30 -18.26 -28.55
N ASN C 19 -5.62 -17.11 -28.51
CA ASN C 19 -6.21 -15.88 -27.98
C ASN C 19 -6.85 -16.19 -26.62
N ALA C 20 -6.05 -16.79 -25.74
CA ALA C 20 -6.55 -17.18 -24.43
C ALA C 20 -5.39 -17.22 -23.46
N ILE C 21 -5.70 -17.25 -22.18
CA ILE C 21 -4.65 -17.25 -21.18
C ILE C 21 -3.75 -18.48 -21.32
N THR C 22 -4.28 -19.56 -21.89
CA THR C 22 -3.50 -20.78 -22.10
C THR C 22 -2.46 -20.65 -23.22
N ASP C 23 -2.45 -19.50 -23.90
CA ASP C 23 -1.34 -19.22 -24.80
C ASP C 23 -0.04 -19.13 -24.01
N VAL C 24 -0.15 -18.84 -22.74
CA VAL C 24 1.01 -18.94 -21.85
C VAL C 24 1.23 -20.42 -21.53
N ALA C 25 2.32 -20.96 -22.05
CA ALA C 25 2.54 -22.40 -21.97
C ALA C 25 2.48 -22.95 -20.55
N GLY C 26 1.78 -24.07 -20.40
CA GLY C 26 1.77 -24.76 -19.13
C GLY C 26 0.60 -24.37 -18.25
N VAL C 27 -0.05 -23.25 -18.57
CA VAL C 27 -1.21 -22.83 -17.80
C VAL C 27 -2.37 -23.75 -18.15
N GLU C 28 -3.13 -24.16 -17.13
CA GLU C 28 -4.30 -25.01 -17.35
C GLU C 28 -5.52 -24.36 -16.75
N VAL C 29 -6.64 -24.45 -17.45
CA VAL C 29 -7.89 -23.89 -16.97
C VAL C 29 -8.95 -24.98 -16.93
N GLY C 30 -9.72 -25.02 -15.83
CA GLY C 30 -10.83 -25.94 -15.69
C GLY C 30 -12.06 -25.20 -15.22
N HIS C 31 -13.24 -25.62 -15.70
CA HIS C 31 -14.50 -25.09 -15.18
C HIS C 31 -15.37 -26.23 -14.66
N THR C 32 -16.12 -25.97 -13.60
CA THR C 32 -17.30 -26.76 -13.29
C THR C 32 -18.47 -25.80 -13.33
N THR C 33 -19.47 -26.15 -14.12
CA THR C 33 -20.62 -25.29 -14.35
C THR C 33 -21.84 -25.95 -13.75
N VAL C 34 -22.48 -25.28 -12.80
CA VAL C 34 -23.62 -25.85 -12.11
C VAL C 34 -24.88 -25.11 -12.51
N ILE C 35 -25.69 -25.73 -13.35
CA ILE C 35 -26.93 -25.14 -13.82
C ILE C 35 -28.04 -26.13 -13.55
N SER C 36 -28.93 -25.79 -12.63
CA SER C 36 -30.04 -26.69 -12.33
C SER C 36 -31.22 -25.95 -11.74
N GLY C 37 -32.40 -26.38 -12.07
CA GLY C 37 -33.62 -25.83 -11.53
C GLY C 37 -34.15 -24.65 -12.29
N ASP C 38 -35.42 -24.34 -12.14
CA ASP C 38 -36.01 -23.19 -12.75
C ASP C 38 -37.06 -22.60 -11.84
N GLY C 39 -37.39 -21.35 -12.02
CA GLY C 39 -38.42 -20.75 -11.24
C GLY C 39 -38.01 -20.21 -9.91
N ALA C 40 -38.97 -20.15 -9.02
CA ALA C 40 -38.78 -19.43 -7.77
C ALA C 40 -37.63 -19.97 -6.95
N MET C 41 -36.85 -19.06 -6.38
CA MET C 41 -35.71 -19.41 -5.55
C MET C 41 -36.16 -19.71 -4.13
N VAL C 42 -35.62 -20.76 -3.53
CA VAL C 42 -35.78 -21.03 -2.11
C VAL C 42 -34.38 -21.35 -1.63
N ILE C 43 -33.93 -20.66 -0.60
CA ILE C 43 -32.55 -20.82 -0.16
C ILE C 43 -32.30 -22.26 0.23
N GLY C 44 -31.26 -22.84 -0.35
CA GLY C 44 -30.92 -24.23 -0.10
C GLY C 44 -31.51 -25.16 -1.13
N LYS C 45 -32.31 -24.61 -2.06
CA LYS C 45 -32.99 -25.44 -3.05
C LYS C 45 -32.80 -24.97 -4.48
N GLY C 46 -32.01 -23.93 -4.68
CA GLY C 46 -31.81 -23.43 -6.02
C GLY C 46 -33.02 -22.61 -6.44
N PRO C 47 -33.11 -22.25 -7.73
CA PRO C 47 -32.22 -22.68 -8.80
C PRO C 47 -30.76 -22.27 -8.63
N TYR C 48 -29.87 -23.06 -9.20
CA TYR C 48 -28.44 -22.78 -9.13
C TYR C 48 -27.94 -22.41 -10.51
N ARG C 49 -27.16 -21.33 -10.55
CA ARG C 49 -26.44 -20.90 -11.74
C ARG C 49 -25.12 -20.44 -11.19
N THR C 50 -24.22 -21.38 -10.96
CA THR C 50 -22.96 -21.03 -10.31
C THR C 50 -21.89 -22.00 -10.78
N GLY C 51 -20.72 -21.91 -10.17
CA GLY C 51 -19.67 -22.83 -10.55
C GLY C 51 -18.34 -22.34 -10.03
N VAL C 52 -17.28 -22.94 -10.56
CA VAL C 52 -15.96 -22.54 -10.16
C VAL C 52 -15.03 -22.69 -11.36
N THR C 53 -14.10 -21.76 -11.49
CA THR C 53 -13.10 -21.80 -12.54
C THR C 53 -11.75 -21.94 -11.87
N ILE C 54 -10.94 -22.87 -12.37
CA ILE C 54 -9.63 -23.13 -11.81
C ILE C 54 -8.55 -22.75 -12.81
N ILE C 55 -7.53 -22.02 -12.35
CA ILE C 55 -6.37 -21.78 -13.18
C ILE C 55 -5.16 -22.34 -12.47
N HIS C 56 -4.50 -23.32 -13.08
CA HIS C 56 -3.22 -23.83 -12.54
C HIS C 56 -2.10 -23.11 -13.26
N PRO C 57 -1.33 -22.27 -12.54
CA PRO C 57 -0.30 -21.48 -13.22
C PRO C 57 0.74 -22.35 -13.93
N LEU C 58 1.12 -23.45 -13.28
CA LEU C 58 2.18 -24.32 -13.80
C LEU C 58 1.65 -25.72 -14.06
N GLY C 59 0.33 -25.84 -14.15
CA GLY C 59 -0.28 -27.15 -14.34
C GLY C 59 -0.64 -27.81 -13.03
N LYS C 60 -1.55 -28.77 -13.09
CA LYS C 60 -2.17 -29.30 -11.88
C LYS C 60 -1.24 -30.16 -11.02
N THR C 61 -0.13 -30.61 -11.59
CA THR C 61 0.81 -31.48 -10.87
C THR C 61 1.90 -30.72 -10.12
N SER C 62 1.97 -29.41 -10.35
CA SER C 62 3.04 -28.58 -9.77
C SER C 62 2.86 -28.32 -8.28
N LEU C 63 3.94 -28.46 -7.53
CA LEU C 63 3.93 -28.08 -6.12
C LEU C 63 4.67 -26.77 -5.92
N ASP C 64 5.21 -26.25 -7.02
CA ASP C 64 6.01 -25.03 -6.96
C ASP C 64 5.16 -23.77 -6.98
N GLY C 65 5.79 -22.66 -6.60
CA GLY C 65 5.12 -21.38 -6.62
C GLY C 65 5.46 -20.61 -7.87
N VAL C 66 4.64 -19.60 -8.15
CA VAL C 66 4.92 -18.68 -9.23
C VAL C 66 5.05 -17.29 -8.64
N ALA C 67 5.96 -16.49 -9.20
CA ALA C 67 6.08 -15.11 -8.79
C ALA C 67 4.77 -14.44 -9.11
N ALA C 68 4.31 -13.54 -8.25
CA ALA C 68 3.01 -12.93 -8.46
C ALA C 68 2.94 -11.54 -7.85
N GLY C 69 2.05 -10.72 -8.38
CA GLY C 69 1.80 -9.41 -7.79
C GLY C 69 0.35 -9.09 -8.07
N ARG C 70 -0.25 -8.25 -7.24
CA ARG C 70 -1.66 -7.95 -7.44
C ARG C 70 -1.93 -6.45 -7.48
N ALA C 71 -3.16 -6.11 -7.83
CA ALA C 71 -3.62 -4.73 -7.83
C ALA C 71 -5.09 -4.72 -7.46
N VAL C 72 -5.53 -3.64 -6.84
CA VAL C 72 -6.94 -3.48 -6.51
C VAL C 72 -7.46 -2.26 -7.25
N ILE C 73 -8.56 -2.44 -7.96
CA ILE C 73 -9.26 -1.30 -8.57
C ILE C 73 -10.26 -0.78 -7.54
N ASN C 74 -11.04 -1.70 -6.99
CA ASN C 74 -11.94 -1.40 -5.89
C ASN C 74 -12.07 -2.67 -5.07
N GLY C 75 -11.68 -2.60 -3.79
CA GLY C 75 -11.50 -3.78 -2.98
C GLY C 75 -12.69 -4.34 -2.23
N THR C 76 -13.90 -4.06 -2.71
CA THR C 76 -15.08 -4.56 -2.01
C THR C 76 -15.41 -5.98 -2.47
N GLY C 77 -14.62 -6.95 -2.04
CA GLY C 77 -14.81 -8.32 -2.49
C GLY C 77 -13.77 -9.15 -1.78
N GLU C 78 -13.69 -10.43 -2.11
CA GLU C 78 -12.74 -11.31 -1.46
C GLU C 78 -11.82 -11.96 -2.48
N TRP C 79 -10.54 -12.06 -2.12
CA TRP C 79 -9.59 -12.82 -2.92
C TRP C 79 -8.56 -13.29 -1.92
N THR C 80 -8.62 -14.58 -1.58
CA THR C 80 -7.74 -15.12 -0.56
C THR C 80 -6.34 -15.41 -1.13
N GLY C 81 -5.37 -15.57 -0.24
CA GLY C 81 -3.99 -15.82 -0.64
C GLY C 81 -3.24 -14.55 -1.00
N MET C 82 -3.92 -13.41 -0.93
CA MET C 82 -3.31 -12.17 -1.41
C MET C 82 -2.34 -11.55 -0.42
N HIS C 83 -2.54 -11.77 0.88
CA HIS C 83 -1.56 -11.28 1.84
C HIS C 83 -0.25 -11.97 1.57
N LEU C 84 -0.33 -13.25 1.23
CA LEU C 84 0.87 -14.02 0.89
C LEU C 84 1.57 -13.40 -0.33
N VAL C 85 0.80 -13.09 -1.36
CA VAL C 85 1.35 -12.51 -2.57
C VAL C 85 2.02 -11.17 -2.27
N ASP C 86 1.36 -10.37 -1.46
CA ASP C 86 1.90 -9.06 -1.10
C ASP C 86 3.22 -9.19 -0.37
N GLU C 87 3.27 -10.17 0.53
CA GLU C 87 4.43 -10.32 1.41
C GLU C 87 5.62 -10.96 0.71
N VAL C 88 5.43 -12.16 0.18
CA VAL C 88 6.55 -12.93 -0.34
C VAL C 88 6.56 -13.04 -1.86
N GLY C 89 5.59 -12.41 -2.51
CA GLY C 89 5.61 -12.30 -3.96
C GLY C 89 5.44 -13.59 -4.72
N GLN C 90 4.76 -14.54 -4.11
CA GLN C 90 4.44 -15.77 -4.83
C GLN C 90 3.19 -16.39 -4.23
N PHE C 91 2.57 -17.31 -4.95
CA PHE C 91 1.56 -18.16 -4.35
C PHE C 91 1.72 -19.60 -4.87
N LEU C 92 1.30 -20.54 -4.04
CA LEU C 92 1.32 -21.95 -4.40
C LEU C 92 -0.09 -22.37 -4.78
N GLY C 93 -0.19 -23.40 -5.60
CA GLY C 93 -1.48 -23.96 -5.94
C GLY C 93 -2.26 -23.13 -6.94
N PRO C 94 -3.48 -23.58 -7.23
CA PRO C 94 -4.31 -22.97 -8.27
C PRO C 94 -5.00 -21.69 -7.81
N ILE C 95 -5.44 -20.91 -8.79
CA ILE C 95 -6.38 -19.81 -8.54
C ILE C 95 -7.78 -20.35 -8.76
N ALA C 96 -8.67 -20.13 -7.80
CA ALA C 96 -10.08 -20.49 -7.99
C ALA C 96 -10.90 -19.22 -8.10
N LEU C 97 -11.75 -19.15 -9.12
CA LEU C 97 -12.67 -18.03 -9.26
C LEU C 97 -14.06 -18.60 -9.14
N THR C 98 -14.89 -18.00 -8.30
CA THR C 98 -16.18 -18.62 -8.03
C THR C 98 -17.21 -17.58 -7.63
N GLY C 99 -18.41 -18.04 -7.28
CA GLY C 99 -19.44 -17.15 -6.75
C GLY C 99 -19.22 -16.89 -5.27
N THR C 100 -19.63 -15.72 -4.80
CA THR C 100 -19.39 -15.32 -3.42
C THR C 100 -19.78 -16.35 -2.37
N GLY C 101 -20.92 -17.01 -2.58
CA GLY C 101 -21.41 -17.95 -1.59
C GLY C 101 -20.59 -19.24 -1.48
N ASN C 102 -19.65 -19.41 -2.41
CA ASN C 102 -18.91 -20.67 -2.53
C ASN C 102 -17.52 -20.58 -1.95
N VAL C 103 -17.12 -19.39 -1.52
CA VAL C 103 -15.72 -19.14 -1.18
C VAL C 103 -15.17 -20.11 -0.14
N GLY C 104 -15.89 -20.27 0.97
CA GLY C 104 -15.43 -21.15 2.04
C GLY C 104 -15.36 -22.60 1.61
N LEU C 105 -16.37 -23.06 0.89
CA LEU C 105 -16.39 -24.43 0.37
C LEU C 105 -15.22 -24.68 -0.57
N VAL C 106 -15.00 -23.75 -1.49
CA VAL C 106 -13.89 -23.89 -2.44
C VAL C 106 -12.54 -23.86 -1.72
N HIS C 107 -12.39 -22.94 -0.78
CA HIS C 107 -11.19 -22.83 0.04
C HIS C 107 -10.90 -24.17 0.72
N GLN C 108 -11.89 -24.73 1.42
CA GLN C 108 -11.62 -25.98 2.13
C GLN C 108 -11.43 -27.15 1.17
N SER C 109 -12.17 -27.15 0.07
CA SER C 109 -12.01 -28.22 -0.93
C SER C 109 -10.62 -28.21 -1.55
N MET C 110 -10.05 -27.04 -1.73
CA MET C 110 -8.71 -26.96 -2.28
C MET C 110 -7.68 -27.56 -1.33
N MET C 111 -7.88 -27.36 -0.03
CA MET C 111 -7.03 -28.02 0.96
C MET C 111 -7.19 -29.53 0.93
N ASP C 112 -8.44 -29.99 0.97
CA ASP C 112 -8.77 -31.40 0.87
C ASP C 112 -8.11 -32.01 -0.36
N TRP C 113 -8.18 -31.29 -1.48
CA TRP C 113 -7.65 -31.78 -2.75
C TRP C 113 -6.18 -32.19 -2.62
N SER C 114 -5.41 -31.38 -1.91
CA SER C 114 -4.00 -31.68 -1.68
C SER C 114 -3.80 -32.95 -0.85
N VAL C 115 -4.69 -33.21 0.10
CA VAL C 115 -4.55 -34.36 0.99
C VAL C 115 -4.58 -35.69 0.24
N GLY C 116 -3.54 -36.50 0.43
CA GLY C 116 -3.46 -37.79 -0.22
C GLY C 116 -2.71 -37.72 -1.54
N LYS C 117 -2.74 -36.55 -2.17
CA LYS C 117 -1.98 -36.32 -3.40
C LYS C 117 -0.59 -35.78 -3.08
N VAL C 118 -0.55 -34.70 -2.31
CA VAL C 118 0.70 -34.06 -1.89
C VAL C 118 1.35 -34.79 -0.71
N PRO C 119 2.68 -35.00 -0.77
CA PRO C 119 3.39 -35.65 0.34
C PRO C 119 3.14 -34.94 1.67
N GLU C 120 2.86 -35.67 2.73
CA GLU C 120 2.47 -35.05 3.99
C GLU C 120 3.42 -33.92 4.40
N GLU C 121 4.71 -34.11 4.14
CA GLU C 121 5.72 -33.13 4.50
C GLU C 121 5.64 -31.85 3.66
N ALA C 122 4.83 -31.89 2.61
CA ALA C 122 4.64 -30.72 1.75
C ALA C 122 3.25 -30.09 1.91
N LEU C 123 2.42 -30.71 2.75
CA LEU C 123 1.06 -30.23 2.93
C LEU C 123 1.02 -28.80 3.49
N PHE C 124 2.02 -28.45 4.31
CA PHE C 124 2.09 -27.12 4.90
C PHE C 124 1.95 -26.03 3.82
N SER C 125 2.51 -26.30 2.65
CA SER C 125 2.52 -25.31 1.59
C SER C 125 1.17 -25.15 0.89
N ARG C 126 0.19 -25.96 1.28
CA ARG C 126 -1.11 -25.94 0.62
C ARG C 126 -2.14 -25.24 1.48
N LEU C 127 -1.67 -24.49 2.48
CA LEU C 127 -2.58 -23.98 3.49
C LEU C 127 -3.13 -22.59 3.19
N LEU C 128 -2.73 -21.98 2.08
CA LEU C 128 -3.24 -20.65 1.73
C LEU C 128 -3.77 -20.63 0.30
N PRO C 129 -4.83 -21.39 0.05
CA PRO C 129 -5.44 -21.44 -1.28
C PRO C 129 -5.89 -20.07 -1.74
N VAL C 130 -5.82 -19.86 -3.05
CA VAL C 130 -6.17 -18.59 -3.66
C VAL C 130 -7.57 -18.69 -4.23
N VAL C 131 -8.53 -18.01 -3.61
CA VAL C 131 -9.92 -18.10 -4.02
C VAL C 131 -10.51 -16.72 -4.14
N ALA C 132 -11.10 -16.40 -5.28
CA ALA C 132 -11.70 -15.08 -5.48
C ALA C 132 -13.16 -15.22 -5.88
N GLU C 133 -13.95 -14.16 -5.68
CA GLU C 133 -15.37 -14.24 -5.96
C GLU C 133 -15.94 -13.04 -6.68
N THR C 134 -17.04 -13.29 -7.38
CA THR C 134 -17.99 -12.25 -7.74
C THR C 134 -19.37 -12.81 -7.37
N LEU C 135 -20.38 -11.95 -7.32
CA LEU C 135 -21.66 -12.34 -6.75
C LEU C 135 -22.72 -12.62 -7.82
N ASP C 136 -23.18 -13.87 -7.86
CA ASP C 136 -24.19 -14.30 -8.82
C ASP C 136 -25.60 -14.26 -8.22
N ASN C 137 -25.92 -13.17 -7.53
CA ASN C 137 -27.10 -13.15 -6.65
C ASN C 137 -28.45 -13.09 -7.35
N ARG C 138 -28.49 -12.58 -8.58
CA ARG C 138 -29.78 -12.46 -9.26
C ARG C 138 -30.19 -13.77 -9.94
N LEU C 139 -29.20 -14.51 -10.41
CA LEU C 139 -29.46 -15.72 -11.18
C LEU C 139 -29.31 -16.99 -10.37
N ASN C 140 -28.65 -16.88 -9.22
CA ASN C 140 -28.26 -18.05 -8.43
C ASN C 140 -28.71 -17.98 -6.97
N ASP C 141 -28.98 -19.14 -6.40
CA ASP C 141 -29.23 -19.27 -4.96
C ASP C 141 -27.89 -19.23 -4.22
N VAL C 142 -27.45 -18.02 -3.92
CA VAL C 142 -26.10 -17.79 -3.40
C VAL C 142 -25.79 -18.56 -2.13
N PHE C 143 -26.71 -18.53 -1.18
CA PHE C 143 -26.45 -19.16 0.12
C PHE C 143 -26.82 -20.64 0.15
N GLY C 144 -27.26 -21.18 -0.99
CA GLY C 144 -27.93 -22.46 -1.01
C GLY C 144 -27.07 -23.71 -1.16
N HIS C 145 -25.75 -23.55 -1.09
CA HIS C 145 -24.84 -24.70 -1.15
C HIS C 145 -25.00 -25.51 -2.44
N GLY C 146 -25.11 -24.83 -3.56
CA GLY C 146 -25.25 -25.51 -4.84
C GLY C 146 -23.93 -26.07 -5.33
N LEU C 147 -22.83 -25.53 -4.82
CA LEU C 147 -21.51 -26.00 -5.24
C LEU C 147 -21.01 -27.00 -4.21
N THR C 148 -20.55 -28.14 -4.68
CA THR C 148 -20.11 -29.22 -3.81
C THR C 148 -18.61 -29.39 -3.95
N ARG C 149 -18.03 -30.07 -2.98
CA ARG C 149 -16.60 -30.39 -3.05
C ARG C 149 -16.28 -31.12 -4.34
N ASP C 150 -17.18 -32.02 -4.75
CA ASP C 150 -16.97 -32.78 -5.98
C ASP C 150 -16.87 -31.90 -7.22
N HIS C 151 -17.67 -30.84 -7.25
CA HIS C 151 -17.62 -29.86 -8.35
C HIS C 151 -16.25 -29.24 -8.39
N VAL C 152 -15.73 -28.90 -7.22
CA VAL C 152 -14.43 -28.24 -7.14
C VAL C 152 -13.32 -29.21 -7.58
N PHE C 153 -13.36 -30.43 -7.06
CA PHE C 153 -12.38 -31.44 -7.49
C PHE C 153 -12.40 -31.63 -9.00
N ALA C 154 -13.59 -31.63 -9.58
CA ALA C 154 -13.73 -31.84 -11.01
C ALA C 154 -13.04 -30.74 -11.81
N ALA C 155 -13.15 -29.50 -11.34
CA ALA C 155 -12.51 -28.41 -12.07
C ALA C 155 -11.00 -28.46 -11.88
N LEU C 156 -10.56 -28.89 -10.69
CA LEU C 156 -9.15 -28.96 -10.38
C LEU C 156 -8.48 -30.05 -11.21
N ASP C 157 -9.16 -31.18 -11.29
CA ASP C 157 -8.63 -32.35 -11.97
C ASP C 157 -8.85 -32.28 -13.47
N GLY C 158 -9.90 -31.57 -13.88
CA GLY C 158 -10.28 -31.51 -15.28
C GLY C 158 -9.61 -30.40 -16.07
N ALA C 159 -8.93 -29.49 -15.38
CA ALA C 159 -8.25 -28.38 -16.04
C ALA C 159 -7.28 -28.86 -17.10
N LYS C 160 -7.11 -28.07 -18.15
CA LYS C 160 -6.22 -28.42 -19.25
C LYS C 160 -5.78 -27.18 -19.99
N GLY C 161 -4.77 -27.32 -20.83
CA GLY C 161 -4.36 -26.25 -21.72
C GLY C 161 -5.29 -26.22 -22.92
N GLY C 162 -4.85 -25.58 -24.00
CA GLY C 162 -5.65 -25.50 -25.20
C GLY C 162 -6.75 -24.47 -25.02
N PRO C 163 -7.70 -24.44 -25.98
CA PRO C 163 -8.81 -23.47 -25.97
C PRO C 163 -9.54 -23.43 -24.63
N VAL C 164 -9.90 -22.23 -24.21
CA VAL C 164 -10.59 -22.04 -22.94
C VAL C 164 -12.06 -21.72 -23.19
N ALA C 165 -12.96 -22.44 -22.54
CA ALA C 165 -14.38 -22.16 -22.71
C ALA C 165 -14.69 -20.81 -22.08
N GLU C 166 -15.45 -19.99 -22.80
CA GLU C 166 -15.82 -18.67 -22.29
C GLU C 166 -17.32 -18.62 -22.05
N GLY C 167 -17.79 -17.53 -21.45
CA GLY C 167 -19.21 -17.29 -21.35
C GLY C 167 -19.76 -17.79 -20.03
N ASN C 168 -20.91 -18.44 -20.09
CA ASN C 168 -21.61 -18.88 -18.89
C ASN C 168 -21.07 -20.17 -18.31
N VAL C 169 -19.81 -20.14 -17.90
CA VAL C 169 -19.13 -21.35 -17.46
C VAL C 169 -18.34 -21.09 -16.18
N GLY C 170 -18.15 -22.14 -15.40
CA GLY C 170 -17.34 -22.06 -14.19
C GLY C 170 -17.81 -20.96 -13.26
N GLY C 171 -16.89 -20.16 -12.77
CA GLY C 171 -17.25 -19.12 -11.81
C GLY C 171 -18.12 -18.05 -12.45
N GLY C 172 -18.07 -17.95 -13.77
CA GLY C 172 -18.80 -16.92 -14.48
C GLY C 172 -20.25 -17.27 -14.78
N THR C 173 -20.64 -18.50 -14.46
CA THR C 173 -21.94 -19.04 -14.86
C THR C 173 -23.13 -18.09 -14.64
N GLY C 174 -23.25 -17.55 -13.43
CA GLY C 174 -24.44 -16.77 -13.08
C GLY C 174 -24.20 -15.27 -13.02
N MET C 175 -23.14 -14.80 -13.66
CA MET C 175 -22.74 -13.38 -13.54
C MET C 175 -23.41 -12.48 -14.57
N ILE C 176 -23.36 -11.19 -14.32
CA ILE C 176 -24.03 -10.19 -15.13
C ILE C 176 -23.05 -9.06 -15.32
N ALA C 177 -22.80 -8.65 -16.57
CA ALA C 177 -21.83 -7.60 -16.83
C ALA C 177 -22.38 -6.58 -17.80
N TYR C 178 -22.24 -5.30 -17.44
CA TYR C 178 -22.77 -4.19 -18.25
C TYR C 178 -24.25 -4.38 -18.53
N THR C 179 -24.97 -4.95 -17.56
CA THR C 179 -26.40 -5.21 -17.69
C THR C 179 -26.73 -6.25 -18.76
N PHE C 180 -25.70 -6.89 -19.29
CA PHE C 180 -25.86 -8.01 -20.22
C PHE C 180 -25.33 -9.22 -19.47
N LYS C 181 -25.36 -10.40 -20.10
CA LYS C 181 -24.92 -11.58 -19.40
C LYS C 181 -23.41 -11.49 -19.16
N GLY C 182 -22.99 -11.73 -17.92
CA GLY C 182 -21.58 -11.73 -17.56
C GLY C 182 -21.02 -13.13 -17.68
N GLY C 183 -19.78 -13.32 -17.25
CA GLY C 183 -19.19 -14.65 -17.32
C GLY C 183 -17.69 -14.63 -17.45
N ILE C 184 -17.16 -15.62 -18.15
CA ILE C 184 -15.71 -15.77 -18.33
C ILE C 184 -15.30 -15.28 -19.71
N GLY C 185 -14.22 -14.50 -19.76
CA GLY C 185 -13.66 -14.10 -21.04
C GLY C 185 -12.16 -14.26 -21.00
N THR C 186 -11.53 -14.42 -22.15
CA THR C 186 -10.09 -14.55 -22.14
C THR C 186 -9.50 -14.02 -23.43
N SER C 187 -8.23 -13.63 -23.37
CA SER C 187 -7.54 -13.15 -24.55
C SER C 187 -6.04 -13.23 -24.25
N SER C 188 -5.23 -13.06 -25.27
CA SER C 188 -3.79 -12.99 -25.05
C SER C 188 -3.17 -12.01 -26.03
N ARG C 189 -1.94 -11.62 -25.74
CA ARG C 189 -1.12 -10.85 -26.66
C ARG C 189 0.27 -11.43 -26.70
N VAL C 190 0.81 -11.56 -27.91
CA VAL C 190 2.23 -11.81 -28.04
C VAL C 190 2.89 -10.47 -28.25
N VAL C 191 3.79 -10.13 -27.36
CA VAL C 191 4.38 -8.84 -27.38
C VAL C 191 5.83 -8.94 -27.70
N SER C 192 6.27 -7.92 -28.40
CA SER C 192 7.63 -7.75 -28.83
C SER C 192 8.35 -6.92 -27.82
N ALA C 193 9.03 -7.60 -26.94
CA ALA C 193 9.67 -6.99 -25.82
C ALA C 193 11.16 -6.79 -26.11
N GLY C 194 11.55 -5.68 -26.69
CA GLY C 194 12.92 -5.49 -27.08
C GLY C 194 13.38 -6.56 -28.05
N ASP C 195 14.30 -7.41 -27.60
CA ASP C 195 14.88 -8.44 -28.46
C ASP C 195 14.26 -9.82 -28.25
N THR C 196 13.15 -9.88 -27.50
CA THR C 196 12.49 -11.15 -27.23
C THR C 196 10.98 -10.96 -27.25
N ARG C 197 10.24 -12.02 -27.55
CA ARG C 197 8.78 -11.97 -27.46
C ARG C 197 8.28 -12.69 -26.21
N TYR C 198 7.24 -12.14 -25.61
CA TYR C 198 6.60 -12.79 -24.49
C TYR C 198 5.11 -12.84 -24.75
N THR C 199 4.44 -13.73 -24.03
CA THR C 199 3.00 -13.82 -24.12
C THR C 199 2.39 -13.30 -22.82
N VAL C 200 1.37 -12.49 -22.98
CA VAL C 200 0.56 -12.06 -21.85
C VAL C 200 -0.83 -12.63 -22.07
N GLY C 201 -1.30 -13.41 -21.11
CA GLY C 201 -2.64 -13.97 -21.18
C GLY C 201 -3.50 -13.42 -20.07
N VAL C 202 -4.76 -13.16 -20.39
CA VAL C 202 -5.69 -12.59 -19.41
C VAL C 202 -6.95 -13.43 -19.41
N LEU C 203 -7.42 -13.76 -18.21
CA LEU C 203 -8.73 -14.34 -18.04
C LEU C 203 -9.53 -13.46 -17.10
N VAL C 204 -10.77 -13.18 -17.47
CA VAL C 204 -11.62 -12.37 -16.58
C VAL C 204 -12.85 -13.16 -16.17
N GLN C 205 -13.31 -12.90 -14.95
CA GLN C 205 -14.65 -13.28 -14.55
C GLN C 205 -15.39 -11.97 -14.33
N ALA C 206 -16.31 -11.66 -15.23
CA ALA C 206 -16.90 -10.31 -15.30
C ALA C 206 -18.31 -10.30 -14.73
N ASN C 207 -18.53 -9.42 -13.74
CA ASN C 207 -19.81 -9.27 -13.08
C ASN C 207 -20.00 -7.78 -12.77
N HIS C 208 -19.53 -6.94 -13.68
CA HIS C 208 -19.36 -5.52 -13.38
C HIS C 208 -19.96 -4.64 -14.46
N GLY C 209 -20.04 -3.35 -14.15
CA GLY C 209 -20.33 -2.36 -15.17
C GLY C 209 -21.79 -2.13 -15.42
N ASP C 210 -22.09 -1.05 -16.14
CA ASP C 210 -23.45 -0.67 -16.48
CA ASP C 210 -23.39 -0.73 -16.42
C ASP C 210 -23.56 -0.57 -18.00
N ARG C 211 -24.70 -0.95 -18.54
CA ARG C 211 -24.90 -0.89 -19.97
C ARG C 211 -24.61 0.50 -20.53
N ASN C 212 -24.98 1.53 -19.78
CA ASN C 212 -24.84 2.87 -20.32
C ASN C 212 -23.40 3.37 -20.32
N ASP C 213 -22.50 2.64 -19.66
CA ASP C 213 -21.10 2.99 -19.69
C ASP C 213 -20.30 2.17 -20.71
N LEU C 214 -20.84 1.01 -21.08
CA LEU C 214 -20.09 0.08 -21.92
C LEU C 214 -19.58 0.73 -23.20
N ARG C 215 -18.27 0.58 -23.41
CA ARG C 215 -17.66 0.91 -24.69
C ARG C 215 -16.98 -0.30 -25.25
N ILE C 216 -17.22 -0.56 -26.53
CA ILE C 216 -16.52 -1.62 -27.23
C ILE C 216 -15.79 -1.00 -28.39
N ALA C 217 -14.48 -1.18 -28.40
CA ALA C 217 -13.65 -0.55 -29.41
C ALA C 217 -13.94 0.94 -29.43
N GLY C 218 -14.13 1.50 -28.24
CA GLY C 218 -14.37 2.94 -28.09
C GLY C 218 -15.79 3.40 -28.38
N VAL C 219 -16.64 2.49 -28.85
CA VAL C 219 -18.00 2.86 -29.21
C VAL C 219 -18.93 2.71 -28.02
N GLN C 220 -19.60 3.79 -27.64
CA GLN C 220 -20.55 3.73 -26.52
C GLN C 220 -21.80 3.03 -27.00
N ILE C 221 -21.94 1.76 -26.67
CA ILE C 221 -22.83 0.88 -27.39
C ILE C 221 -24.20 0.61 -26.73
N GLY C 222 -24.32 0.93 -25.45
CA GLY C 222 -25.55 0.69 -24.70
C GLY C 222 -26.77 1.25 -25.42
N LYS C 223 -26.66 2.49 -25.88
CA LYS C 223 -27.76 3.18 -26.53
C LYS C 223 -27.97 2.73 -27.97
N GLU C 224 -26.96 2.12 -28.56
CA GLU C 224 -27.06 1.65 -29.95
C GLU C 224 -27.73 0.29 -30.02
N ILE C 225 -27.71 -0.44 -28.91
CA ILE C 225 -28.36 -1.74 -28.85
C ILE C 225 -29.83 -1.55 -28.50
N LYS C 226 -30.70 -2.20 -29.27
CA LYS C 226 -32.13 -2.09 -29.00
C LYS C 226 -32.63 -3.30 -28.23
N GLY C 227 -33.39 -3.05 -27.16
CA GLY C 227 -33.90 -4.13 -26.32
C GLY C 227 -32.80 -4.81 -25.53
N ALA C 228 -33.02 -6.07 -25.19
CA ALA C 228 -32.07 -6.89 -24.44
C ALA C 228 -31.86 -6.41 -23.00
N TRP C 229 -32.79 -5.61 -22.50
CA TRP C 229 -32.78 -5.23 -21.08
C TRP C 229 -33.17 -6.42 -20.20
N PRO C 230 -32.64 -6.47 -18.96
CA PRO C 230 -32.95 -7.60 -18.11
C PRO C 230 -34.44 -7.72 -17.83
N GLU C 231 -34.91 -8.94 -17.64
CA GLU C 231 -36.32 -9.18 -17.36
C GLU C 231 -36.52 -9.92 -16.05
N VAL C 232 -37.64 -9.65 -15.40
CA VAL C 232 -38.03 -10.42 -14.24
C VAL C 232 -39.26 -11.22 -14.63
N ASN C 233 -39.09 -12.53 -14.74
CA ASN C 233 -40.16 -13.43 -15.17
C ASN C 233 -40.85 -12.92 -16.43
N GLY C 234 -40.05 -12.56 -17.44
CA GLY C 234 -40.60 -12.17 -18.73
C GLY C 234 -41.09 -10.73 -18.86
N ILE C 235 -40.93 -9.95 -17.80
CA ILE C 235 -41.31 -8.53 -17.80
C ILE C 235 -40.04 -7.72 -17.69
N VAL C 236 -39.87 -6.71 -18.55
CA VAL C 236 -38.71 -5.85 -18.42
C VAL C 236 -38.68 -5.25 -17.01
N ALA C 237 -37.54 -5.37 -16.34
CA ALA C 237 -37.41 -4.89 -14.96
C ALA C 237 -37.34 -3.37 -14.88
N ALA C 238 -37.97 -2.80 -13.86
CA ALA C 238 -37.92 -1.35 -13.65
C ALA C 238 -36.52 -0.93 -13.19
N LYS C 248 -24.52 -5.80 -5.99
CA LYS C 248 -23.08 -5.75 -5.77
C LYS C 248 -22.29 -6.42 -6.89
N ASN C 249 -21.50 -5.62 -7.60
CA ASN C 249 -20.78 -6.08 -8.76
C ASN C 249 -19.34 -6.45 -8.45
N ALA C 250 -18.64 -6.97 -9.46
CA ALA C 250 -17.24 -7.33 -9.29
C ALA C 250 -16.64 -7.74 -10.62
N LEU C 251 -15.32 -7.72 -10.67
CA LEU C 251 -14.58 -8.14 -11.85
C LEU C 251 -13.25 -8.70 -11.39
N LEU C 252 -12.97 -9.94 -11.78
CA LEU C 252 -11.71 -10.57 -11.44
C LEU C 252 -10.86 -10.73 -12.68
N ILE C 253 -9.62 -10.28 -12.61
CA ILE C 253 -8.73 -10.31 -13.77
C ILE C 253 -7.50 -11.10 -13.39
N VAL C 254 -7.23 -12.14 -14.16
CA VAL C 254 -6.04 -12.96 -13.92
C VAL C 254 -5.13 -12.80 -15.11
N ILE C 255 -3.88 -12.44 -14.85
CA ILE C 255 -2.91 -12.16 -15.88
C ILE C 255 -1.80 -13.18 -15.77
N ALA C 256 -1.52 -13.91 -16.85
CA ALA C 256 -0.38 -14.83 -16.84
C ALA C 256 0.60 -14.29 -17.85
N THR C 257 1.88 -14.42 -17.55
CA THR C 257 2.88 -14.11 -18.55
C THR C 257 4.06 -15.06 -18.44
N ASP C 258 4.68 -15.37 -19.57
CA ASP C 258 5.95 -16.10 -19.49
C ASP C 258 7.16 -15.18 -19.40
N ALA C 259 6.94 -13.86 -19.32
CA ALA C 259 8.06 -12.97 -19.03
C ALA C 259 8.61 -13.26 -17.63
N PRO C 260 9.93 -13.28 -17.48
CA PRO C 260 10.56 -13.59 -16.19
C PRO C 260 10.58 -12.35 -15.29
N LEU C 261 9.42 -12.05 -14.71
CA LEU C 261 9.28 -10.86 -13.90
C LEU C 261 9.41 -11.14 -12.42
N MET C 262 9.97 -10.17 -11.69
CA MET C 262 9.97 -10.20 -10.24
C MET C 262 8.60 -9.77 -9.73
N PRO C 263 8.29 -10.13 -8.49
CA PRO C 263 6.98 -9.81 -7.90
C PRO C 263 6.61 -8.34 -8.02
N HIS C 264 7.51 -7.41 -7.72
CA HIS C 264 7.12 -6.00 -7.77
C HIS C 264 6.79 -5.59 -9.20
N GLN C 265 7.43 -6.25 -10.16
CA GLN C 265 7.18 -5.97 -11.56
C GLN C 265 5.82 -6.53 -11.96
N LEU C 266 5.43 -7.62 -11.33
CA LEU C 266 4.13 -8.23 -11.62
C LEU C 266 3.02 -7.39 -11.00
N GLU C 267 3.31 -6.73 -9.89
CA GLU C 267 2.35 -5.75 -9.37
C GLU C 267 2.08 -4.66 -10.42
N ARG C 268 3.13 -4.21 -11.09
CA ARG C 268 2.98 -3.18 -12.12
C ARG C 268 2.10 -3.71 -13.24
N MET C 269 2.33 -4.95 -13.65
CA MET C 269 1.48 -5.59 -14.66
C MET C 269 0.03 -5.56 -14.21
N ALA C 270 -0.23 -6.00 -12.99
CA ALA C 270 -1.59 -6.02 -12.46
C ALA C 270 -2.22 -4.63 -12.48
N ARG C 271 -1.42 -3.60 -12.18
CA ARG C 271 -1.96 -2.24 -12.12
C ARG C 271 -2.40 -1.73 -13.50
N ARG C 272 -1.91 -2.36 -14.55
CA ARG C 272 -2.31 -2.00 -15.92
C ARG C 272 -3.73 -2.47 -16.25
N ALA C 273 -4.23 -3.49 -15.55
CA ALA C 273 -5.54 -4.02 -15.89
C ALA C 273 -6.59 -2.90 -15.85
N ALA C 274 -6.47 -2.00 -14.87
CA ALA C 274 -7.42 -0.90 -14.71
C ALA C 274 -7.54 -0.06 -15.98
N LEU C 275 -6.43 0.13 -16.68
CA LEU C 275 -6.46 0.95 -17.88
C LEU C 275 -7.27 0.25 -18.96
N GLY C 276 -7.16 -1.08 -19.03
CA GLY C 276 -7.93 -1.87 -19.97
C GLY C 276 -9.41 -1.83 -19.61
N VAL C 277 -9.70 -1.92 -18.32
CA VAL C 277 -11.06 -1.77 -17.83
C VAL C 277 -11.60 -0.37 -18.17
N GLY C 278 -10.76 0.65 -18.00
CA GLY C 278 -11.13 2.01 -18.34
C GLY C 278 -11.54 2.19 -19.79
N ARG C 279 -10.83 1.51 -20.69
CA ARG C 279 -11.15 1.63 -22.12
C ARG C 279 -12.57 1.22 -22.38
N ASN C 280 -13.06 0.24 -21.62
CA ASN C 280 -14.42 -0.26 -21.83
C ASN C 280 -15.52 0.47 -21.06
N GLY C 281 -15.13 1.54 -20.38
CA GLY C 281 -16.12 2.52 -19.98
C GLY C 281 -16.62 2.51 -18.55
N SER C 282 -16.41 1.41 -17.82
CA SER C 282 -16.96 1.38 -16.46
C SER C 282 -16.17 2.30 -15.53
N THR C 283 -16.71 2.60 -14.36
CA THR C 283 -16.13 3.62 -13.51
C THR C 283 -15.89 3.11 -12.09
N ALA C 284 -15.96 1.78 -11.93
CA ALA C 284 -15.66 1.11 -10.67
C ALA C 284 -16.59 1.57 -9.55
N GLY C 285 -17.78 0.97 -9.51
CA GLY C 285 -18.76 1.37 -8.53
C GLY C 285 -18.32 1.13 -7.11
N ALA C 286 -18.96 1.83 -6.20
CA ALA C 286 -18.63 1.77 -4.77
C ALA C 286 -18.59 0.35 -4.19
N LEU C 287 -19.48 -0.53 -4.63
CA LEU C 287 -19.50 -1.89 -4.11
C LEU C 287 -18.97 -2.91 -5.10
N SER C 288 -18.27 -2.44 -6.11
CA SER C 288 -17.81 -3.31 -7.18
C SER C 288 -16.41 -3.84 -6.87
N GLY C 289 -16.32 -5.13 -6.56
CA GLY C 289 -15.06 -5.73 -6.17
C GLY C 289 -14.22 -6.04 -7.40
N GLU C 290 -13.29 -5.15 -7.72
CA GLU C 290 -12.54 -5.26 -8.95
C GLU C 290 -11.05 -5.40 -8.65
N PHE C 291 -10.50 -6.55 -9.02
CA PHE C 291 -9.16 -6.96 -8.61
C PHE C 291 -8.40 -7.54 -9.79
N ALA C 292 -7.08 -7.43 -9.75
CA ALA C 292 -6.25 -8.13 -10.73
C ALA C 292 -5.07 -8.83 -10.07
N LEU C 293 -4.74 -10.01 -10.58
CA LEU C 293 -3.63 -10.80 -10.08
C LEU C 293 -2.78 -11.22 -11.26
N ALA C 294 -1.48 -10.95 -11.19
CA ALA C 294 -0.57 -11.31 -12.28
C ALA C 294 0.48 -12.28 -11.79
N PHE C 295 0.81 -13.28 -12.60
CA PHE C 295 1.86 -14.20 -12.23
C PHE C 295 2.75 -14.49 -13.42
N SER C 296 3.99 -14.86 -13.14
CA SER C 296 4.91 -15.26 -14.19
C SER C 296 5.06 -16.78 -14.18
N THR C 297 5.08 -17.38 -15.37
CA THR C 297 5.26 -18.83 -15.44
C THR C 297 6.72 -19.21 -15.65
N SER C 298 7.59 -18.23 -15.81
CA SER C 298 9.01 -18.53 -15.96
C SER C 298 9.80 -18.24 -14.69
N HIS C 299 9.33 -17.27 -13.90
CA HIS C 299 9.92 -17.03 -12.59
C HIS C 299 9.20 -17.93 -11.61
N VAL C 300 9.73 -19.13 -11.40
CA VAL C 300 9.08 -20.12 -10.57
C VAL C 300 9.91 -20.40 -9.34
N ILE C 301 9.25 -20.82 -8.27
CA ILE C 301 9.92 -21.04 -7.01
C ILE C 301 9.67 -22.45 -6.52
N PRO C 302 10.60 -23.35 -6.83
CA PRO C 302 10.51 -24.73 -6.37
C PRO C 302 10.24 -24.73 -4.88
N LEU C 303 9.31 -25.57 -4.44
CA LEU C 303 8.97 -25.65 -3.04
C LEU C 303 10.22 -25.90 -2.19
N GLY C 304 10.53 -24.95 -1.32
CA GLY C 304 11.68 -25.06 -0.44
C GLY C 304 13.02 -25.06 -1.16
N GLY C 305 13.05 -24.52 -2.37
CA GLY C 305 14.27 -24.52 -3.16
C GLY C 305 14.66 -23.14 -3.65
N LYS C 306 15.62 -23.09 -4.57
CA LYS C 306 16.11 -21.81 -5.06
C LYS C 306 15.20 -21.29 -6.16
N PRO C 307 14.77 -20.02 -6.05
CA PRO C 307 13.96 -19.43 -7.11
C PRO C 307 14.64 -19.57 -8.45
N ARG C 308 13.86 -19.92 -9.47
CA ARG C 308 14.38 -19.99 -10.82
C ARG C 308 13.94 -18.77 -11.59
N LEU C 309 14.91 -17.92 -11.93
CA LEU C 309 14.67 -16.72 -12.70
C LEU C 309 15.56 -16.80 -13.95
N PRO C 310 15.00 -17.26 -15.07
CA PRO C 310 15.78 -17.62 -16.26
C PRO C 310 16.47 -16.43 -16.89
N ALA C 311 15.85 -15.26 -16.75
CA ALA C 311 16.36 -14.01 -17.29
C ALA C 311 15.84 -12.92 -16.38
N ILE C 312 16.40 -11.72 -16.52
CA ILE C 312 16.01 -10.66 -15.61
C ILE C 312 15.79 -9.39 -16.40
N ILE C 313 14.76 -8.63 -16.02
CA ILE C 313 14.36 -7.46 -16.76
C ILE C 313 14.44 -6.23 -15.88
N ASN C 314 14.96 -5.15 -16.45
CA ASN C 314 15.11 -3.88 -15.77
C ASN C 314 13.80 -3.10 -15.85
N ASP C 315 13.29 -2.66 -14.71
CA ASP C 315 12.01 -1.94 -14.65
C ASP C 315 12.00 -0.68 -15.50
N THR C 316 13.18 -0.12 -15.74
CA THR C 316 13.28 1.10 -16.51
C THR C 316 13.55 0.81 -17.98
N ASP C 317 13.52 -0.47 -18.35
CA ASP C 317 13.65 -0.88 -19.75
C ASP C 317 12.28 -0.69 -20.42
N SER C 318 12.03 0.51 -20.92
CA SER C 318 10.72 0.83 -21.48
CA SER C 318 10.74 0.86 -21.49
C SER C 318 10.37 -0.01 -22.70
N GLU C 319 11.34 -0.30 -23.54
CA GLU C 319 11.07 -1.14 -24.69
C GLU C 319 10.43 -2.47 -24.24
N THR C 320 11.02 -3.09 -23.24
CA THR C 320 10.52 -4.37 -22.74
C THR C 320 9.26 -4.20 -21.89
N MET C 321 9.31 -3.34 -20.88
CA MET C 321 8.19 -3.22 -19.96
C MET C 321 6.96 -2.67 -20.65
N ASN C 322 7.13 -1.66 -21.51
CA ASN C 322 5.98 -1.08 -22.18
C ASN C 322 5.24 -2.06 -23.08
N ALA C 323 5.99 -2.95 -23.74
CA ALA C 323 5.36 -3.99 -24.56
C ALA C 323 4.51 -4.90 -23.69
N LEU C 324 5.02 -5.26 -22.51
CA LEU C 324 4.28 -6.12 -21.60
C LEU C 324 3.04 -5.40 -21.06
N PHE C 325 3.23 -4.13 -20.67
CA PHE C 325 2.15 -3.32 -20.13
C PHE C 325 1.03 -3.14 -21.15
N ARG C 326 1.42 -2.83 -22.38
CA ARG C 326 0.45 -2.67 -23.46
C ARG C 326 -0.30 -3.98 -23.66
N GLY C 327 0.43 -5.08 -23.58
CA GLY C 327 -0.16 -6.40 -23.66
C GLY C 327 -1.25 -6.61 -22.62
N VAL C 328 -0.97 -6.19 -21.39
CA VAL C 328 -1.97 -6.35 -20.34
C VAL C 328 -3.21 -5.53 -20.66
N VAL C 329 -3.00 -4.29 -21.08
CA VAL C 329 -4.13 -3.40 -21.36
C VAL C 329 -5.00 -3.97 -22.48
N GLN C 330 -4.37 -4.36 -23.58
CA GLN C 330 -5.10 -4.82 -24.74
C GLN C 330 -5.78 -6.16 -24.48
N ALA C 331 -5.07 -7.09 -23.85
CA ALA C 331 -5.65 -8.40 -23.57
C ALA C 331 -6.81 -8.31 -22.57
N THR C 332 -6.69 -7.38 -21.62
CA THR C 332 -7.78 -7.15 -20.68
C THR C 332 -9.01 -6.59 -21.42
N GLU C 333 -8.76 -5.56 -22.22
CA GLU C 333 -9.83 -4.94 -22.99
C GLU C 333 -10.54 -5.98 -23.84
N GLU C 334 -9.78 -6.79 -24.54
CA GLU C 334 -10.37 -7.82 -25.38
C GLU C 334 -11.02 -8.96 -24.61
N ALA C 335 -10.39 -9.39 -23.52
CA ALA C 335 -11.01 -10.44 -22.71
C ALA C 335 -12.42 -10.03 -22.23
N LEU C 336 -12.57 -8.76 -21.86
CA LEU C 336 -13.88 -8.25 -21.42
C LEU C 336 -14.93 -8.34 -22.53
N VAL C 337 -14.54 -7.99 -23.75
CA VAL C 337 -15.47 -8.04 -24.87
C VAL C 337 -15.74 -9.48 -25.27
N ASN C 338 -14.69 -10.30 -25.27
CA ASN C 338 -14.85 -11.73 -25.53
C ASN C 338 -15.83 -12.38 -24.55
N GLN C 339 -15.79 -11.95 -23.30
CA GLN C 339 -16.75 -12.47 -22.32
C GLN C 339 -18.17 -12.19 -22.79
N LEU C 340 -18.45 -10.91 -23.08
CA LEU C 340 -19.80 -10.52 -23.48
C LEU C 340 -20.29 -11.38 -24.65
N VAL C 341 -19.44 -11.53 -25.65
CA VAL C 341 -19.80 -12.24 -26.88
C VAL C 341 -20.03 -13.71 -26.59
N ALA C 342 -19.26 -14.26 -25.67
CA ALA C 342 -19.35 -15.69 -25.37
C ALA C 342 -20.58 -16.02 -24.53
N SER C 343 -21.03 -15.06 -23.72
CA SER C 343 -22.10 -15.31 -22.76
C SER C 343 -23.49 -15.23 -23.41
N GLU C 344 -24.24 -16.32 -23.32
CA GLU C 344 -25.56 -16.35 -23.93
C GLU C 344 -26.64 -15.95 -22.95
N THR C 345 -27.78 -15.53 -23.47
CA THR C 345 -28.93 -15.23 -22.64
C THR C 345 -29.19 -16.39 -21.68
N MET C 346 -29.47 -16.04 -20.43
CA MET C 346 -29.74 -17.03 -19.41
C MET C 346 -30.93 -16.61 -18.56
N THR C 347 -31.78 -17.58 -18.27
CA THR C 347 -32.82 -17.39 -17.28
C THR C 347 -32.43 -18.23 -16.08
N GLY C 348 -32.52 -17.66 -14.89
CA GLY C 348 -32.07 -18.34 -13.68
C GLY C 348 -33.08 -18.22 -12.55
N ALA C 349 -32.59 -18.07 -11.33
CA ALA C 349 -33.44 -18.04 -10.15
C ALA C 349 -34.53 -17.01 -10.31
N ASN C 350 -35.73 -17.35 -9.83
CA ASN C 350 -36.91 -16.47 -9.93
C ASN C 350 -37.23 -16.08 -11.36
N ASN C 351 -36.79 -16.89 -12.31
CA ASN C 351 -36.99 -16.56 -13.71
C ASN C 351 -36.44 -15.17 -14.08
N ALA C 352 -35.41 -14.74 -13.36
CA ALA C 352 -34.65 -13.57 -13.76
C ALA C 352 -33.93 -13.90 -15.05
N LYS C 353 -33.96 -12.99 -16.00
CA LYS C 353 -33.41 -13.24 -17.31
C LYS C 353 -32.49 -12.10 -17.69
N VAL C 354 -31.30 -12.46 -18.14
CA VAL C 354 -30.32 -11.47 -18.56
C VAL C 354 -29.84 -11.86 -19.95
N TYR C 355 -29.78 -10.89 -20.86
CA TYR C 355 -29.47 -11.20 -22.26
C TYR C 355 -27.99 -11.15 -22.55
N GLY C 356 -27.52 -12.07 -23.38
CA GLY C 356 -26.20 -11.94 -23.97
C GLY C 356 -26.26 -10.75 -24.89
N ILE C 357 -25.18 -10.00 -24.99
CA ILE C 357 -25.18 -8.88 -25.90
C ILE C 357 -25.47 -9.41 -27.32
N PRO C 358 -26.43 -8.79 -28.01
CA PRO C 358 -26.92 -9.31 -29.30
C PRO C 358 -25.83 -9.33 -30.36
N HIS C 359 -25.51 -10.50 -30.91
CA HIS C 359 -24.42 -10.58 -31.89
C HIS C 359 -24.73 -9.83 -33.17
N ASP C 360 -25.97 -9.95 -33.63
CA ASP C 360 -26.36 -9.31 -34.87
C ASP C 360 -26.25 -7.80 -34.75
N GLN C 361 -26.72 -7.26 -33.62
CA GLN C 361 -26.65 -5.83 -33.39
C GLN C 361 -25.21 -5.39 -33.23
N LEU C 362 -24.43 -6.16 -32.48
CA LEU C 362 -23.03 -5.84 -32.28
C LEU C 362 -22.29 -5.78 -33.62
N ALA C 363 -22.52 -6.77 -34.46
CA ALA C 363 -21.85 -6.80 -35.76
C ALA C 363 -22.25 -5.59 -36.61
N ARG C 364 -23.53 -5.25 -36.58
CA ARG C 364 -24.05 -4.12 -37.35
C ARG C 364 -23.38 -2.83 -36.92
N ILE C 365 -23.24 -2.65 -35.61
CA ILE C 365 -22.65 -1.45 -35.06
C ILE C 365 -21.17 -1.33 -35.44
N MET C 366 -20.45 -2.44 -35.30
CA MET C 366 -19.03 -2.46 -35.67
C MET C 366 -18.85 -2.16 -37.15
N LYS C 367 -19.72 -2.73 -37.98
CA LYS C 367 -19.60 -2.47 -39.41
C LYS C 367 -19.88 -1.00 -39.71
N ALA C 368 -20.84 -0.42 -38.99
CA ALA C 368 -21.23 0.96 -39.24
C ALA C 368 -20.12 1.92 -38.79
N ARG C 369 -19.42 1.56 -37.73
CA ARG C 369 -18.45 2.45 -37.11
C ARG C 369 -17.05 2.29 -37.69
N PHE C 370 -16.76 1.11 -38.23
CA PHE C 370 -15.43 0.82 -38.78
C PHE C 370 -15.49 0.34 -40.22
N PRO C 371 -15.89 1.23 -41.14
CA PRO C 371 -15.83 0.84 -42.55
C PRO C 371 -14.40 0.96 -43.09
N GLY D 1 -10.48 31.26 -26.51
CA GLY D 1 -10.17 30.16 -27.40
C GLY D 1 -11.07 28.96 -27.18
N PRO D 2 -11.29 28.17 -28.24
CA PRO D 2 -12.16 26.99 -28.14
C PRO D 2 -11.56 25.99 -27.18
N ARG D 3 -12.40 25.28 -26.43
CA ARG D 3 -11.93 24.14 -25.66
C ARG D 3 -12.46 22.89 -26.37
N ALA D 4 -12.21 21.71 -25.82
CA ALA D 4 -12.61 20.47 -26.50
C ALA D 4 -14.06 20.45 -26.98
N ARG D 5 -15.00 20.83 -26.11
CA ARG D 5 -16.41 20.81 -26.47
C ARG D 5 -16.68 21.71 -27.68
N ASP D 6 -15.93 22.80 -27.80
CA ASP D 6 -16.18 23.76 -28.87
C ASP D 6 -15.70 23.25 -30.21
N LEU D 7 -14.84 22.22 -30.18
CA LEU D 7 -14.36 21.58 -31.39
C LEU D 7 -15.23 20.37 -31.72
N GLY D 8 -16.32 20.19 -30.98
CA GLY D 8 -17.27 19.13 -31.26
C GLY D 8 -16.96 17.80 -30.60
N VAL D 9 -16.04 17.79 -29.65
CA VAL D 9 -15.77 16.57 -28.89
C VAL D 9 -16.91 16.37 -27.90
N PRO D 10 -17.57 15.20 -27.95
CA PRO D 10 -18.63 14.97 -26.97
C PRO D 10 -18.08 14.37 -25.67
N PHE D 11 -18.68 14.75 -24.55
CA PHE D 11 -18.38 14.15 -23.26
C PHE D 11 -19.70 13.96 -22.53
N GLU D 12 -19.71 13.03 -21.59
CA GLU D 12 -20.90 12.81 -20.77
C GLU D 12 -20.80 13.58 -19.48
N GLY D 13 -21.96 13.84 -18.86
CA GLY D 13 -22.00 14.54 -17.60
C GLY D 13 -22.23 16.03 -17.77
N THR D 14 -22.35 16.71 -16.64
CA THR D 14 -22.60 18.14 -16.66
C THR D 14 -21.46 18.90 -16.01
N PRO D 15 -20.72 19.69 -16.80
CA PRO D 15 -19.64 20.46 -16.20
C PRO D 15 -20.18 21.59 -15.32
N GLY D 16 -19.35 22.06 -14.41
CA GLY D 16 -19.63 23.27 -13.67
C GLY D 16 -19.60 24.44 -14.64
N ALA D 17 -19.97 25.62 -14.15
CA ALA D 17 -20.09 26.80 -14.98
C ALA D 17 -18.78 27.12 -15.69
N LEU D 18 -17.66 26.98 -14.99
CA LEU D 18 -16.35 27.27 -15.55
C LEU D 18 -15.76 26.06 -16.29
N ASN D 19 -16.36 24.90 -16.09
CA ASN D 19 -15.75 23.64 -16.53
C ASN D 19 -14.26 23.65 -16.18
N ALA D 20 -13.98 23.81 -14.89
CA ALA D 20 -12.62 23.89 -14.39
C ALA D 20 -12.57 23.49 -12.93
N ILE D 21 -11.37 23.26 -12.44
CA ILE D 21 -11.20 22.86 -11.04
C ILE D 21 -11.74 23.94 -10.09
N THR D 22 -11.70 25.19 -10.54
CA THR D 22 -12.19 26.31 -9.74
C THR D 22 -13.72 26.38 -9.64
N ASP D 23 -14.42 25.48 -10.33
CA ASP D 23 -15.84 25.30 -10.05
C ASP D 23 -16.07 24.82 -8.63
N VAL D 24 -15.04 24.28 -8.01
CA VAL D 24 -15.12 23.96 -6.59
C VAL D 24 -14.79 25.25 -5.85
N ALA D 25 -15.77 25.79 -5.13
CA ALA D 25 -15.65 27.12 -4.55
C ALA D 25 -14.42 27.25 -3.67
N GLY D 26 -13.73 28.38 -3.79
CA GLY D 26 -12.60 28.69 -2.92
C GLY D 26 -11.25 28.20 -3.42
N VAL D 27 -11.25 27.25 -4.35
CA VAL D 27 -10.01 26.79 -4.95
C VAL D 27 -9.43 27.90 -5.81
N GLU D 28 -8.14 28.16 -5.65
CA GLU D 28 -7.47 29.17 -6.44
C GLU D 28 -6.33 28.55 -7.22
N VAL D 29 -6.11 29.05 -8.43
CA VAL D 29 -5.06 28.52 -9.29
C VAL D 29 -4.22 29.68 -9.81
N GLY D 30 -2.90 29.49 -9.82
CA GLY D 30 -1.99 30.46 -10.38
C GLY D 30 -0.91 29.79 -11.22
N HIS D 31 -0.51 30.46 -12.30
CA HIS D 31 0.55 29.91 -13.15
C HIS D 31 1.66 30.94 -13.24
N THR D 32 2.90 30.48 -13.22
CA THR D 32 3.99 31.29 -13.74
C THR D 32 4.61 30.53 -14.89
N THR D 33 4.73 31.21 -16.03
CA THR D 33 5.14 30.58 -17.27
C THR D 33 6.47 31.19 -17.71
N VAL D 34 7.47 30.35 -17.90
CA VAL D 34 8.82 30.81 -18.22
C VAL D 34 9.20 30.33 -19.62
N ILE D 35 9.29 31.28 -20.55
CA ILE D 35 9.62 30.97 -21.92
C ILE D 35 10.67 31.96 -22.36
N SER D 36 11.88 31.48 -22.58
CA SER D 36 12.95 32.38 -23.01
C SER D 36 14.02 31.59 -23.73
N GLY D 37 14.65 32.23 -24.70
CA GLY D 37 15.72 31.60 -25.45
C GLY D 37 15.22 30.75 -26.59
N ASP D 38 16.11 30.54 -27.56
CA ASP D 38 15.82 29.71 -28.72
C ASP D 38 17.11 28.97 -29.05
N GLY D 39 16.99 27.86 -29.75
CA GLY D 39 18.15 27.21 -30.33
C GLY D 39 18.81 26.19 -29.43
N ALA D 40 20.10 25.97 -29.68
CA ALA D 40 20.85 24.92 -29.01
C ALA D 40 20.81 25.07 -27.50
N MET D 41 20.57 23.95 -26.83
CA MET D 41 20.53 23.97 -25.39
C MET D 41 21.93 23.86 -24.81
N VAL D 42 22.22 24.71 -23.85
CA VAL D 42 23.42 24.61 -23.05
C VAL D 42 22.95 24.64 -21.60
N ILE D 43 23.23 23.58 -20.85
CA ILE D 43 22.75 23.51 -19.47
C ILE D 43 23.20 24.74 -18.69
N GLY D 44 22.25 25.43 -18.09
CA GLY D 44 22.53 26.64 -17.34
C GLY D 44 22.22 27.90 -18.15
N LYS D 45 22.00 27.73 -19.45
CA LYS D 45 21.75 28.88 -20.31
C LYS D 45 20.42 28.81 -21.07
N GLY D 46 19.66 27.75 -20.87
CA GLY D 46 18.42 27.58 -21.61
C GLY D 46 18.65 26.96 -22.97
N PRO D 47 17.66 27.05 -23.87
CA PRO D 47 16.39 27.75 -23.71
C PRO D 47 15.54 27.16 -22.59
N TYR D 48 14.64 27.97 -22.07
CA TYR D 48 13.74 27.54 -21.00
C TYR D 48 12.30 27.51 -21.50
N ARG D 49 11.63 26.41 -21.22
CA ARG D 49 10.22 26.30 -21.43
C ARG D 49 9.73 25.56 -20.20
N THR D 50 9.47 26.29 -19.13
CA THR D 50 9.09 25.67 -17.89
C THR D 50 8.21 26.61 -17.08
N GLY D 51 7.93 26.23 -15.84
CA GLY D 51 7.07 27.07 -15.03
C GLY D 51 6.56 26.31 -13.83
N VAL D 52 5.58 26.90 -13.16
CA VAL D 52 4.99 26.29 -11.99
C VAL D 52 3.52 26.65 -11.95
N THR D 53 2.71 25.69 -11.52
CA THR D 53 1.29 25.91 -11.36
C THR D 53 0.99 25.68 -9.90
N ILE D 54 0.22 26.60 -9.31
CA ILE D 54 -0.14 26.55 -7.90
C ILE D 54 -1.63 26.33 -7.75
N ILE D 55 -2.00 25.41 -6.88
CA ILE D 55 -3.41 25.23 -6.52
C ILE D 55 -3.52 25.42 -5.01
N HIS D 56 -4.25 26.46 -4.58
CA HIS D 56 -4.58 26.65 -3.16
C HIS D 56 -5.93 26.01 -2.91
N PRO D 57 -5.96 24.90 -2.14
CA PRO D 57 -7.23 24.19 -1.95
C PRO D 57 -8.31 25.05 -1.31
N LEU D 58 -7.91 25.90 -0.36
CA LEU D 58 -8.86 26.73 0.39
C LEU D 58 -8.57 28.21 0.20
N GLY D 59 -7.82 28.55 -0.85
CA GLY D 59 -7.40 29.92 -1.06
C GLY D 59 -6.06 30.23 -0.42
N LYS D 60 -5.38 31.24 -0.94
CA LYS D 60 -4.00 31.51 -0.53
C LYS D 60 -3.80 31.94 0.92
N THR D 61 -4.85 32.44 1.58
CA THR D 61 -4.68 32.86 2.97
C THR D 61 -5.05 31.80 4.00
N SER D 62 -5.45 30.61 3.55
CA SER D 62 -5.88 29.59 4.50
C SER D 62 -4.68 28.95 5.20
N LEU D 63 -4.80 28.75 6.49
CA LEU D 63 -3.78 28.03 7.25
C LEU D 63 -4.24 26.60 7.49
N ASP D 64 -5.46 26.30 7.06
CA ASP D 64 -6.09 25.03 7.39
C ASP D 64 -5.73 23.92 6.42
N GLY D 65 -5.92 22.69 6.87
CA GLY D 65 -5.67 21.53 6.02
C GLY D 65 -6.94 21.10 5.32
N VAL D 66 -6.78 20.38 4.22
CA VAL D 66 -7.91 19.71 3.60
C VAL D 66 -7.74 18.22 3.72
N ALA D 67 -8.84 17.50 3.91
CA ALA D 67 -8.78 16.04 3.84
C ALA D 67 -8.30 15.65 2.45
N ALA D 68 -7.50 14.59 2.38
CA ALA D 68 -6.94 14.24 1.09
C ALA D 68 -6.56 12.77 1.02
N GLY D 69 -6.46 12.26 -0.20
CA GLY D 69 -6.06 10.88 -0.42
C GLY D 69 -5.47 10.81 -1.80
N ARG D 70 -4.53 9.90 -2.01
CA ARG D 70 -3.85 9.84 -3.30
C ARG D 70 -3.92 8.47 -3.95
N ALA D 71 -3.49 8.38 -5.19
CA ALA D 71 -3.39 7.11 -5.91
C ALA D 71 -2.20 7.18 -6.83
N VAL D 72 -1.57 6.02 -7.05
CA VAL D 72 -0.44 5.94 -7.96
C VAL D 72 -0.80 5.02 -9.11
N ILE D 73 -0.69 5.54 -10.34
CA ILE D 73 -0.86 4.70 -11.51
C ILE D 73 0.49 4.10 -11.84
N ASN D 74 1.50 4.95 -11.94
CA ASN D 74 2.87 4.49 -12.09
C ASN D 74 3.78 5.47 -11.39
N GLY D 75 4.51 4.99 -10.40
CA GLY D 75 5.18 5.88 -9.46
C GLY D 75 6.58 6.38 -9.78
N THR D 76 6.98 6.35 -11.05
CA THR D 76 8.29 6.87 -11.43
C THR D 76 8.26 8.40 -11.56
N GLY D 77 8.26 9.08 -10.43
CA GLY D 77 8.13 10.52 -10.42
C GLY D 77 8.15 11.01 -9.00
N GLU D 78 8.02 12.32 -8.83
CA GLU D 78 8.04 12.87 -7.48
C GLU D 78 6.80 13.65 -7.19
N TRP D 79 6.31 13.48 -5.97
CA TRP D 79 5.19 14.26 -5.46
C TRP D 79 5.40 14.29 -3.96
N THR D 80 5.87 15.43 -3.46
CA THR D 80 6.19 15.57 -2.05
C THR D 80 4.93 15.81 -1.23
N GLY D 81 5.04 15.63 0.09
CA GLY D 81 3.90 15.77 0.98
C GLY D 81 2.94 14.60 0.95
N MET D 82 3.28 13.55 0.19
CA MET D 82 2.37 12.41 0.05
C MET D 82 2.46 11.37 1.18
N HIS D 83 3.60 11.29 1.86
CA HIS D 83 3.65 10.44 3.05
C HIS D 83 2.70 10.98 4.08
N LEU D 84 2.66 12.30 4.19
CA LEU D 84 1.76 12.96 5.14
C LEU D 84 0.31 12.63 4.81
N VAL D 85 -0.05 12.76 3.54
CA VAL D 85 -1.40 12.44 3.09
C VAL D 85 -1.77 10.99 3.40
N ASP D 86 -0.87 10.07 3.13
CA ASP D 86 -1.14 8.66 3.39
C ASP D 86 -1.36 8.41 4.88
N GLU D 87 -0.61 9.10 5.71
CA GLU D 87 -0.62 8.83 7.15
C GLU D 87 -1.80 9.49 7.85
N VAL D 88 -1.92 10.80 7.70
CA VAL D 88 -2.91 11.54 8.48
C VAL D 88 -4.09 12.05 7.65
N GLY D 89 -4.07 11.80 6.35
CA GLY D 89 -5.21 12.10 5.49
C GLY D 89 -5.49 13.57 5.27
N GLN D 90 -4.47 14.40 5.35
CA GLN D 90 -4.64 15.80 5.03
C GLN D 90 -3.31 16.38 4.60
N PHE D 91 -3.35 17.54 3.98
CA PHE D 91 -2.13 18.30 3.76
C PHE D 91 -2.44 19.78 3.91
N LEU D 92 -1.42 20.52 4.29
CA LEU D 92 -1.52 21.95 4.52
C LEU D 92 -0.84 22.64 3.35
N GLY D 93 -1.25 23.87 3.08
CA GLY D 93 -0.57 24.67 2.08
C GLY D 93 -0.99 24.30 0.69
N PRO D 94 -0.35 24.92 -0.31
CA PRO D 94 -0.71 24.78 -1.72
C PRO D 94 -0.18 23.51 -2.33
N ILE D 95 -0.75 23.12 -3.47
CA ILE D 95 -0.12 22.12 -4.33
C ILE D 95 0.65 22.88 -5.39
N ALA D 96 1.90 22.49 -5.61
CA ALA D 96 2.64 23.05 -6.72
C ALA D 96 2.94 21.96 -7.75
N LEU D 97 2.68 22.28 -9.01
CA LEU D 97 2.98 21.36 -10.11
C LEU D 97 4.02 22.04 -10.97
N THR D 98 5.11 21.34 -11.27
CA THR D 98 6.20 21.99 -11.97
C THR D 98 7.00 20.98 -12.77
N GLY D 99 8.12 21.43 -13.33
CA GLY D 99 9.02 20.56 -14.08
C GLY D 99 10.00 19.91 -13.12
N THR D 100 10.48 18.73 -13.47
CA THR D 100 11.29 17.92 -12.57
C THR D 100 12.50 18.66 -12.01
N GLY D 101 13.11 19.48 -12.85
CA GLY D 101 14.31 20.19 -12.45
C GLY D 101 14.08 21.25 -11.39
N ASN D 102 12.81 21.62 -11.18
CA ASN D 102 12.45 22.75 -10.30
C ASN D 102 11.97 22.32 -8.92
N VAL D 103 11.89 21.01 -8.68
CA VAL D 103 11.24 20.52 -7.47
C VAL D 103 11.80 21.10 -6.17
N GLY D 104 13.11 21.02 -6.02
CA GLY D 104 13.76 21.50 -4.80
C GLY D 104 13.62 23.00 -4.64
N LEU D 105 13.82 23.73 -5.72
CA LEU D 105 13.63 25.18 -5.70
C LEU D 105 12.22 25.56 -5.27
N VAL D 106 11.23 24.90 -5.86
CA VAL D 106 9.84 25.18 -5.52
C VAL D 106 9.54 24.81 -4.06
N HIS D 107 10.08 23.68 -3.62
CA HIS D 107 9.87 23.17 -2.27
C HIS D 107 10.39 24.20 -1.27
N GLN D 108 11.62 24.66 -1.48
CA GLN D 108 12.18 25.64 -0.54
C GLN D 108 11.48 26.99 -0.67
N SER D 109 11.10 27.35 -1.89
CA SER D 109 10.43 28.63 -2.12
C SER D 109 9.09 28.68 -1.40
N MET D 110 8.39 27.55 -1.37
CA MET D 110 7.11 27.52 -0.68
C MET D 110 7.30 27.74 0.82
N MET D 111 8.38 27.22 1.38
CA MET D 111 8.70 27.46 2.78
C MET D 111 8.97 28.94 3.01
N ASP D 112 9.84 29.50 2.17
CA ASP D 112 10.17 30.91 2.23
C ASP D 112 8.91 31.77 2.15
N TRP D 113 8.00 31.41 1.25
CA TRP D 113 6.73 32.13 1.11
C TRP D 113 5.95 32.10 2.42
N SER D 114 5.90 30.93 3.03
CA SER D 114 5.22 30.76 4.32
C SER D 114 5.78 31.72 5.37
N VAL D 115 7.10 31.78 5.47
CA VAL D 115 7.75 32.67 6.43
C VAL D 115 7.20 34.09 6.29
N GLY D 116 6.96 34.51 5.07
CA GLY D 116 6.43 35.83 4.82
C GLY D 116 4.98 35.98 5.26
N LYS D 117 4.16 34.99 4.92
CA LYS D 117 2.70 35.11 5.04
C LYS D 117 2.08 34.57 6.33
N VAL D 118 2.73 33.60 6.95
CA VAL D 118 2.12 32.81 8.03
C VAL D 118 2.60 33.27 9.41
N PRO D 119 1.69 33.32 10.39
CA PRO D 119 2.10 33.69 11.75
C PRO D 119 3.19 32.76 12.25
N GLU D 120 4.18 33.32 12.92
CA GLU D 120 5.33 32.55 13.41
C GLU D 120 4.89 31.27 14.10
N GLU D 121 3.87 31.39 14.96
CA GLU D 121 3.37 30.26 15.72
C GLU D 121 2.76 29.15 14.84
N ALA D 122 2.51 29.45 13.57
CA ALA D 122 1.90 28.47 12.66
C ALA D 122 2.90 27.90 11.65
N LEU D 123 4.13 28.41 11.65
CA LEU D 123 5.14 27.96 10.69
C LEU D 123 5.38 26.46 10.75
N PHE D 124 5.24 25.90 11.94
N PHE D 124 5.24 25.88 11.94
CA PHE D 124 5.39 24.47 12.18
CA PHE D 124 5.43 24.45 12.13
C PHE D 124 4.57 23.63 11.20
C PHE D 124 4.61 23.66 11.12
N SER D 125 3.50 24.22 10.68
CA SER D 125 2.57 23.50 9.82
C SER D 125 2.93 23.64 8.35
N ARG D 126 3.98 24.39 8.05
CA ARG D 126 4.35 24.70 6.67
C ARG D 126 5.60 23.96 6.25
N LEU D 127 5.91 22.88 6.95
CA LEU D 127 7.18 22.16 6.75
C LEU D 127 7.15 21.06 5.68
N LEU D 128 5.97 20.71 5.19
CA LEU D 128 5.87 19.62 4.22
C LEU D 128 5.14 20.09 2.96
N PRO D 129 5.77 21.00 2.20
CA PRO D 129 5.20 21.51 0.96
C PRO D 129 4.86 20.37 0.02
N VAL D 130 3.78 20.52 -0.72
CA VAL D 130 3.35 19.53 -1.67
C VAL D 130 3.79 19.98 -3.06
N VAL D 131 4.75 19.26 -3.63
CA VAL D 131 5.32 19.64 -4.93
C VAL D 131 5.41 18.41 -5.81
N ALA D 132 4.88 18.52 -7.03
CA ALA D 132 4.85 17.41 -7.96
C ALA D 132 5.43 17.83 -9.30
N GLU D 133 5.90 16.86 -10.07
CA GLU D 133 6.64 17.20 -11.29
C GLU D 133 6.28 16.32 -12.47
N THR D 134 6.47 16.88 -13.67
CA THR D 134 6.62 16.08 -14.88
C THR D 134 7.84 16.64 -15.57
N LEU D 135 8.36 15.91 -16.55
CA LEU D 135 9.68 16.25 -17.08
C LEU D 135 9.60 16.93 -18.44
N ASP D 136 10.02 18.19 -18.49
CA ASP D 136 9.99 18.97 -19.73
C ASP D 136 11.33 18.90 -20.47
N ASN D 137 11.87 17.70 -20.61
CA ASN D 137 13.26 17.55 -21.08
C ASN D 137 13.51 17.77 -22.58
N ARG D 138 12.46 17.71 -23.38
CA ARG D 138 12.65 17.90 -24.81
C ARG D 138 12.58 19.38 -25.19
N LEU D 139 11.81 20.15 -24.44
CA LEU D 139 11.64 21.56 -24.77
C LEU D 139 12.39 22.50 -23.82
N ASN D 140 12.88 21.98 -22.70
CA ASN D 140 13.41 22.82 -21.64
C ASN D 140 14.78 22.40 -21.15
N ASP D 141 15.59 23.39 -20.75
CA ASP D 141 16.85 23.18 -20.04
C ASP D 141 16.55 22.78 -18.60
N VAL D 142 16.28 21.50 -18.39
CA VAL D 142 15.78 21.01 -17.10
C VAL D 142 16.68 21.38 -15.92
N PHE D 143 17.99 21.18 -16.08
CA PHE D 143 18.94 21.37 -14.97
C PHE D 143 19.46 22.80 -14.87
N GLY D 144 18.97 23.66 -15.75
CA GLY D 144 19.60 24.96 -15.93
C GLY D 144 19.08 26.12 -15.11
N HIS D 145 18.32 25.83 -14.05
CA HIS D 145 17.86 26.85 -13.09
C HIS D 145 17.03 27.95 -13.76
N GLY D 146 16.13 27.55 -14.65
CA GLY D 146 15.30 28.50 -15.35
C GLY D 146 14.24 29.09 -14.43
N LEU D 147 13.83 28.32 -13.43
CA LEU D 147 12.79 28.78 -12.52
C LEU D 147 13.41 29.44 -11.29
N THR D 148 12.88 30.60 -10.92
CA THR D 148 13.40 31.32 -9.77
C THR D 148 12.39 31.37 -8.65
N ARG D 149 12.86 31.71 -7.47
CA ARG D 149 11.97 31.86 -6.34
C ARG D 149 10.88 32.88 -6.64
N ASP D 150 11.24 33.95 -7.34
CA ASP D 150 10.27 34.99 -7.68
C ASP D 150 9.16 34.42 -8.56
N HIS D 151 9.51 33.50 -9.45
CA HIS D 151 8.50 32.86 -10.27
C HIS D 151 7.48 32.14 -9.40
N VAL D 152 8.01 31.43 -8.40
CA VAL D 152 7.15 30.66 -7.51
C VAL D 152 6.26 31.60 -6.71
N PHE D 153 6.86 32.63 -6.10
CA PHE D 153 6.08 33.60 -5.35
C PHE D 153 4.96 34.19 -6.18
N ALA D 154 5.23 34.47 -7.45
CA ALA D 154 4.25 35.12 -8.29
C ALA D 154 3.04 34.21 -8.53
N ALA D 155 3.30 32.92 -8.64
CA ALA D 155 2.22 31.96 -8.85
C ALA D 155 1.42 31.82 -7.58
N LEU D 156 2.13 31.79 -6.46
CA LEU D 156 1.50 31.67 -5.16
C LEU D 156 0.61 32.87 -4.87
N ASP D 157 1.15 34.06 -5.12
CA ASP D 157 0.46 35.31 -4.83
C ASP D 157 -0.60 35.64 -5.87
N GLY D 158 -0.38 35.20 -7.11
CA GLY D 158 -1.23 35.58 -8.22
C GLY D 158 -2.42 34.66 -8.41
N ALA D 159 -2.39 33.51 -7.74
CA ALA D 159 -3.44 32.52 -7.88
C ALA D 159 -4.82 33.11 -7.59
N LYS D 160 -5.83 32.65 -8.33
CA LYS D 160 -7.18 33.17 -8.14
C LYS D 160 -8.23 32.15 -8.57
N GLY D 161 -9.48 32.45 -8.23
CA GLY D 161 -10.60 31.64 -8.70
C GLY D 161 -10.93 32.06 -10.11
N GLY D 162 -12.11 31.66 -10.58
CA GLY D 162 -12.53 31.99 -11.92
C GLY D 162 -11.87 31.08 -12.94
N PRO D 163 -11.99 31.43 -14.23
CA PRO D 163 -11.45 30.65 -15.35
C PRO D 163 -9.97 30.35 -15.17
N VAL D 164 -9.59 29.13 -15.52
CA VAL D 164 -8.23 28.65 -15.37
C VAL D 164 -7.59 28.58 -16.74
N ALA D 165 -6.47 29.27 -16.91
CA ALA D 165 -5.73 29.20 -18.15
C ALA D 165 -5.25 27.76 -18.37
N GLU D 166 -5.34 27.28 -19.60
CA GLU D 166 -4.92 25.92 -19.93
C GLU D 166 -3.85 25.99 -21.00
N GLY D 167 -3.27 24.83 -21.33
CA GLY D 167 -2.28 24.76 -22.38
C GLY D 167 -0.84 24.93 -21.91
N ASN D 168 -0.07 25.72 -22.65
CA ASN D 168 1.36 25.87 -22.37
C ASN D 168 1.61 26.91 -21.28
N VAL D 169 1.16 26.60 -20.07
CA VAL D 169 1.25 27.56 -18.98
C VAL D 169 1.75 26.88 -17.71
N GLY D 170 2.30 27.66 -16.80
CA GLY D 170 2.76 27.12 -15.52
C GLY D 170 3.56 25.85 -15.67
N GLY D 171 3.26 24.85 -14.84
CA GLY D 171 4.02 23.60 -14.87
C GLY D 171 3.92 22.90 -16.22
N GLY D 172 2.90 23.21 -17.00
CA GLY D 172 2.67 22.51 -18.25
C GLY D 172 3.46 23.06 -19.41
N THR D 173 4.12 24.18 -19.18
CA THR D 173 4.70 24.97 -20.28
C THR D 173 5.49 24.11 -21.27
N GLY D 174 6.41 23.30 -20.76
CA GLY D 174 7.31 22.56 -21.65
C GLY D 174 6.95 21.10 -21.88
N MET D 175 5.70 20.72 -21.62
CA MET D 175 5.33 19.32 -21.65
C MET D 175 4.81 18.82 -23.00
N ILE D 176 4.81 17.50 -23.17
CA ILE D 176 4.41 16.84 -24.40
C ILE D 176 3.49 15.70 -24.02
N ALA D 177 2.32 15.66 -24.63
CA ALA D 177 1.36 14.59 -24.34
C ALA D 177 0.87 13.97 -25.63
N TYR D 178 0.86 12.65 -25.68
CA TYR D 178 0.42 11.90 -26.87
C TYR D 178 1.13 12.38 -28.13
N THR D 179 2.41 12.73 -27.99
CA THR D 179 3.24 13.17 -29.11
C THR D 179 2.76 14.49 -29.71
N PHE D 180 1.79 15.11 -29.05
CA PHE D 180 1.41 16.48 -29.36
C PHE D 180 1.85 17.35 -28.19
N LYS D 181 1.54 18.65 -28.26
CA LYS D 181 1.97 19.54 -27.19
C LYS D 181 1.23 19.20 -25.89
N GLY D 182 1.98 19.02 -24.81
CA GLY D 182 1.40 18.73 -23.50
C GLY D 182 1.12 20.03 -22.74
N GLY D 183 0.71 19.93 -21.48
CA GLY D 183 0.41 21.13 -20.73
C GLY D 183 -0.65 20.93 -19.66
N ILE D 184 -1.38 21.99 -19.37
CA ILE D 184 -2.39 22.01 -18.32
C ILE D 184 -3.77 21.89 -18.93
N GLY D 185 -4.60 21.03 -18.34
CA GLY D 185 -5.97 20.92 -18.77
C GLY D 185 -6.83 20.89 -17.53
N THR D 186 -8.08 21.33 -17.65
CA THR D 186 -8.97 21.28 -16.50
C THR D 186 -10.41 21.03 -16.94
N SER D 187 -11.19 20.44 -16.04
CA SER D 187 -12.61 20.20 -16.30
C SER D 187 -13.30 20.01 -14.95
N SER D 188 -14.63 20.00 -14.95
CA SER D 188 -15.35 19.70 -13.73
C SER D 188 -16.65 19.02 -14.09
N ARG D 189 -17.26 18.43 -13.09
CA ARG D 189 -18.60 17.86 -13.22
C ARG D 189 -19.38 18.21 -11.97
N VAL D 190 -20.63 18.61 -12.16
CA VAL D 190 -21.55 18.76 -11.05
C VAL D 190 -22.34 17.47 -11.01
N VAL D 191 -22.27 16.75 -9.90
CA VAL D 191 -22.88 15.42 -9.87
C VAL D 191 -24.07 15.42 -8.93
N SER D 192 -25.02 14.53 -9.19
CA SER D 192 -26.25 14.47 -8.41
C SER D 192 -26.30 13.21 -7.60
N ALA D 193 -26.55 13.36 -6.31
CA ALA D 193 -26.84 12.23 -5.44
C ALA D 193 -28.05 12.61 -4.61
N GLY D 194 -29.22 12.15 -5.05
CA GLY D 194 -30.46 12.58 -4.42
C GLY D 194 -30.70 14.04 -4.74
N ASP D 195 -31.13 14.81 -3.76
CA ASP D 195 -31.30 16.25 -3.93
C ASP D 195 -29.96 16.97 -3.71
N THR D 196 -28.93 16.20 -3.38
CA THR D 196 -27.63 16.80 -3.12
C THR D 196 -26.80 16.91 -4.40
N ARG D 197 -26.16 18.06 -4.59
CA ARG D 197 -25.26 18.27 -5.70
C ARG D 197 -23.85 18.48 -5.13
N TYR D 198 -22.86 17.86 -5.76
CA TYR D 198 -21.48 18.15 -5.44
C TYR D 198 -20.73 18.45 -6.73
N THR D 199 -19.61 19.15 -6.60
CA THR D 199 -18.74 19.45 -7.73
C THR D 199 -17.46 18.65 -7.60
N VAL D 200 -17.03 18.07 -8.72
CA VAL D 200 -15.73 17.43 -8.84
C VAL D 200 -14.96 18.20 -9.89
N GLY D 201 -13.83 18.76 -9.48
CA GLY D 201 -13.01 19.52 -10.41
C GLY D 201 -11.69 18.80 -10.59
N VAL D 202 -11.16 18.83 -11.79
CA VAL D 202 -9.92 18.12 -12.07
C VAL D 202 -9.02 19.06 -12.83
N LEU D 203 -7.76 19.10 -12.42
CA LEU D 203 -6.74 19.77 -13.23
C LEU D 203 -5.64 18.75 -13.51
N VAL D 204 -5.11 18.77 -14.72
CA VAL D 204 -4.05 17.85 -15.05
C VAL D 204 -2.85 18.59 -15.60
N GLN D 205 -1.67 18.11 -15.27
CA GLN D 205 -0.45 18.50 -15.95
C GLN D 205 -0.04 17.27 -16.76
N ALA D 206 -0.23 17.34 -18.07
CA ALA D 206 -0.09 16.16 -18.93
C ALA D 206 1.21 16.15 -19.71
N ASN D 207 1.95 15.05 -19.60
CA ASN D 207 3.24 14.91 -20.26
C ASN D 207 3.41 13.45 -20.60
N HIS D 208 2.29 12.81 -20.95
CA HIS D 208 2.25 11.35 -21.05
C HIS D 208 1.66 10.90 -22.37
N GLY D 209 1.80 9.59 -22.62
CA GLY D 209 1.04 8.94 -23.66
C GLY D 209 1.69 9.04 -25.03
N ASP D 210 1.21 8.27 -25.97
CA ASP D 210 1.69 8.26 -27.35
C ASP D 210 0.58 8.52 -28.33
N ARG D 211 0.87 9.15 -29.39
CA ARG D 211 -0.15 9.47 -30.38
C ARG D 211 -0.89 8.24 -30.88
N ASN D 212 -0.20 7.12 -30.96
CA ASN D 212 -0.81 5.94 -31.56
C ASN D 212 -1.83 5.28 -30.65
N ASP D 213 -1.84 5.68 -29.39
CA ASP D 213 -2.76 5.13 -28.42
C ASP D 213 -3.91 6.09 -28.12
N LEU D 214 -3.71 7.35 -28.44
CA LEU D 214 -4.66 8.39 -28.06
C LEU D 214 -6.05 8.10 -28.56
N ARG D 215 -7.01 8.12 -27.64
CA ARG D 215 -8.41 8.07 -28.01
C ARG D 215 -9.08 9.35 -27.51
N ILE D 216 -9.81 10.01 -28.39
CA ILE D 216 -10.65 11.13 -27.97
C ILE D 216 -12.09 10.75 -28.26
N ALA D 217 -12.91 10.76 -27.21
CA ALA D 217 -14.30 10.32 -27.34
C ALA D 217 -14.35 8.92 -27.94
N GLY D 218 -13.38 8.10 -27.57
CA GLY D 218 -13.35 6.72 -28.01
C GLY D 218 -12.78 6.52 -29.41
N VAL D 219 -12.46 7.62 -30.08
CA VAL D 219 -11.93 7.54 -31.44
C VAL D 219 -10.41 7.46 -31.40
N GLN D 220 -9.84 6.42 -32.01
CA GLN D 220 -8.39 6.30 -32.04
C GLN D 220 -7.88 7.24 -33.11
N ILE D 221 -7.38 8.39 -32.69
CA ILE D 221 -7.33 9.53 -33.58
C ILE D 221 -5.94 9.83 -34.17
N GLY D 222 -4.92 9.18 -33.64
CA GLY D 222 -3.56 9.47 -34.06
C GLY D 222 -3.34 9.19 -35.54
N LYS D 223 -3.96 8.13 -36.03
CA LYS D 223 -3.81 7.74 -37.44
C LYS D 223 -4.72 8.57 -38.36
N GLU D 224 -5.73 9.21 -37.78
CA GLU D 224 -6.65 10.03 -38.55
C GLU D 224 -6.07 11.42 -38.79
N ILE D 225 -5.24 11.88 -37.86
CA ILE D 225 -4.60 13.17 -37.99
C ILE D 225 -3.41 13.03 -38.92
N LYS D 226 -3.29 13.96 -39.87
CA LYS D 226 -2.21 13.93 -40.84
C LYS D 226 -1.12 14.92 -40.45
N GLY D 227 0.13 14.47 -40.51
CA GLY D 227 1.25 15.31 -40.15
C GLY D 227 1.27 15.65 -38.67
N ALA D 228 1.79 16.84 -38.35
CA ALA D 228 1.89 17.33 -36.98
C ALA D 228 2.77 16.45 -36.10
N TRP D 229 3.71 15.74 -36.72
CA TRP D 229 4.70 14.99 -35.96
C TRP D 229 5.73 15.95 -35.40
N PRO D 230 6.35 15.56 -34.26
CA PRO D 230 7.39 16.41 -33.67
C PRO D 230 8.55 16.56 -34.63
N GLU D 231 9.21 17.70 -34.57
CA GLU D 231 10.33 18.00 -35.45
C GLU D 231 11.54 18.38 -34.61
N VAL D 232 12.72 18.20 -35.19
CA VAL D 232 13.95 18.75 -34.63
C VAL D 232 14.69 19.44 -35.76
N ASN D 233 15.06 20.66 -35.58
CA ASN D 233 15.64 21.47 -36.63
C ASN D 233 14.89 21.37 -37.96
N GLY D 234 13.69 21.59 -37.94
CA GLY D 234 12.96 21.74 -39.18
C GLY D 234 12.66 20.45 -39.94
N ILE D 235 13.02 19.29 -39.38
CA ILE D 235 12.59 18.03 -39.96
C ILE D 235 11.90 17.13 -38.94
N VAL D 236 10.99 16.31 -39.41
CA VAL D 236 10.29 15.37 -38.56
C VAL D 236 11.28 14.43 -37.89
N ALA D 237 11.14 14.29 -36.58
CA ALA D 237 11.98 13.39 -35.80
C ALA D 237 11.67 11.96 -36.22
N ALA D 238 12.67 11.28 -36.78
CA ALA D 238 12.45 9.96 -37.33
C ALA D 238 13.73 9.13 -37.25
N GLY D 239 13.61 7.82 -37.45
CA GLY D 239 14.75 6.95 -37.35
C GLY D 239 14.63 6.10 -36.12
N PRO D 240 15.55 5.13 -35.96
CA PRO D 240 15.42 4.11 -34.91
C PRO D 240 15.48 4.72 -33.50
N ASP D 241 16.09 5.89 -33.40
CA ASP D 241 16.18 6.61 -32.13
C ASP D 241 15.12 7.72 -32.06
N ALA D 242 15.24 8.69 -32.95
CA ALA D 242 14.42 9.89 -32.91
C ALA D 242 12.96 9.63 -33.29
N GLY D 243 12.69 8.47 -33.87
CA GLY D 243 11.35 8.16 -34.36
C GLY D 243 10.51 7.33 -33.42
N LYS D 244 11.06 6.94 -32.28
CA LYS D 244 10.30 6.14 -31.31
C LYS D 244 9.60 7.00 -30.29
N PRO D 245 8.56 6.45 -29.64
CA PRO D 245 7.84 7.24 -28.64
C PRO D 245 8.77 7.72 -27.52
N GLN D 246 8.45 8.87 -26.98
CA GLN D 246 9.17 9.44 -25.85
C GLN D 246 9.06 8.50 -24.64
N ASP D 247 10.13 8.35 -23.88
CA ASP D 247 9.93 7.85 -22.50
C ASP D 247 10.22 8.96 -21.50
N LYS D 248 10.22 8.63 -20.22
CA LYS D 248 10.30 9.64 -19.18
C LYS D 248 9.08 10.58 -19.28
N ASN D 249 7.91 9.97 -19.35
CA ASN D 249 6.67 10.70 -19.42
C ASN D 249 6.11 10.89 -18.01
N ALA D 250 5.02 11.64 -17.91
CA ALA D 250 4.36 11.79 -16.62
C ALA D 250 3.01 12.45 -16.77
N LEU D 251 2.16 12.26 -15.77
CA LEU D 251 0.85 12.89 -15.77
C LEU D 251 0.46 13.13 -14.33
N LEU D 252 0.13 14.36 -14.00
CA LEU D 252 -0.30 14.69 -12.65
C LEU D 252 -1.76 15.08 -12.70
N ILE D 253 -2.55 14.47 -11.83
CA ILE D 253 -3.97 14.71 -11.78
C ILE D 253 -4.32 15.19 -10.39
N VAL D 254 -4.95 16.36 -10.32
CA VAL D 254 -5.42 16.91 -9.07
C VAL D 254 -6.93 16.97 -9.10
N ILE D 255 -7.54 16.41 -8.07
CA ILE D 255 -8.98 16.30 -7.98
C ILE D 255 -9.43 17.07 -6.76
N ALA D 256 -10.33 18.02 -6.96
CA ALA D 256 -10.92 18.76 -5.86
C ALA D 256 -12.39 18.42 -5.84
N THR D 257 -12.95 18.31 -4.65
CA THR D 257 -14.39 18.17 -4.54
C THR D 257 -14.89 18.87 -3.30
N ASP D 258 -16.13 19.34 -3.36
CA ASP D 258 -16.75 19.89 -2.17
C ASP D 258 -17.57 18.84 -1.44
N ALA D 259 -17.52 17.60 -1.90
CA ALA D 259 -18.14 16.51 -1.14
C ALA D 259 -17.35 16.31 0.14
N PRO D 260 -18.04 16.16 1.27
CA PRO D 260 -17.41 15.98 2.58
C PRO D 260 -16.91 14.55 2.74
N LEU D 261 -15.80 14.24 2.08
CA LEU D 261 -15.28 12.88 2.10
C LEU D 261 -14.18 12.70 3.13
N MET D 262 -14.11 11.52 3.72
CA MET D 262 -13.01 11.19 4.61
C MET D 262 -11.81 10.80 3.77
N PRO D 263 -10.60 10.85 4.35
CA PRO D 263 -9.40 10.55 3.57
C PRO D 263 -9.44 9.24 2.81
N HIS D 264 -9.89 8.15 3.43
CA HIS D 264 -9.90 6.87 2.70
C HIS D 264 -10.87 6.93 1.52
N GLN D 265 -11.91 7.75 1.62
CA GLN D 265 -12.84 7.91 0.51
C GLN D 265 -12.22 8.72 -0.60
N LEU D 266 -11.36 9.67 -0.23
CA LEU D 266 -10.64 10.46 -1.23
C LEU D 266 -9.59 9.62 -1.95
N GLU D 267 -9.00 8.65 -1.25
CA GLU D 267 -8.14 7.71 -1.96
C GLU D 267 -8.92 7.01 -3.06
N ARG D 268 -10.18 6.66 -2.77
CA ARG D 268 -10.98 5.96 -3.77
C ARG D 268 -11.23 6.87 -4.97
N MET D 269 -11.53 8.14 -4.67
CA MET D 269 -11.70 9.14 -5.72
C MET D 269 -10.48 9.18 -6.61
N ALA D 270 -9.31 9.22 -5.98
CA ALA D 270 -8.06 9.33 -6.70
C ALA D 270 -7.81 8.10 -7.56
N ARG D 271 -8.19 6.93 -7.05
CA ARG D 271 -8.03 5.71 -7.82
C ARG D 271 -8.92 5.67 -9.06
N ARG D 272 -9.96 6.51 -9.08
CA ARG D 272 -10.82 6.55 -10.27
C ARG D 272 -10.15 7.26 -11.43
N ALA D 273 -9.14 8.08 -11.14
CA ALA D 273 -8.50 8.84 -12.21
C ALA D 273 -7.95 7.91 -13.28
N ALA D 274 -7.38 6.78 -12.87
CA ALA D 274 -6.82 5.81 -13.81
C ALA D 274 -7.80 5.40 -14.90
N LEU D 275 -9.08 5.24 -14.54
CA LEU D 275 -10.09 4.81 -15.49
C LEU D 275 -10.31 5.89 -16.54
N GLY D 276 -10.29 7.15 -16.11
CA GLY D 276 -10.41 8.26 -17.06
C GLY D 276 -9.23 8.29 -18.00
N VAL D 277 -8.03 8.08 -17.46
CA VAL D 277 -6.82 8.00 -18.26
C VAL D 277 -6.93 6.84 -19.25
N GLY D 278 -7.37 5.70 -18.76
CA GLY D 278 -7.60 4.52 -19.59
C GLY D 278 -8.53 4.76 -20.78
N ARG D 279 -9.61 5.50 -20.56
CA ARG D 279 -10.52 5.85 -21.65
C ARG D 279 -9.78 6.50 -22.80
N ASN D 280 -8.74 7.26 -22.50
CA ASN D 280 -8.04 7.99 -23.55
C ASN D 280 -6.87 7.24 -24.18
N GLY D 281 -6.71 5.97 -23.81
CA GLY D 281 -5.88 5.08 -24.60
C GLY D 281 -4.50 4.74 -24.09
N SER D 282 -3.91 5.56 -23.22
CA SER D 282 -2.53 5.30 -22.82
C SER D 282 -2.42 4.07 -21.91
N THR D 283 -1.22 3.54 -21.77
CA THR D 283 -1.02 2.29 -21.06
C THR D 283 0.01 2.39 -19.94
N ALA D 284 0.32 3.62 -19.53
CA ALA D 284 1.25 3.88 -18.43
C ALA D 284 2.64 3.28 -18.66
N GLY D 285 3.48 3.98 -19.42
CA GLY D 285 4.83 3.52 -19.67
C GLY D 285 5.61 3.23 -18.40
N ALA D 286 6.68 2.46 -18.54
CA ALA D 286 7.50 2.06 -17.40
C ALA D 286 8.10 3.26 -16.69
N LEU D 287 8.43 4.30 -17.44
CA LEU D 287 9.00 5.50 -16.83
C LEU D 287 8.03 6.67 -16.85
N SER D 288 6.73 6.36 -16.91
CA SER D 288 5.73 7.42 -16.91
C SER D 288 5.23 7.60 -15.50
N GLY D 289 5.58 8.72 -14.87
CA GLY D 289 5.17 9.00 -13.50
C GLY D 289 3.76 9.56 -13.48
N GLU D 290 2.79 8.71 -13.16
CA GLU D 290 1.38 9.06 -13.27
C GLU D 290 0.73 8.92 -11.90
N PHE D 291 0.20 10.04 -11.41
CA PHE D 291 -0.18 10.20 -10.00
C PHE D 291 -1.49 10.97 -9.91
N ALA D 292 -2.31 10.69 -8.90
CA ALA D 292 -3.52 11.47 -8.69
C ALA D 292 -3.62 11.82 -7.22
N LEU D 293 -4.02 13.07 -6.96
CA LEU D 293 -4.27 13.52 -5.59
C LEU D 293 -5.66 14.11 -5.52
N ALA D 294 -6.44 13.71 -4.52
CA ALA D 294 -7.82 14.19 -4.38
C ALA D 294 -7.98 14.83 -3.03
N PHE D 295 -8.65 15.98 -2.97
CA PHE D 295 -8.91 16.59 -1.68
C PHE D 295 -10.33 17.12 -1.59
N SER D 296 -10.82 17.26 -0.37
CA SER D 296 -12.13 17.81 -0.13
C SER D 296 -12.01 19.23 0.39
N THR D 297 -12.86 20.13 -0.09
CA THR D 297 -12.87 21.52 0.39
C THR D 297 -13.91 21.74 1.48
N SER D 298 -14.72 20.72 1.75
CA SER D 298 -15.72 20.85 2.81
C SER D 298 -15.29 20.13 4.06
N HIS D 299 -14.53 19.06 3.90
CA HIS D 299 -13.94 18.39 5.04
C HIS D 299 -12.57 19.00 5.27
N VAL D 300 -12.51 20.03 6.11
CA VAL D 300 -11.27 20.75 6.32
C VAL D 300 -10.88 20.67 7.78
N ILE D 301 -9.58 20.82 8.04
CA ILE D 301 -9.08 20.64 9.38
C ILE D 301 -8.35 21.90 9.79
N PRO D 302 -9.05 22.75 10.56
CA PRO D 302 -8.38 23.96 11.03
C PRO D 302 -7.14 23.57 11.77
N LEU D 303 -6.09 24.37 11.61
CA LEU D 303 -4.81 24.12 12.22
C LEU D 303 -4.94 24.01 13.74
N GLY D 304 -4.69 22.81 14.26
CA GLY D 304 -4.78 22.57 15.68
C GLY D 304 -6.19 22.51 16.25
N GLY D 305 -7.19 22.46 15.36
CA GLY D 305 -8.56 22.44 15.80
C GLY D 305 -9.26 21.11 15.52
N LYS D 306 -10.58 21.09 15.62
CA LYS D 306 -11.32 19.86 15.34
C LYS D 306 -11.66 19.79 13.85
N PRO D 307 -11.48 18.61 13.24
CA PRO D 307 -11.86 18.50 11.83
C PRO D 307 -13.32 18.91 11.64
N ARG D 308 -13.60 19.60 10.56
CA ARG D 308 -14.95 19.99 10.23
C ARG D 308 -15.47 19.06 9.14
N LEU D 309 -16.45 18.24 9.48
CA LEU D 309 -17.06 17.32 8.53
C LEU D 309 -18.54 17.61 8.53
N PRO D 310 -18.99 18.48 7.61
CA PRO D 310 -20.35 19.03 7.70
C PRO D 310 -21.44 18.01 7.42
N ALA D 311 -21.09 16.97 6.70
CA ALA D 311 -21.99 15.86 6.48
C ALA D 311 -21.09 14.64 6.32
N ILE D 312 -21.69 13.45 6.34
CA ILE D 312 -20.89 12.24 6.27
C ILE D 312 -21.49 11.27 5.26
N ILE D 313 -20.63 10.62 4.49
CA ILE D 313 -21.10 9.76 3.42
C ILE D 313 -20.67 8.32 3.70
N ASN D 314 -21.61 7.40 3.53
CA ASN D 314 -21.32 5.98 3.66
C ASN D 314 -20.60 5.49 2.41
N ASP D 315 -19.46 4.82 2.58
CA ASP D 315 -18.78 4.27 1.42
C ASP D 315 -19.63 3.29 0.62
N THR D 316 -20.65 2.73 1.26
CA THR D 316 -21.51 1.76 0.60
C THR D 316 -22.75 2.41 -0.03
N ASP D 317 -22.82 3.73 0.07
CA ASP D 317 -23.90 4.50 -0.55
C ASP D 317 -23.55 4.67 -2.03
N SER D 318 -23.93 3.69 -2.84
CA SER D 318 -23.56 3.69 -4.25
CA SER D 318 -23.58 3.67 -4.25
C SER D 318 -24.11 4.90 -4.97
N GLU D 319 -25.33 5.31 -4.61
CA GLU D 319 -25.91 6.46 -5.27
C GLU D 319 -24.96 7.65 -5.17
N THR D 320 -24.47 7.94 -3.97
CA THR D 320 -23.61 9.10 -3.78
C THR D 320 -22.20 8.87 -4.32
N MET D 321 -21.57 7.77 -3.91
CA MET D 321 -20.18 7.51 -4.28
C MET D 321 -20.04 7.31 -5.79
N ASN D 322 -20.98 6.59 -6.40
CA ASN D 322 -20.88 6.32 -7.84
C ASN D 322 -21.01 7.60 -8.63
N ALA D 323 -21.84 8.51 -8.16
CA ALA D 323 -21.98 9.80 -8.84
C ALA D 323 -20.65 10.55 -8.78
N LEU D 324 -20.00 10.50 -7.62
CA LEU D 324 -18.71 11.17 -7.42
C LEU D 324 -17.60 10.52 -8.25
N PHE D 325 -17.55 9.19 -8.22
CA PHE D 325 -16.58 8.42 -9.00
C PHE D 325 -16.71 8.70 -10.49
N ARG D 326 -17.94 8.62 -10.99
CA ARG D 326 -18.21 8.89 -12.40
C ARG D 326 -17.77 10.32 -12.73
N GLY D 327 -18.02 11.23 -11.80
CA GLY D 327 -17.54 12.60 -11.91
C GLY D 327 -16.02 12.69 -12.09
N VAL D 328 -15.27 11.95 -11.28
CA VAL D 328 -13.81 11.94 -11.44
C VAL D 328 -13.40 11.39 -12.82
N VAL D 329 -14.01 10.28 -13.22
CA VAL D 329 -13.63 9.65 -14.49
C VAL D 329 -13.91 10.59 -15.66
N GLN D 330 -15.10 11.18 -15.69
CA GLN D 330 -15.48 12.07 -16.77
C GLN D 330 -14.65 13.33 -16.79
N ALA D 331 -14.47 13.95 -15.63
CA ALA D 331 -13.69 15.18 -15.56
C ALA D 331 -12.23 14.95 -15.92
N THR D 332 -11.65 13.83 -15.51
CA THR D 332 -10.29 13.48 -15.89
C THR D 332 -10.19 13.30 -17.40
N GLU D 333 -11.11 12.52 -17.95
CA GLU D 333 -11.14 12.29 -19.39
C GLU D 333 -11.19 13.64 -20.12
N GLU D 334 -12.09 14.51 -19.70
CA GLU D 334 -12.25 15.78 -20.39
C GLU D 334 -11.06 16.72 -20.17
N ALA D 335 -10.51 16.75 -18.95
CA ALA D 335 -9.36 17.60 -18.69
C ALA D 335 -8.19 17.26 -19.62
N LEU D 336 -8.01 15.97 -19.89
CA LEU D 336 -6.91 15.52 -20.74
C LEU D 336 -7.09 16.02 -22.16
N VAL D 337 -8.32 15.96 -22.67
CA VAL D 337 -8.59 16.44 -24.02
C VAL D 337 -8.55 17.97 -24.06
N ASN D 338 -9.11 18.61 -23.03
CA ASN D 338 -9.03 20.07 -22.93
C ASN D 338 -7.58 20.54 -22.92
N GLN D 339 -6.70 19.79 -22.28
CA GLN D 339 -5.29 20.13 -22.31
C GLN D 339 -4.76 20.17 -23.74
N LEU D 340 -5.00 19.10 -24.49
CA LEU D 340 -4.47 18.99 -25.85
C LEU D 340 -4.96 20.16 -26.71
N VAL D 341 -6.24 20.48 -26.57
CA VAL D 341 -6.85 21.53 -27.37
C VAL D 341 -6.29 22.90 -26.99
N ALA D 342 -5.96 23.08 -25.71
CA ALA D 342 -5.47 24.37 -25.23
C ALA D 342 -4.01 24.62 -25.57
N SER D 343 -3.23 23.55 -25.75
CA SER D 343 -1.79 23.69 -25.96
C SER D 343 -1.46 23.95 -27.41
N GLU D 344 -0.69 25.01 -27.65
CA GLU D 344 -0.34 25.35 -29.01
C GLU D 344 1.03 24.85 -29.38
N THR D 345 1.29 24.82 -30.67
CA THR D 345 2.57 24.40 -31.18
C THR D 345 3.67 25.23 -30.54
N MET D 346 4.73 24.56 -30.12
CA MET D 346 5.84 25.25 -29.49
C MET D 346 7.17 24.74 -30.01
N THR D 347 8.11 25.65 -30.22
CA THR D 347 9.49 25.26 -30.49
C THR D 347 10.30 25.61 -29.26
N GLY D 348 11.13 24.69 -28.80
CA GLY D 348 11.93 24.93 -27.60
C GLY D 348 13.40 24.61 -27.74
N ALA D 349 13.98 24.09 -26.66
CA ALA D 349 15.38 23.75 -26.60
C ALA D 349 15.82 22.85 -27.75
N ASN D 350 17.02 23.08 -28.26
CA ASN D 350 17.56 22.32 -29.39
C ASN D 350 16.66 22.32 -30.62
N ASN D 351 15.87 23.37 -30.76
CA ASN D 351 14.95 23.50 -31.89
C ASN D 351 13.97 22.34 -32.03
N ALA D 352 13.67 21.71 -30.90
CA ALA D 352 12.59 20.73 -30.83
C ALA D 352 11.27 21.44 -31.00
N LYS D 353 10.45 20.95 -31.94
CA LYS D 353 9.14 21.53 -32.18
C LYS D 353 8.08 20.47 -31.94
N VAL D 354 7.05 20.83 -31.19
CA VAL D 354 5.96 19.90 -30.91
C VAL D 354 4.67 20.61 -31.24
N TYR D 355 3.80 19.95 -32.00
CA TYR D 355 2.58 20.58 -32.48
C TYR D 355 1.43 20.42 -31.51
N GLY D 356 0.62 21.46 -31.39
CA GLY D 356 -0.67 21.32 -30.75
C GLY D 356 -1.53 20.45 -31.64
N ILE D 357 -2.34 19.58 -31.04
CA ILE D 357 -3.20 18.75 -31.85
C ILE D 357 -4.02 19.67 -32.75
N PRO D 358 -3.99 19.41 -34.07
CA PRO D 358 -4.61 20.35 -35.02
C PRO D 358 -6.12 20.51 -34.82
N HIS D 359 -6.56 21.74 -34.58
CA HIS D 359 -7.97 21.99 -34.32
C HIS D 359 -8.83 21.69 -35.54
N ASP D 360 -8.42 22.15 -36.70
CA ASP D 360 -9.21 21.92 -37.91
C ASP D 360 -9.43 20.42 -38.13
N GLN D 361 -8.36 19.64 -38.03
CA GLN D 361 -8.47 18.20 -38.21
C GLN D 361 -9.30 17.52 -37.14
N LEU D 362 -9.08 17.89 -35.87
CA LEU D 362 -9.86 17.32 -34.79
C LEU D 362 -11.35 17.57 -35.01
N ALA D 363 -11.70 18.82 -35.31
CA ALA D 363 -13.09 19.19 -35.49
C ALA D 363 -13.70 18.41 -36.65
N ARG D 364 -12.94 18.26 -37.73
CA ARG D 364 -13.44 17.52 -38.88
C ARG D 364 -13.69 16.07 -38.49
N ILE D 365 -12.73 15.46 -37.80
CA ILE D 365 -12.88 14.09 -37.36
C ILE D 365 -14.09 13.93 -36.43
N MET D 366 -14.26 14.86 -35.50
CA MET D 366 -15.38 14.78 -34.57
C MET D 366 -16.71 14.96 -35.30
N LYS D 367 -16.73 15.86 -36.28
CA LYS D 367 -17.97 16.10 -37.01
C LYS D 367 -18.37 14.86 -37.80
N ALA D 368 -17.38 14.15 -38.34
CA ALA D 368 -17.64 12.92 -39.09
C ALA D 368 -18.15 11.81 -38.19
N ARG D 369 -17.54 11.67 -37.01
CA ARG D 369 -17.88 10.60 -36.08
CA ARG D 369 -17.87 10.60 -36.08
C ARG D 369 -19.18 10.87 -35.34
N PHE D 370 -19.43 12.13 -35.02
CA PHE D 370 -20.63 12.50 -34.27
C PHE D 370 -21.46 13.56 -34.99
N PRO D 371 -22.10 13.17 -36.11
CA PRO D 371 -22.94 14.05 -36.93
C PRO D 371 -24.20 14.48 -36.19
#